data_5CX6
#
_entry.id   5CX6
#
_cell.length_a   133.700
_cell.length_b   149.600
_cell.length_c   100.110
_cell.angle_alpha   90.00
_cell.angle_beta   90.00
_cell.angle_gamma   90.00
#
_symmetry.space_group_name_H-M   'P 21 21 2'
#
loop_
_entity.id
_entity.type
_entity.pdbx_description
1 polymer 'RNA-dependent RNA polymerase'
2 non-polymer 'SULFATE ION'
3 non-polymer GLYCEROL
4 non-polymer 'MAGNESIUM ION'
5 non-polymer "CYTIDINE-5'-DIPHOSPHATE"
6 water water
#
_entity_poly.entity_id   1
_entity_poly.type   'polypeptide(L)'
_entity_poly.pdbx_seq_one_letter_code
;MSYYHHHHHHDYDIPTTENLYFQGAMGAMGIMEASNPVIAPTRLSLEAMLAERAMVARQDLAGLKRKLAGADRVLAPQSP
EQCGRESAQAQARSVTSELKSAVKEAQGLEHQTLDFLEQLGEYPVCGILHGDHPVHPSGTHNNNGKVSVKRQFAAGVNTS
DALTCAFRFEDSDLVRETALKTTYTDGTWAGFVQRLKMQTTRKCVQEKVSRKLLKQLFPYDPQKLVDVSGELSELVLGIK
TNAIASAGPPYWRTKRDALPDMLDCVLPLLYDHIVRKDLTTLRNKHPELFLAECKNKTDRYEVESLGEKTRPYFSHPFHL
SALVSVLSQSFSGALKIMTEDSTSFNAYGFSWTNGGAEDLAIWARQAGEAGKKPPRIACYGDDTDIYYRKDGKLYRICPD
FKQMDGSVDATTIEAVVDYVVDAHVKQYPTARQFWEEVGKLWVEMATQSPFLIDGTKVYRKMQKDGLMTGVVGTTLFDTV
KSALAYNDWADQLMFGSLNLLEEKYAIEFFKNKHGLVIKEGTWKPALVNEDPGFGELWTEQKFLGLQLKVVRRENEKVYV
PNLPFEDWLTMWVTPRSKYRSKETETMRERTLFDRARGLLVTGAVFDERARGLMGAVINSTAPEVVCMRVQEGGGRGAPP
AYAFLTRDGVFEFPISDGYPSYDWVVSLYSRDHPCDMPRVFPEAATLIASYRKQVMDTRVVIKEE
;
_entity_poly.pdbx_strand_id   A,B
#
loop_
_chem_comp.id
_chem_comp.type
_chem_comp.name
_chem_comp.formula
CDP non-polymer CYTIDINE-5'-DIPHOSPHATE 'C9 H15 N3 O11 P2'
GOL non-polymer GLYCEROL 'C3 H8 O3'
MG non-polymer 'MAGNESIUM ION' 'Mg 2'
SO4 non-polymer 'SULFATE ION' 'O4 S -2'
#
# COMPACT_ATOMS: atom_id res chain seq x y z
N PRO A 41 24.58 -11.02 -1.05
CA PRO A 41 24.06 -10.34 -2.24
C PRO A 41 22.90 -9.41 -1.88
N THR A 42 23.16 -8.53 -0.91
CA THR A 42 22.16 -7.66 -0.26
C THR A 42 21.16 -6.94 -1.20
N ARG A 43 19.91 -7.38 -1.17
CA ARG A 43 18.79 -6.67 -1.80
C ARG A 43 17.61 -6.57 -0.81
N LEU A 44 17.19 -7.69 -0.22
CA LEU A 44 16.35 -7.60 0.98
C LEU A 44 16.50 -8.78 1.95
N SER A 45 16.12 -8.53 3.20
CA SER A 45 16.22 -9.55 4.24
C SER A 45 15.25 -10.69 3.97
N LEU A 46 15.53 -11.85 4.54
CA LEU A 46 14.68 -13.02 4.33
C LEU A 46 13.32 -12.81 5.01
N GLU A 47 13.33 -12.15 6.17
CA GLU A 47 12.11 -11.74 6.84
C GLU A 47 11.19 -10.95 5.88
N ALA A 48 11.71 -9.90 5.27
CA ALA A 48 10.95 -9.11 4.31
C ALA A 48 10.52 -9.95 3.11
N MET A 49 11.42 -10.80 2.63
CA MET A 49 11.11 -11.66 1.49
C MET A 49 9.93 -12.57 1.82
N LEU A 50 9.94 -13.15 3.01
CA LEU A 50 8.87 -14.02 3.47
C LEU A 50 7.52 -13.27 3.53
N ALA A 51 7.55 -12.04 4.00
CA ALA A 51 6.36 -11.20 4.09
C ALA A 51 5.78 -10.90 2.73
N GLU A 52 6.62 -10.36 1.85
CA GLU A 52 6.28 -10.15 0.45
C GLU A 52 5.64 -11.40 -0.15
N ARG A 53 6.26 -12.55 0.08
CA ARG A 53 5.75 -13.82 -0.39
C ARG A 53 4.34 -14.13 0.07
N ALA A 54 4.08 -13.84 1.35
CA ALA A 54 2.82 -14.16 1.99
C ALA A 54 1.70 -13.24 1.52
N MET A 55 2.01 -11.95 1.43
CA MET A 55 1.07 -10.97 0.91
C MET A 55 0.59 -11.34 -0.51
N VAL A 56 1.51 -11.87 -1.31
CA VAL A 56 1.19 -12.30 -2.68
C VAL A 56 0.42 -13.63 -2.69
N ALA A 57 0.65 -14.46 -1.68
CA ALA A 57 -0.02 -15.75 -1.60
C ALA A 57 -1.52 -15.63 -1.24
N ARG A 58 -1.89 -14.60 -0.50
CA ARG A 58 -3.29 -14.38 -0.18
C ARG A 58 -4.09 -13.89 -1.38
N GLN A 59 -3.43 -13.69 -2.51
CA GLN A 59 -4.10 -13.24 -3.72
C GLN A 59 -4.20 -14.34 -4.76
N ASP A 60 -3.58 -15.48 -4.44
CA ASP A 60 -3.61 -16.67 -5.28
C ASP A 60 -4.64 -17.65 -4.72
N LEU A 61 -5.87 -17.56 -5.22
CA LEU A 61 -6.97 -18.35 -4.68
C LEU A 61 -6.76 -19.84 -4.90
N ALA A 62 -6.23 -20.19 -6.08
CA ALA A 62 -5.85 -21.57 -6.35
C ALA A 62 -4.86 -22.07 -5.30
N GLY A 63 -3.87 -21.25 -4.97
CA GLY A 63 -2.86 -21.62 -3.98
C GLY A 63 -3.41 -21.66 -2.57
N LEU A 64 -4.28 -20.71 -2.24
CA LEU A 64 -4.94 -20.72 -0.93
C LEU A 64 -5.74 -22.00 -0.76
N LYS A 65 -6.48 -22.34 -1.81
CA LYS A 65 -7.31 -23.54 -1.79
C LYS A 65 -6.51 -24.79 -1.49
N ARG A 66 -5.38 -24.93 -2.19
CA ARG A 66 -4.47 -26.05 -1.96
C ARG A 66 -3.93 -26.06 -0.52
N LYS A 67 -3.39 -24.92 -0.08
CA LYS A 67 -2.68 -24.88 1.19
C LYS A 67 -3.59 -24.98 2.42
N LEU A 68 -4.88 -24.70 2.24
CA LEU A 68 -5.84 -24.74 3.35
C LEU A 68 -6.70 -26.00 3.33
N ALA A 69 -6.38 -26.92 2.42
CA ALA A 69 -7.21 -28.08 2.14
C ALA A 69 -7.57 -28.93 3.36
N GLY A 70 -6.57 -29.32 4.13
CA GLY A 70 -6.81 -30.14 5.32
C GLY A 70 -6.75 -29.34 6.62
N ALA A 71 -6.76 -28.02 6.48
CA ALA A 71 -6.62 -27.11 7.61
C ALA A 71 -7.67 -27.35 8.68
N ASP A 72 -7.24 -27.23 9.93
CA ASP A 72 -8.15 -27.22 11.07
C ASP A 72 -9.08 -26.01 10.92
N ARG A 73 -10.39 -26.25 10.96
CA ARG A 73 -11.35 -25.16 10.84
C ARG A 73 -12.22 -25.02 12.07
N VAL A 74 -12.38 -23.79 12.52
CA VAL A 74 -13.31 -23.46 13.58
C VAL A 74 -14.69 -23.22 12.96
N LEU A 75 -15.65 -24.06 13.35
CA LEU A 75 -16.96 -24.01 12.76
C LEU A 75 -17.95 -23.34 13.69
N ALA A 76 -18.72 -22.41 13.14
CA ALA A 76 -19.77 -21.76 13.89
C ALA A 76 -20.90 -22.74 14.17
N PRO A 77 -21.66 -22.51 15.25
CA PRO A 77 -22.89 -23.30 15.38
C PRO A 77 -23.77 -22.99 14.19
N GLN A 78 -24.38 -24.01 13.60
CA GLN A 78 -25.14 -23.78 12.40
C GLN A 78 -26.38 -24.65 12.38
N SER A 79 -27.42 -24.12 11.73
CA SER A 79 -28.65 -24.85 11.51
C SER A 79 -28.41 -26.01 10.55
N PRO A 80 -29.13 -27.12 10.74
CA PRO A 80 -29.02 -28.23 9.81
C PRO A 80 -29.57 -27.90 8.41
N GLU A 81 -28.95 -28.49 7.40
CA GLU A 81 -29.45 -28.47 6.03
C GLU A 81 -30.92 -28.89 5.98
N GLN A 82 -31.73 -28.17 5.22
CA GLN A 82 -33.16 -28.39 5.15
C GLN A 82 -33.57 -28.99 3.79
N CYS A 83 -32.76 -28.71 2.78
CA CYS A 83 -32.95 -29.27 1.45
C CYS A 83 -31.62 -29.19 0.69
N GLY A 84 -31.58 -29.79 -0.50
CA GLY A 84 -30.36 -29.86 -1.27
C GLY A 84 -30.07 -28.57 -2.01
N ARG A 85 -28.90 -28.52 -2.64
CA ARG A 85 -28.44 -27.35 -3.39
C ARG A 85 -29.43 -26.91 -4.47
N GLU A 86 -29.92 -27.84 -5.28
CA GLU A 86 -30.75 -27.48 -6.41
C GLU A 86 -32.14 -26.98 -5.96
N SER A 87 -32.71 -27.63 -4.95
CA SER A 87 -33.99 -27.25 -4.39
C SER A 87 -33.96 -25.86 -3.78
N ALA A 88 -32.90 -25.56 -3.03
CA ALA A 88 -32.77 -24.25 -2.40
C ALA A 88 -32.75 -23.15 -3.46
N GLN A 89 -32.01 -23.40 -4.53
CA GLN A 89 -31.87 -22.46 -5.62
C GLN A 89 -33.19 -22.29 -6.41
N ALA A 90 -33.95 -23.38 -6.56
CA ALA A 90 -35.22 -23.30 -7.27
C ALA A 90 -36.27 -22.55 -6.45
N GLN A 91 -36.31 -22.81 -5.15
CA GLN A 91 -37.26 -22.10 -4.28
C GLN A 91 -36.97 -20.60 -4.26
N ALA A 92 -35.70 -20.24 -4.16
CA ALA A 92 -35.32 -18.83 -4.18
C ALA A 92 -35.67 -18.15 -5.51
N ARG A 93 -35.42 -18.86 -6.61
CA ARG A 93 -35.76 -18.35 -7.95
C ARG A 93 -37.26 -18.19 -8.12
N SER A 94 -38.06 -19.11 -7.57
CA SER A 94 -39.52 -18.98 -7.64
C SER A 94 -40.03 -17.73 -6.93
N VAL A 95 -39.45 -17.47 -5.76
CA VAL A 95 -39.80 -16.27 -5.00
C VAL A 95 -39.40 -15.00 -5.77
N THR A 96 -38.19 -14.98 -6.28
CA THR A 96 -37.65 -13.83 -7.00
C THR A 96 -38.50 -13.54 -8.23
N SER A 97 -38.89 -14.60 -8.93
CA SER A 97 -39.75 -14.47 -10.10
C SER A 97 -41.12 -13.85 -9.75
N GLU A 98 -41.69 -14.25 -8.61
CA GLU A 98 -42.99 -13.72 -8.22
C GLU A 98 -42.89 -12.25 -7.81
N LEU A 99 -41.80 -11.90 -7.12
CA LEU A 99 -41.57 -10.52 -6.71
C LEU A 99 -41.35 -9.61 -7.92
N LYS A 100 -40.58 -10.09 -8.89
CA LYS A 100 -40.37 -9.37 -10.13
C LYS A 100 -41.72 -9.07 -10.83
N SER A 101 -42.61 -10.05 -10.85
CA SER A 101 -43.94 -9.86 -11.44
C SER A 101 -44.78 -8.85 -10.65
N ALA A 102 -44.64 -8.87 -9.33
CA ALA A 102 -45.33 -7.92 -8.47
C ALA A 102 -44.82 -6.49 -8.69
N VAL A 103 -43.50 -6.35 -8.78
CA VAL A 103 -42.92 -5.05 -9.06
C VAL A 103 -43.38 -4.50 -10.42
N LYS A 104 -43.31 -5.35 -11.45
CA LYS A 104 -43.68 -4.97 -12.81
C LYS A 104 -45.15 -4.55 -12.90
N GLU A 105 -46.02 -5.27 -12.21
CA GLU A 105 -47.42 -4.87 -12.15
C GLU A 105 -47.60 -3.49 -11.48
N ALA A 106 -46.92 -3.30 -10.36
CA ALA A 106 -47.06 -2.05 -9.62
C ALA A 106 -46.43 -0.91 -10.40
N GLN A 107 -45.34 -1.19 -11.09
CA GLN A 107 -44.68 -0.17 -11.91
C GLN A 107 -45.56 0.27 -13.10
N GLY A 108 -46.57 -0.53 -13.43
CA GLY A 108 -47.38 -0.26 -14.62
C GLY A 108 -48.55 0.66 -14.33
N LEU A 109 -48.76 0.96 -13.06
CA LEU A 109 -49.83 1.85 -12.64
C LEU A 109 -49.56 3.30 -13.01
N GLU A 110 -50.61 4.00 -13.42
CA GLU A 110 -50.52 5.42 -13.73
C GLU A 110 -50.29 6.20 -12.44
N HIS A 111 -49.51 7.27 -12.53
CA HIS A 111 -49.29 8.11 -11.36
C HIS A 111 -50.14 9.35 -11.50
N GLN A 112 -50.42 10.04 -10.39
CA GLN A 112 -51.14 11.30 -10.44
C GLN A 112 -50.27 12.41 -11.01
N THR A 113 -50.90 13.53 -11.32
CA THR A 113 -50.21 14.68 -11.86
C THR A 113 -49.31 15.31 -10.81
N LEU A 114 -48.39 16.15 -11.26
CA LEU A 114 -47.49 16.87 -10.37
C LEU A 114 -47.96 18.31 -10.14
N ASP A 115 -49.24 18.53 -10.41
CA ASP A 115 -49.85 19.87 -10.34
C ASP A 115 -49.81 20.48 -8.94
N PHE A 116 -49.58 19.66 -7.92
CA PHE A 116 -49.49 20.14 -6.54
C PHE A 116 -48.17 20.89 -6.29
N LEU A 117 -47.25 20.83 -7.26
CA LEU A 117 -45.97 21.54 -7.18
C LEU A 117 -46.05 22.80 -8.03
N GLU A 118 -45.28 23.83 -7.67
CA GLU A 118 -45.13 24.97 -8.55
C GLU A 118 -44.21 24.61 -9.71
N GLN A 119 -44.55 25.04 -10.92
CA GLN A 119 -43.73 24.75 -12.10
C GLN A 119 -43.01 26.02 -12.56
N LEU A 120 -41.71 25.89 -12.82
CA LEU A 120 -40.81 27.02 -13.06
C LEU A 120 -40.24 27.07 -14.48
N GLY A 121 -40.70 26.19 -15.36
CA GLY A 121 -40.15 26.16 -16.70
C GLY A 121 -38.91 25.29 -16.82
N GLU A 122 -38.00 25.69 -17.70
CA GLU A 122 -36.80 24.89 -17.97
C GLU A 122 -35.57 25.69 -17.61
N TYR A 123 -34.52 24.99 -17.21
CA TYR A 123 -33.23 25.63 -16.95
C TYR A 123 -32.23 25.35 -18.08
N PRO A 124 -31.49 26.38 -18.52
CA PRO A 124 -30.40 26.16 -19.46
C PRO A 124 -29.28 25.31 -18.83
N VAL A 125 -28.64 24.50 -19.64
CA VAL A 125 -27.50 23.72 -19.17
C VAL A 125 -26.39 24.69 -18.79
N CYS A 126 -25.75 24.47 -17.65
CA CYS A 126 -24.62 25.29 -17.25
C CYS A 126 -23.45 25.18 -18.26
N GLY A 127 -22.88 26.33 -18.62
CA GLY A 127 -21.81 26.38 -19.61
C GLY A 127 -20.44 26.69 -19.02
N ILE A 128 -20.38 26.76 -17.69
CA ILE A 128 -19.13 26.99 -16.98
C ILE A 128 -18.08 25.92 -17.33
N LEU A 129 -16.88 26.37 -17.67
CA LEU A 129 -15.80 25.47 -18.03
C LEU A 129 -14.78 25.41 -16.92
N HIS A 130 -14.23 24.22 -16.68
CA HIS A 130 -13.07 24.06 -15.81
C HIS A 130 -11.90 23.54 -16.65
N GLY A 131 -11.03 24.45 -17.09
CA GLY A 131 -9.95 24.07 -17.98
C GLY A 131 -10.43 23.56 -19.33
N ASP A 132 -10.17 22.29 -19.58
CA ASP A 132 -10.40 21.67 -20.88
C ASP A 132 -11.81 21.10 -21.07
N HIS A 133 -12.69 21.29 -20.09
CA HIS A 133 -13.99 20.63 -20.15
C HIS A 133 -15.12 21.42 -19.46
N PRO A 134 -16.36 21.19 -19.91
CA PRO A 134 -17.46 21.83 -19.19
C PRO A 134 -17.76 21.06 -17.90
N VAL A 135 -18.24 21.76 -16.89
CA VAL A 135 -18.50 21.14 -15.58
C VAL A 135 -19.74 20.26 -15.72
N HIS A 136 -20.63 20.67 -16.60
CA HIS A 136 -21.76 19.85 -17.02
C HIS A 136 -21.34 19.09 -18.28
N PRO A 137 -21.12 17.77 -18.15
CA PRO A 137 -20.51 16.98 -19.22
C PRO A 137 -21.33 16.98 -20.50
N SER A 138 -20.63 17.08 -21.62
CA SER A 138 -21.30 17.11 -22.91
C SER A 138 -22.15 15.85 -23.16
N GLY A 139 -23.33 16.07 -23.73
CA GLY A 139 -24.17 14.96 -24.18
C GLY A 139 -24.81 14.17 -23.07
N THR A 140 -24.86 14.77 -21.88
CA THR A 140 -25.55 14.16 -20.76
C THR A 140 -26.42 15.20 -20.10
N HIS A 141 -27.59 14.75 -19.64
CA HIS A 141 -28.54 15.59 -18.92
C HIS A 141 -28.74 16.89 -19.65
N ASN A 142 -29.04 16.75 -20.93
CA ASN A 142 -29.14 17.86 -21.85
C ASN A 142 -30.16 17.52 -22.93
N ASN A 143 -31.32 18.14 -22.85
CA ASN A 143 -32.32 17.99 -23.90
C ASN A 143 -32.40 19.29 -24.66
N ASN A 144 -31.72 19.34 -25.81
CA ASN A 144 -31.69 20.55 -26.64
C ASN A 144 -31.34 21.80 -25.83
N GLY A 145 -30.34 21.68 -24.96
CA GLY A 145 -29.83 22.83 -24.23
C GLY A 145 -30.41 23.04 -22.84
N LYS A 146 -31.41 22.22 -22.49
CA LYS A 146 -32.10 22.32 -21.21
C LYS A 146 -31.72 21.14 -20.32
N VAL A 147 -31.49 21.40 -19.03
CA VAL A 147 -31.13 20.32 -18.10
C VAL A 147 -32.26 19.30 -18.04
N SER A 148 -31.90 18.03 -18.02
CA SER A 148 -32.87 16.94 -18.05
C SER A 148 -32.39 15.77 -17.21
N VAL A 149 -33.35 15.02 -16.67
CA VAL A 149 -33.06 13.77 -15.98
C VAL A 149 -34.12 12.75 -16.36
N LYS A 150 -33.84 11.48 -16.09
CA LYS A 150 -34.80 10.42 -16.33
C LYS A 150 -34.86 9.52 -15.10
N ARG A 151 -36.03 9.41 -14.49
CA ARG A 151 -36.20 8.54 -13.34
C ARG A 151 -36.11 7.08 -13.78
N GLN A 152 -35.31 6.31 -13.06
CA GLN A 152 -35.21 4.89 -13.32
C GLN A 152 -36.08 4.10 -12.35
N PHE A 153 -37.03 3.38 -12.93
CA PHE A 153 -37.83 2.38 -12.23
C PHE A 153 -37.62 1.02 -12.89
N ALA A 154 -36.54 0.33 -12.52
CA ALA A 154 -36.20 -0.95 -13.14
C ALA A 154 -36.96 -2.14 -12.53
N ALA A 155 -37.11 -3.19 -13.32
CA ALA A 155 -37.87 -4.37 -12.93
C ALA A 155 -37.06 -5.27 -12.00
N GLY A 156 -35.74 -5.21 -12.13
CA GLY A 156 -34.86 -6.05 -11.35
C GLY A 156 -34.92 -5.80 -9.85
N VAL A 157 -34.94 -6.88 -9.07
CA VAL A 157 -34.91 -6.79 -7.61
C VAL A 157 -33.55 -7.25 -7.09
N ASN A 158 -33.43 -7.43 -5.76
CA ASN A 158 -32.19 -7.96 -5.18
C ASN A 158 -31.86 -9.37 -5.69
N THR A 159 -30.65 -9.84 -5.41
CA THR A 159 -30.18 -11.12 -5.94
C THR A 159 -30.62 -12.32 -5.07
N SER A 160 -30.60 -13.51 -5.65
CA SER A 160 -31.13 -14.72 -5.02
C SER A 160 -30.17 -15.46 -4.09
N ASP A 161 -28.90 -15.05 -4.03
CA ASP A 161 -27.88 -15.81 -3.30
C ASP A 161 -28.20 -15.96 -1.82
N ALA A 162 -28.48 -14.85 -1.16
CA ALA A 162 -28.82 -14.88 0.25
C ALA A 162 -30.11 -15.70 0.49
N LEU A 163 -31.11 -15.52 -0.37
CA LEU A 163 -32.36 -16.26 -0.24
C LEU A 163 -32.14 -17.77 -0.43
N THR A 164 -31.27 -18.12 -1.37
CA THR A 164 -30.91 -19.53 -1.58
C THR A 164 -30.37 -20.16 -0.30
N CYS A 165 -29.43 -19.46 0.37
CA CYS A 165 -28.92 -19.93 1.65
C CYS A 165 -30.05 -20.10 2.68
N ALA A 166 -31.00 -19.17 2.67
CA ALA A 166 -32.10 -19.21 3.61
C ALA A 166 -32.91 -20.48 3.40
N PHE A 167 -33.26 -20.75 2.15
CA PHE A 167 -33.99 -21.98 1.83
C PHE A 167 -33.18 -23.23 2.13
N ARG A 168 -31.86 -23.12 1.97
CA ARG A 168 -30.96 -24.24 2.20
C ARG A 168 -30.94 -24.68 3.66
N PHE A 169 -31.12 -23.72 4.58
CA PHE A 169 -30.87 -23.97 5.99
C PHE A 169 -32.01 -23.63 6.94
N GLU A 170 -33.15 -23.25 6.39
CA GLU A 170 -34.26 -22.90 7.24
C GLU A 170 -35.57 -23.43 6.70
N ASP A 171 -36.62 -23.24 7.49
CA ASP A 171 -37.97 -23.72 7.19
C ASP A 171 -38.52 -23.12 5.89
N SER A 172 -38.81 -24.01 4.95
CA SER A 172 -39.30 -23.63 3.63
C SER A 172 -40.48 -22.64 3.66
N ASP A 173 -41.56 -22.98 4.37
CA ASP A 173 -42.72 -22.08 4.46
C ASP A 173 -42.40 -20.71 5.06
N LEU A 174 -41.65 -20.72 6.16
CA LEU A 174 -41.33 -19.47 6.85
C LEU A 174 -40.44 -18.62 5.96
N VAL A 175 -39.42 -19.24 5.36
CA VAL A 175 -38.54 -18.51 4.46
C VAL A 175 -39.37 -17.90 3.33
N ARG A 176 -40.20 -18.72 2.70
CA ARG A 176 -40.98 -18.27 1.56
C ARG A 176 -41.91 -17.12 1.93
N GLU A 177 -42.66 -17.29 3.01
CA GLU A 177 -43.60 -16.27 3.47
C GLU A 177 -42.88 -14.97 3.74
N THR A 178 -41.78 -15.07 4.48
CA THR A 178 -40.99 -13.91 4.88
C THR A 178 -40.49 -13.18 3.64
N ALA A 179 -39.87 -13.94 2.74
CA ALA A 179 -39.25 -13.37 1.54
C ALA A 179 -40.25 -12.72 0.58
N LEU A 180 -41.50 -13.19 0.59
CA LEU A 180 -42.50 -12.64 -0.32
C LEU A 180 -43.07 -11.30 0.15
N LYS A 181 -42.84 -10.92 1.41
CA LYS A 181 -43.43 -9.69 1.95
C LYS A 181 -42.66 -8.42 1.56
N THR A 182 -41.34 -8.53 1.41
CA THR A 182 -40.50 -7.39 1.15
C THR A 182 -39.56 -7.62 -0.02
N THR A 183 -39.23 -6.55 -0.73
CA THR A 183 -38.25 -6.67 -1.80
C THR A 183 -37.48 -5.34 -1.92
N TYR A 184 -36.23 -5.45 -2.33
CA TYR A 184 -35.39 -4.30 -2.63
C TYR A 184 -35.65 -3.85 -4.07
N THR A 185 -36.18 -2.65 -4.23
CA THR A 185 -36.64 -2.22 -5.55
C THR A 185 -36.58 -0.71 -5.72
N ASP A 186 -36.61 -0.28 -6.97
CA ASP A 186 -36.70 1.13 -7.32
C ASP A 186 -38.02 1.73 -6.88
N GLY A 187 -38.98 0.87 -6.57
CA GLY A 187 -40.32 1.34 -6.29
C GLY A 187 -41.07 1.62 -7.58
N THR A 188 -42.07 2.49 -7.51
CA THR A 188 -42.96 2.74 -8.64
C THR A 188 -43.24 4.23 -8.83
N TRP A 189 -43.59 4.60 -10.05
CA TRP A 189 -44.04 5.96 -10.35
C TRP A 189 -45.21 6.40 -9.46
N ALA A 190 -46.28 5.60 -9.43
CA ALA A 190 -47.46 5.94 -8.62
C ALA A 190 -47.11 6.19 -7.16
N GLY A 191 -46.39 5.26 -6.55
CA GLY A 191 -46.00 5.37 -5.15
C GLY A 191 -45.08 6.56 -4.91
N PHE A 192 -44.22 6.85 -5.89
CA PHE A 192 -43.27 7.96 -5.83
C PHE A 192 -43.97 9.30 -5.72
N VAL A 193 -44.89 9.53 -6.66
CA VAL A 193 -45.65 10.77 -6.72
C VAL A 193 -46.56 10.90 -5.51
N GLN A 194 -47.21 9.79 -5.15
CA GLN A 194 -48.10 9.78 -4.00
C GLN A 194 -47.36 10.24 -2.75
N ARG A 195 -46.19 9.66 -2.50
CA ARG A 195 -45.39 10.03 -1.34
C ARG A 195 -44.83 11.44 -1.43
N LEU A 196 -44.46 11.85 -2.64
CA LEU A 196 -43.95 13.20 -2.84
C LEU A 196 -45.04 14.23 -2.53
N LYS A 197 -46.26 13.92 -2.95
CA LYS A 197 -47.40 14.80 -2.68
C LYS A 197 -47.63 14.97 -1.20
N MET A 198 -47.63 13.86 -0.48
CA MET A 198 -47.87 13.87 0.96
C MET A 198 -46.89 14.74 1.74
N GLN A 199 -45.61 14.74 1.38
CA GLN A 199 -44.65 15.53 2.16
C GLN A 199 -44.39 16.92 1.61
N THR A 200 -45.10 17.30 0.55
CA THR A 200 -44.95 18.65 0.04
C THR A 200 -46.24 19.46 0.14
N THR A 201 -47.30 18.88 0.68
CA THR A 201 -48.59 19.55 0.70
C THR A 201 -49.29 19.49 2.05
N ARG A 202 -48.61 18.95 3.05
CA ARG A 202 -49.22 18.80 4.38
C ARG A 202 -49.31 20.13 5.12
N LYS A 203 -50.40 20.35 5.86
CA LYS A 203 -50.54 21.56 6.67
C LYS A 203 -49.71 21.38 7.94
N CYS A 204 -48.75 22.27 8.13
CA CYS A 204 -47.83 22.18 9.26
C CYS A 204 -48.21 23.13 10.38
N VAL A 205 -47.65 22.90 11.56
CA VAL A 205 -47.78 23.84 12.66
C VAL A 205 -46.42 24.48 12.99
N GLN A 206 -46.35 25.81 12.93
CA GLN A 206 -45.10 26.52 13.27
C GLN A 206 -44.77 26.31 14.75
N GLU A 207 -43.57 25.84 15.07
CA GLU A 207 -43.19 25.62 16.46
C GLU A 207 -42.88 26.93 17.15
N LYS A 208 -43.20 26.98 18.43
CA LYS A 208 -42.73 28.07 19.29
C LYS A 208 -41.37 27.64 19.85
N VAL A 209 -40.33 28.32 19.42
CA VAL A 209 -38.98 27.83 19.63
C VAL A 209 -38.00 28.98 19.66
N SER A 210 -37.01 28.90 20.53
CA SER A 210 -36.01 29.95 20.65
C SER A 210 -34.64 29.32 20.87
N ARG A 211 -33.58 30.13 20.76
CA ARG A 211 -32.23 29.66 21.08
C ARG A 211 -32.18 29.10 22.48
N LYS A 212 -32.84 29.79 23.41
CA LYS A 212 -32.83 29.37 24.81
C LYS A 212 -33.41 27.97 24.97
N LEU A 213 -34.52 27.71 24.29
CA LEU A 213 -35.17 26.40 24.38
C LEU A 213 -34.33 25.31 23.71
N LEU A 214 -33.73 25.64 22.57
CA LEU A 214 -32.93 24.65 21.86
C LEU A 214 -31.66 24.33 22.63
N LYS A 215 -31.16 25.33 23.37
CA LYS A 215 -30.02 25.13 24.27
C LYS A 215 -30.34 24.09 25.34
N GLN A 216 -31.56 24.14 25.87
CA GLN A 216 -31.96 23.22 26.94
C GLN A 216 -32.14 21.81 26.38
N LEU A 217 -32.75 21.73 25.20
CA LEU A 217 -33.06 20.44 24.59
C LEU A 217 -31.88 19.79 23.89
N PHE A 218 -30.98 20.61 23.36
CA PHE A 218 -29.85 20.10 22.60
C PHE A 218 -28.51 20.68 23.05
N PRO A 219 -28.11 20.39 24.28
CA PRO A 219 -26.82 20.89 24.75
C PRO A 219 -25.66 20.28 23.94
N TYR A 220 -24.60 21.05 23.79
CA TYR A 220 -23.46 20.62 23.02
C TYR A 220 -22.20 21.14 23.70
N ASP A 221 -21.06 20.58 23.32
CA ASP A 221 -19.76 21.06 23.77
C ASP A 221 -19.14 22.03 22.76
N PRO A 222 -19.10 23.34 23.10
CA PRO A 222 -18.59 24.38 22.19
C PRO A 222 -17.12 24.15 21.82
N GLN A 223 -16.36 23.53 22.73
CA GLN A 223 -14.96 23.22 22.48
C GLN A 223 -14.79 22.24 21.32
N LYS A 224 -15.81 21.41 21.08
CA LYS A 224 -15.73 20.41 20.01
C LYS A 224 -16.13 20.99 18.65
N LEU A 225 -16.68 22.19 18.64
CA LEU A 225 -17.08 22.82 17.38
C LEU A 225 -15.85 23.14 16.56
N VAL A 226 -15.94 22.96 15.24
CA VAL A 226 -14.85 23.31 14.34
C VAL A 226 -14.64 24.83 14.28
N ASP A 227 -13.37 25.25 14.24
CA ASP A 227 -13.04 26.68 14.10
C ASP A 227 -13.42 27.20 12.72
N VAL A 228 -14.66 27.63 12.56
CA VAL A 228 -15.11 28.04 11.23
C VAL A 228 -14.58 29.44 10.85
N SER A 229 -13.78 30.04 11.72
CA SER A 229 -13.08 31.25 11.32
C SER A 229 -11.77 30.92 10.60
N GLY A 230 -11.48 29.63 10.49
CA GLY A 230 -10.37 29.17 9.66
C GLY A 230 -10.66 29.38 8.19
N GLU A 231 -9.62 29.23 7.37
CA GLU A 231 -9.72 29.35 5.92
C GLU A 231 -10.67 28.30 5.35
N LEU A 232 -11.46 28.70 4.36
CA LEU A 232 -12.59 27.88 3.87
C LEU A 232 -12.21 26.60 3.16
N SER A 233 -11.24 26.65 2.23
CA SER A 233 -10.75 25.43 1.55
C SER A 233 -10.47 24.30 2.55
N GLU A 234 -9.79 24.65 3.64
CA GLU A 234 -9.42 23.65 4.64
C GLU A 234 -10.63 23.09 5.39
N LEU A 235 -11.57 23.97 5.74
CA LEU A 235 -12.83 23.54 6.35
C LEU A 235 -13.59 22.56 5.45
N VAL A 236 -13.75 22.89 4.18
CA VAL A 236 -14.53 22.07 3.27
C VAL A 236 -13.82 20.71 3.01
N LEU A 237 -12.48 20.73 3.01
CA LEU A 237 -11.69 19.52 2.81
C LEU A 237 -11.87 18.55 3.98
N GLY A 238 -12.27 19.09 5.13
CA GLY A 238 -12.57 18.28 6.30
C GLY A 238 -13.95 17.61 6.34
N ILE A 239 -14.89 17.97 5.47
CA ILE A 239 -16.20 17.33 5.55
C ILE A 239 -16.15 15.93 4.91
N LYS A 240 -16.95 15.00 5.44
CA LYS A 240 -16.97 13.63 4.95
C LYS A 240 -18.24 13.36 4.17
N THR A 241 -18.12 12.56 3.13
CA THR A 241 -19.29 12.26 2.32
C THR A 241 -19.06 10.97 1.55
N ASN A 242 -20.10 10.53 0.84
CA ASN A 242 -20.05 9.30 0.09
C ASN A 242 -19.46 9.54 -1.29
N ALA A 243 -18.27 8.99 -1.52
CA ALA A 243 -17.51 9.22 -2.75
C ALA A 243 -18.25 8.82 -4.01
N ILE A 244 -19.13 7.83 -3.91
CA ILE A 244 -19.86 7.40 -5.09
C ILE A 244 -21.28 7.96 -5.18
N ALA A 245 -21.67 8.81 -4.23
CA ALA A 245 -22.96 9.48 -4.34
C ALA A 245 -22.94 10.49 -5.50
N SER A 246 -24.12 10.82 -6.03
CA SER A 246 -24.24 11.85 -7.05
C SER A 246 -23.79 13.21 -6.52
N ALA A 247 -23.00 13.92 -7.32
CA ALA A 247 -22.60 15.29 -7.00
C ALA A 247 -23.73 16.28 -7.35
N GLY A 248 -24.80 15.78 -7.96
CA GLY A 248 -25.95 16.61 -8.31
C GLY A 248 -25.67 17.53 -9.49
N PRO A 249 -26.62 18.41 -9.82
CA PRO A 249 -26.36 19.42 -10.85
C PRO A 249 -25.32 20.39 -10.35
N PRO A 250 -24.49 20.96 -11.24
CA PRO A 250 -24.46 20.71 -12.68
C PRO A 250 -23.53 19.55 -13.06
N TYR A 251 -22.95 18.86 -12.08
CA TYR A 251 -21.86 17.91 -12.35
C TYR A 251 -22.32 16.61 -13.02
N TRP A 252 -23.42 16.04 -12.54
CA TRP A 252 -23.99 14.81 -13.10
C TRP A 252 -22.96 13.70 -13.17
N ARG A 253 -22.17 13.59 -12.11
CA ARG A 253 -21.14 12.60 -11.95
C ARG A 253 -21.09 12.27 -10.47
N THR A 254 -20.36 11.22 -10.11
CA THR A 254 -20.11 10.93 -8.70
C THR A 254 -19.34 12.06 -8.05
N LYS A 255 -19.40 12.11 -6.72
CA LYS A 255 -18.68 13.11 -5.96
C LYS A 255 -17.18 13.00 -6.14
N ARG A 256 -16.63 11.79 -6.15
CA ARG A 256 -15.19 11.67 -6.29
C ARG A 256 -14.75 12.13 -7.68
N ASP A 257 -15.56 11.83 -8.70
CA ASP A 257 -15.30 12.28 -10.07
C ASP A 257 -15.40 13.81 -10.21
N ALA A 258 -16.40 14.40 -9.55
CA ALA A 258 -16.69 15.83 -9.72
C ALA A 258 -15.91 16.69 -8.72
N LEU A 259 -15.15 16.06 -7.84
CA LEU A 259 -14.53 16.79 -6.76
C LEU A 259 -13.58 17.92 -7.22
N PRO A 260 -12.73 17.68 -8.24
CA PRO A 260 -11.89 18.81 -8.66
C PRO A 260 -12.69 19.98 -9.26
N ASP A 261 -13.69 19.70 -10.10
CA ASP A 261 -14.54 20.74 -10.67
C ASP A 261 -15.21 21.56 -9.57
N MET A 262 -15.72 20.87 -8.55
CA MET A 262 -16.37 21.53 -7.43
C MET A 262 -15.39 22.43 -6.67
N LEU A 263 -14.26 21.86 -6.26
CA LEU A 263 -13.31 22.57 -5.40
C LEU A 263 -12.56 23.69 -6.09
N ASP A 264 -12.15 23.44 -7.32
CA ASP A 264 -11.18 24.29 -7.99
C ASP A 264 -11.87 25.37 -8.79
N CYS A 265 -13.12 25.12 -9.15
CA CYS A 265 -13.84 25.97 -10.08
C CYS A 265 -15.13 26.55 -9.48
N VAL A 266 -16.08 25.69 -9.13
CA VAL A 266 -17.38 26.20 -8.72
C VAL A 266 -17.36 26.80 -7.32
N LEU A 267 -16.66 26.15 -6.38
CA LEU A 267 -16.64 26.66 -5.00
C LEU A 267 -16.12 28.10 -4.87
N PRO A 268 -14.97 28.44 -5.50
CA PRO A 268 -14.53 29.84 -5.37
C PRO A 268 -15.45 30.84 -6.05
N LEU A 269 -16.11 30.41 -7.12
CA LEU A 269 -17.07 31.23 -7.81
C LEU A 269 -18.26 31.47 -6.88
N LEU A 270 -18.70 30.43 -6.19
CA LEU A 270 -19.78 30.56 -5.21
C LEU A 270 -19.37 31.48 -4.08
N TYR A 271 -18.17 31.25 -3.56
CA TYR A 271 -17.60 32.07 -2.49
C TYR A 271 -17.54 33.55 -2.85
N ASP A 272 -17.09 33.85 -4.07
CA ASP A 272 -16.99 35.24 -4.53
C ASP A 272 -18.35 35.93 -4.55
N HIS A 273 -19.39 35.22 -4.97
CA HIS A 273 -20.71 35.83 -4.97
C HIS A 273 -21.31 35.93 -3.58
N ILE A 274 -20.91 35.02 -2.68
CA ILE A 274 -21.36 35.14 -1.30
C ILE A 274 -20.83 36.42 -0.65
N VAL A 275 -19.51 36.64 -0.75
CA VAL A 275 -18.88 37.73 -0.02
C VAL A 275 -19.06 39.07 -0.70
N ARG A 276 -19.46 39.06 -1.97
CA ARG A 276 -19.80 40.31 -2.64
C ARG A 276 -21.29 40.56 -2.54
N LYS A 277 -21.97 39.75 -1.73
CA LYS A 277 -23.43 39.75 -1.57
C LYS A 277 -24.13 39.85 -2.92
N ASP A 278 -23.77 38.93 -3.81
CA ASP A 278 -24.27 38.94 -5.17
C ASP A 278 -24.68 37.54 -5.63
N LEU A 279 -25.39 36.82 -4.78
CA LEU A 279 -25.83 35.47 -5.15
C LEU A 279 -26.93 35.52 -6.21
N THR A 280 -27.68 36.61 -6.22
CA THR A 280 -28.79 36.78 -7.15
C THR A 280 -28.32 36.68 -8.59
N THR A 281 -27.26 37.41 -8.88
CA THR A 281 -26.69 37.44 -10.21
C THR A 281 -26.14 36.07 -10.62
N LEU A 282 -25.56 35.34 -9.66
CA LEU A 282 -25.06 34.00 -9.94
C LEU A 282 -26.21 33.02 -10.23
N ARG A 283 -27.25 33.05 -9.39
CA ARG A 283 -28.46 32.25 -9.60
C ARG A 283 -29.12 32.50 -10.95
N ASN A 284 -29.22 33.77 -11.35
CA ASN A 284 -29.93 34.11 -12.58
C ASN A 284 -29.13 33.72 -13.82
N LYS A 285 -27.83 33.93 -13.77
CA LYS A 285 -26.98 33.58 -14.90
C LYS A 285 -26.74 32.06 -14.99
N HIS A 286 -26.56 31.39 -13.85
CA HIS A 286 -26.27 29.95 -13.86
C HIS A 286 -27.21 29.17 -12.95
N PRO A 287 -28.50 29.06 -13.33
CA PRO A 287 -29.48 28.46 -12.44
C PRO A 287 -29.18 27.00 -12.09
N GLU A 288 -28.42 26.29 -12.92
CA GLU A 288 -28.09 24.90 -12.59
C GLU A 288 -27.26 24.78 -11.31
N LEU A 289 -26.51 25.83 -10.96
CA LEU A 289 -25.73 25.79 -9.73
C LEU A 289 -26.59 25.75 -8.46
N PHE A 290 -27.89 25.93 -8.59
CA PHE A 290 -28.77 25.95 -7.42
C PHE A 290 -29.93 24.95 -7.53
N LEU A 291 -29.88 24.16 -8.59
CA LEU A 291 -30.88 23.16 -8.90
C LEU A 291 -30.68 21.83 -8.14
N ALA A 292 -31.74 21.27 -7.58
CA ALA A 292 -31.69 19.91 -7.04
C ALA A 292 -32.38 18.90 -7.98
N GLU A 293 -32.20 17.62 -7.67
CA GLU A 293 -32.83 16.53 -8.41
C GLU A 293 -33.69 15.71 -7.46
N CYS A 294 -34.95 15.51 -7.80
CA CYS A 294 -35.84 14.71 -6.94
C CYS A 294 -35.84 13.26 -7.41
N LYS A 295 -35.41 12.35 -6.54
CA LYS A 295 -35.18 10.97 -6.94
C LYS A 295 -35.99 9.99 -6.11
N ASN A 296 -36.36 8.88 -6.73
CA ASN A 296 -36.97 7.75 -6.03
C ASN A 296 -35.89 6.99 -5.28
N LYS A 297 -36.14 6.64 -4.02
CA LYS A 297 -35.16 5.93 -3.22
C LYS A 297 -35.26 4.42 -3.43
N THR A 298 -34.21 3.83 -3.98
CA THR A 298 -34.16 2.38 -4.12
C THR A 298 -34.00 1.83 -2.70
N ASP A 299 -34.87 0.90 -2.32
CA ASP A 299 -34.93 0.49 -0.92
C ASP A 299 -35.68 -0.81 -0.74
N ARG A 300 -35.65 -1.33 0.49
CA ARG A 300 -36.53 -2.39 0.91
C ARG A 300 -37.96 -1.83 1.04
N TYR A 301 -38.90 -2.37 0.29
CA TYR A 301 -40.30 -1.93 0.40
C TYR A 301 -41.24 -3.14 0.62
N GLU A 302 -42.34 -2.92 1.34
CA GLU A 302 -43.38 -3.91 1.47
C GLU A 302 -44.05 -4.10 0.11
N VAL A 303 -44.11 -5.35 -0.33
CA VAL A 303 -44.62 -5.63 -1.66
C VAL A 303 -46.04 -5.12 -1.84
N GLU A 304 -46.88 -5.26 -0.82
CA GLU A 304 -48.30 -4.90 -0.97
C GLU A 304 -48.57 -3.38 -1.08
N SER A 305 -47.60 -2.55 -0.78
CA SER A 305 -47.81 -1.10 -0.91
C SER A 305 -46.89 -0.48 -1.94
N LEU A 306 -46.36 -1.28 -2.85
CA LEU A 306 -45.43 -0.75 -3.86
C LEU A 306 -46.07 0.37 -4.68
N GLY A 307 -47.37 0.23 -4.99
CA GLY A 307 -48.07 1.20 -5.80
C GLY A 307 -48.47 2.46 -5.06
N GLU A 308 -48.28 2.46 -3.75
CA GLU A 308 -48.72 3.59 -2.93
C GLU A 308 -47.57 4.29 -2.22
N LYS A 309 -46.42 3.63 -2.17
CA LYS A 309 -45.34 4.11 -1.33
C LYS A 309 -43.97 3.82 -1.93
N THR A 310 -43.36 4.87 -2.50
CA THR A 310 -41.94 4.93 -2.83
C THR A 310 -41.41 6.24 -2.27
N ARG A 311 -40.29 6.20 -1.54
CA ARG A 311 -39.80 7.42 -0.88
C ARG A 311 -38.98 8.32 -1.80
N PRO A 312 -39.33 9.61 -1.81
CA PRO A 312 -38.53 10.59 -2.56
C PRO A 312 -37.40 11.15 -1.71
N TYR A 313 -36.34 11.59 -2.36
CA TYR A 313 -35.34 12.40 -1.67
C TYR A 313 -34.72 13.37 -2.66
N PHE A 314 -34.01 14.36 -2.15
CA PHE A 314 -33.44 15.38 -3.01
C PHE A 314 -31.91 15.37 -3.00
N SER A 315 -31.35 15.53 -4.18
CA SER A 315 -29.92 15.54 -4.37
C SER A 315 -29.52 16.96 -4.78
N HIS A 316 -28.78 17.64 -3.91
CA HIS A 316 -28.40 19.03 -4.12
C HIS A 316 -27.05 19.17 -4.81
N PRO A 317 -26.77 20.34 -5.42
CA PRO A 317 -25.41 20.57 -5.95
C PRO A 317 -24.31 20.36 -4.89
N PHE A 318 -23.24 19.66 -5.27
CA PHE A 318 -22.12 19.29 -4.39
C PHE A 318 -21.51 20.49 -3.66
N HIS A 319 -21.31 21.61 -4.37
CA HIS A 319 -20.72 22.79 -3.75
C HIS A 319 -21.58 23.30 -2.58
N LEU A 320 -22.89 23.15 -2.69
CA LEU A 320 -23.78 23.66 -1.64
C LEU A 320 -23.78 22.71 -0.44
N SER A 321 -23.89 21.41 -0.72
CA SER A 321 -23.96 20.41 0.34
C SER A 321 -22.64 20.37 1.10
N ALA A 322 -21.52 20.47 0.39
CA ALA A 322 -20.23 20.41 1.06
C ALA A 322 -20.00 21.65 1.92
N LEU A 323 -20.47 22.80 1.44
CA LEU A 323 -20.27 24.05 2.18
C LEU A 323 -21.06 24.02 3.47
N VAL A 324 -22.34 23.67 3.37
CA VAL A 324 -23.20 23.56 4.53
C VAL A 324 -22.76 22.43 5.47
N SER A 325 -22.23 21.35 4.91
CA SER A 325 -21.76 20.25 5.76
C SER A 325 -20.68 20.70 6.76
N VAL A 326 -19.95 21.75 6.43
CA VAL A 326 -18.99 22.28 7.40
C VAL A 326 -19.65 22.60 8.75
N LEU A 327 -20.82 23.24 8.72
CA LEU A 327 -21.55 23.56 9.94
C LEU A 327 -22.25 22.34 10.52
N SER A 328 -22.83 21.53 9.65
CA SER A 328 -23.70 20.45 10.10
C SER A 328 -22.89 19.30 10.72
N GLN A 329 -21.77 18.95 10.11
CA GLN A 329 -20.97 17.86 10.66
C GLN A 329 -20.22 18.35 11.90
N SER A 330 -19.83 19.62 11.91
CA SER A 330 -19.18 20.18 13.09
C SER A 330 -20.13 20.16 14.28
N PHE A 331 -21.38 20.57 14.05
CA PHE A 331 -22.37 20.59 15.13
C PHE A 331 -22.70 19.19 15.67
N SER A 332 -22.91 18.24 14.77
CA SER A 332 -23.30 16.89 15.19
C SER A 332 -22.19 16.21 15.97
N GLY A 333 -20.94 16.54 15.66
CA GLY A 333 -19.80 16.04 16.40
C GLY A 333 -19.70 16.67 17.80
N ALA A 334 -20.39 17.79 18.02
CA ALA A 334 -20.30 18.48 19.30
C ALA A 334 -21.51 18.25 20.19
N LEU A 335 -22.59 17.75 19.60
CA LEU A 335 -23.81 17.45 20.32
C LEU A 335 -23.63 16.45 21.44
N LYS A 336 -24.16 16.77 22.62
CA LYS A 336 -24.31 15.77 23.66
C LYS A 336 -25.43 14.83 23.25
N ILE A 337 -25.35 13.57 23.69
CA ILE A 337 -26.51 12.69 23.65
C ILE A 337 -27.05 12.53 25.07
N MET A 338 -28.29 12.06 25.18
CA MET A 338 -29.06 11.90 26.42
C MET A 338 -28.28 11.26 27.60
N THR A 339 -27.34 10.36 27.27
CA THR A 339 -26.77 9.44 28.24
C THR A 339 -25.60 10.16 28.87
N GLU A 340 -25.28 11.29 28.29
CA GLU A 340 -24.21 12.15 28.76
C GLU A 340 -24.76 13.33 29.54
N ASP A 341 -25.95 13.79 29.15
CA ASP A 341 -26.57 14.93 29.77
C ASP A 341 -28.06 14.66 29.80
N SER A 342 -28.60 14.52 31.00
CA SER A 342 -29.97 14.08 31.20
C SER A 342 -31.01 15.16 30.91
N THR A 343 -30.58 16.38 30.64
CA THR A 343 -31.52 17.41 30.19
C THR A 343 -31.79 17.27 28.70
N SER A 344 -30.90 16.56 28.01
CA SER A 344 -30.96 16.46 26.57
C SER A 344 -32.03 15.47 26.07
N PHE A 345 -32.72 15.87 25.01
CA PHE A 345 -33.67 15.00 24.29
C PHE A 345 -32.97 14.37 23.09
N ASN A 346 -31.69 14.68 22.91
CA ASN A 346 -30.99 14.22 21.72
C ASN A 346 -30.42 12.80 21.79
N ALA A 347 -30.86 11.92 20.90
CA ALA A 347 -30.26 10.60 20.77
C ALA A 347 -29.46 10.48 19.46
N TYR A 348 -29.49 11.54 18.65
CA TYR A 348 -28.71 11.61 17.40
C TYR A 348 -27.22 11.56 17.70
N GLY A 349 -26.59 10.41 17.49
CA GLY A 349 -25.23 10.20 17.92
C GLY A 349 -25.09 9.02 18.87
N PHE A 350 -26.22 8.54 19.42
CA PHE A 350 -26.22 7.36 20.28
C PHE A 350 -25.80 6.11 19.49
N SER A 351 -25.12 5.17 20.14
CA SER A 351 -24.75 3.90 19.52
C SER A 351 -24.68 2.76 20.56
N TRP A 352 -24.77 1.53 20.09
CA TRP A 352 -24.98 0.38 20.98
C TRP A 352 -23.74 -0.25 21.61
N THR A 353 -22.62 -0.25 20.90
CA THR A 353 -21.45 -0.98 21.42
C THR A 353 -20.79 -0.24 22.58
N ASN A 354 -19.90 -0.94 23.28
CA ASN A 354 -19.11 -0.36 24.36
C ASN A 354 -19.94 0.24 25.48
N GLY A 355 -20.96 -0.49 25.92
CA GLY A 355 -21.79 -0.06 27.03
C GLY A 355 -23.01 0.74 26.61
N GLY A 356 -23.03 1.15 25.34
CA GLY A 356 -24.10 1.97 24.79
C GLY A 356 -25.48 1.41 25.12
N ALA A 357 -25.66 0.13 24.85
CA ALA A 357 -26.92 -0.56 25.08
C ALA A 357 -27.34 -0.48 26.54
N GLU A 358 -26.38 -0.68 27.45
CA GLU A 358 -26.71 -0.57 28.85
C GLU A 358 -26.92 0.90 29.24
N ASP A 359 -26.14 1.81 28.67
CA ASP A 359 -26.34 3.26 28.91
C ASP A 359 -27.82 3.65 28.70
N LEU A 360 -28.44 3.15 27.63
CA LEU A 360 -29.84 3.43 27.35
C LEU A 360 -30.72 3.03 28.55
N ALA A 361 -30.50 1.81 29.07
CA ALA A 361 -31.28 1.28 30.20
C ALA A 361 -31.13 2.11 31.48
N ILE A 362 -29.89 2.46 31.80
CA ILE A 362 -29.60 3.25 32.98
C ILE A 362 -30.26 4.62 32.87
N TRP A 363 -30.08 5.27 31.72
CA TRP A 363 -30.71 6.56 31.47
C TRP A 363 -32.23 6.45 31.62
N ALA A 364 -32.81 5.40 31.05
CA ALA A 364 -34.27 5.29 31.01
C ALA A 364 -34.85 5.10 32.39
N ARG A 365 -34.16 4.33 33.23
CA ARG A 365 -34.66 4.04 34.58
C ARG A 365 -34.89 5.29 35.43
N GLN A 366 -34.24 6.40 35.06
CA GLN A 366 -34.38 7.65 35.82
C GLN A 366 -35.71 8.33 35.52
N ALA A 367 -36.49 7.77 34.61
CA ALA A 367 -37.79 8.34 34.27
C ALA A 367 -38.63 8.43 35.54
N GLY A 368 -39.37 9.51 35.68
CA GLY A 368 -40.17 9.70 36.88
C GLY A 368 -41.65 9.50 36.64
N GLU A 369 -42.41 9.55 37.74
CA GLU A 369 -43.87 9.44 37.71
C GLU A 369 -44.47 10.53 36.83
N ALA A 370 -45.35 10.13 35.93
CA ALA A 370 -46.01 11.07 35.03
C ALA A 370 -46.76 12.13 35.82
N GLY A 371 -46.37 13.39 35.64
CA GLY A 371 -47.02 14.51 36.31
C GLY A 371 -46.25 15.00 37.53
N LYS A 372 -45.13 14.35 37.84
CA LYS A 372 -44.38 14.68 39.05
C LYS A 372 -42.91 14.93 38.79
N LYS A 373 -42.33 14.09 37.93
CA LYS A 373 -40.91 14.13 37.67
C LYS A 373 -40.72 13.88 36.18
N PRO A 374 -39.58 14.31 35.63
CA PRO A 374 -39.45 14.26 34.17
C PRO A 374 -39.47 12.84 33.59
N PRO A 375 -40.06 12.69 32.41
CA PRO A 375 -39.97 11.40 31.71
C PRO A 375 -38.59 11.29 31.08
N ARG A 376 -38.33 10.20 30.36
CA ARG A 376 -37.08 10.09 29.63
C ARG A 376 -37.42 9.98 28.16
N ILE A 377 -36.96 10.96 27.38
CA ILE A 377 -37.34 11.05 25.97
C ILE A 377 -36.11 11.15 25.09
N ALA A 378 -36.03 10.24 24.13
CA ALA A 378 -34.89 10.11 23.24
C ALA A 378 -35.28 10.26 21.77
N CYS A 379 -34.79 11.30 21.11
CA CYS A 379 -35.10 11.52 19.69
C CYS A 379 -33.87 11.34 18.81
N TYR A 380 -34.06 10.58 17.72
CA TYR A 380 -33.03 10.37 16.70
C TYR A 380 -33.77 10.42 15.36
N GLY A 381 -33.74 11.56 14.66
CA GLY A 381 -34.49 11.66 13.42
C GLY A 381 -35.98 11.47 13.73
N ASP A 382 -36.64 10.56 13.03
CA ASP A 382 -38.07 10.36 13.25
C ASP A 382 -38.34 9.20 14.23
N ASP A 383 -37.28 8.72 14.89
CA ASP A 383 -37.36 7.60 15.84
C ASP A 383 -37.33 8.14 17.26
N THR A 384 -38.14 7.58 18.14
CA THR A 384 -38.21 8.09 19.51
C THR A 384 -38.38 6.97 20.52
N ASP A 385 -37.75 7.14 21.68
CA ASP A 385 -37.90 6.22 22.80
C ASP A 385 -38.35 7.01 24.03
N ILE A 386 -39.51 6.66 24.57
CA ILE A 386 -40.17 7.42 25.64
C ILE A 386 -40.38 6.57 26.86
N TYR A 387 -39.90 7.05 28.00
CA TYR A 387 -40.07 6.33 29.26
C TYR A 387 -40.76 7.19 30.29
N TYR A 388 -41.71 6.60 31.01
CA TYR A 388 -42.35 7.24 32.15
C TYR A 388 -42.81 6.20 33.15
N ARG A 389 -43.16 6.67 34.35
CA ARG A 389 -43.68 5.79 35.39
C ARG A 389 -45.10 6.15 35.75
N LYS A 390 -45.93 5.13 35.88
CA LYS A 390 -47.31 5.30 36.33
C LYS A 390 -47.50 4.37 37.52
N ASP A 391 -47.77 4.97 38.69
CA ASP A 391 -47.85 4.24 39.95
C ASP A 391 -46.55 3.50 40.26
N GLY A 392 -45.43 4.07 39.83
CA GLY A 392 -44.13 3.53 40.17
C GLY A 392 -43.50 2.63 39.11
N LYS A 393 -44.34 2.04 38.26
CA LYS A 393 -43.85 1.09 37.25
C LYS A 393 -43.39 1.78 35.97
N LEU A 394 -42.27 1.33 35.42
CA LEU A 394 -41.70 1.94 34.22
C LEU A 394 -42.41 1.46 32.97
N TYR A 395 -42.84 2.42 32.14
CA TYR A 395 -43.45 2.13 30.85
C TYR A 395 -42.58 2.71 29.73
N ARG A 396 -42.68 2.07 28.57
CA ARG A 396 -41.92 2.48 27.40
C ARG A 396 -42.85 2.66 26.19
N ILE A 397 -42.70 3.76 25.46
CA ILE A 397 -43.47 3.94 24.22
C ILE A 397 -42.53 4.16 23.05
N CYS A 398 -42.84 3.54 21.91
CA CYS A 398 -42.01 3.66 20.70
C CYS A 398 -42.89 3.86 19.47
N PRO A 399 -43.47 5.07 19.33
CA PRO A 399 -44.41 5.41 18.26
C PRO A 399 -43.72 5.68 16.95
N ASP A 400 -44.47 5.56 15.84
CA ASP A 400 -43.96 5.94 14.53
C ASP A 400 -44.59 7.25 14.13
N PHE A 401 -43.79 8.19 13.62
CA PHE A 401 -44.34 9.31 12.84
C PHE A 401 -44.57 8.88 11.40
N LYS A 402 -45.67 9.33 10.82
CA LYS A 402 -45.95 9.05 9.42
C LYS A 402 -45.38 10.17 8.56
N GLN A 403 -44.46 9.81 7.66
CA GLN A 403 -43.81 10.73 6.74
C GLN A 403 -43.48 12.07 7.42
N MET A 404 -42.59 12.01 8.38
CA MET A 404 -42.32 13.15 9.25
C MET A 404 -41.86 14.42 8.52
N ASP A 405 -41.10 14.26 7.45
CA ASP A 405 -40.56 15.41 6.74
C ASP A 405 -41.66 16.35 6.23
N GLY A 406 -42.81 15.76 5.90
CA GLY A 406 -43.97 16.55 5.51
C GLY A 406 -44.47 17.46 6.62
N SER A 407 -44.15 17.10 7.87
CA SER A 407 -44.62 17.88 9.02
C SER A 407 -43.60 18.89 9.56
N VAL A 408 -42.38 18.85 9.04
CA VAL A 408 -41.37 19.77 9.54
C VAL A 408 -41.60 21.20 9.03
N ASP A 409 -41.98 22.07 9.96
CA ASP A 409 -42.37 23.44 9.62
C ASP A 409 -41.15 24.31 9.37
N ALA A 410 -41.33 25.33 8.54
CA ALA A 410 -40.30 26.29 8.19
C ALA A 410 -39.72 27.02 9.41
N THR A 411 -40.55 27.26 10.42
CA THR A 411 -40.06 27.96 11.61
C THR A 411 -39.03 27.09 12.33
N THR A 412 -39.29 25.79 12.44
CA THR A 412 -38.35 24.87 13.08
C THR A 412 -37.04 24.83 12.30
N ILE A 413 -37.15 24.75 10.98
CA ILE A 413 -35.99 24.63 10.10
C ILE A 413 -35.09 25.86 10.22
N GLU A 414 -35.67 27.05 10.18
CA GLU A 414 -34.93 28.30 10.34
C GLU A 414 -34.32 28.39 11.74
N ALA A 415 -35.03 27.90 12.75
CA ALA A 415 -34.53 28.00 14.13
C ALA A 415 -33.34 27.04 14.34
N VAL A 416 -33.41 25.86 13.72
CA VAL A 416 -32.28 24.91 13.78
C VAL A 416 -31.04 25.50 13.16
N VAL A 417 -31.19 26.03 11.94
CA VAL A 417 -30.07 26.64 11.23
C VAL A 417 -29.53 27.81 12.05
N ASP A 418 -30.42 28.64 12.59
CA ASP A 418 -29.99 29.77 13.42
C ASP A 418 -29.25 29.24 14.65
N TYR A 419 -29.77 28.16 15.24
CA TYR A 419 -29.15 27.58 16.42
C TYR A 419 -27.72 27.10 16.13
N VAL A 420 -27.57 26.37 15.04
CA VAL A 420 -26.27 25.85 14.63
C VAL A 420 -25.30 26.95 14.22
N VAL A 421 -25.77 27.93 13.46
CA VAL A 421 -24.92 29.06 13.07
C VAL A 421 -24.49 29.86 14.30
N ASP A 422 -25.44 30.16 15.18
CA ASP A 422 -25.13 30.97 16.36
C ASP A 422 -24.16 30.22 17.28
N ALA A 423 -24.29 28.91 17.38
CA ALA A 423 -23.36 28.14 18.20
C ALA A 423 -21.92 28.36 17.75
N HIS A 424 -21.70 28.33 16.43
CA HIS A 424 -20.37 28.53 15.86
C HIS A 424 -19.92 29.98 15.99
N VAL A 425 -20.79 30.93 15.64
CA VAL A 425 -20.35 32.33 15.65
C VAL A 425 -20.20 32.87 17.07
N LYS A 426 -20.88 32.27 18.05
CA LYS A 426 -20.66 32.59 19.45
C LYS A 426 -19.23 32.24 19.83
N GLN A 427 -18.77 31.09 19.36
CA GLN A 427 -17.46 30.58 19.66
C GLN A 427 -16.39 31.19 18.76
N TYR A 428 -16.78 31.53 17.54
CA TYR A 428 -15.85 32.07 16.55
C TYR A 428 -16.41 33.32 15.85
N PRO A 429 -16.54 34.45 16.59
CA PRO A 429 -17.30 35.63 16.13
C PRO A 429 -16.76 36.34 14.89
N THR A 430 -15.48 36.18 14.58
CA THR A 430 -14.88 36.88 13.44
C THR A 430 -15.37 36.37 12.08
N ALA A 431 -16.04 35.22 12.06
CA ALA A 431 -16.57 34.66 10.82
C ALA A 431 -18.11 34.67 10.78
N ARG A 432 -18.70 35.40 11.72
CA ARG A 432 -20.17 35.51 11.82
C ARG A 432 -20.91 35.72 10.50
N GLN A 433 -20.52 36.75 9.75
CA GLN A 433 -21.32 37.15 8.59
C GLN A 433 -21.27 36.17 7.45
N PHE A 434 -20.08 35.61 7.19
CA PHE A 434 -19.94 34.59 6.17
C PHE A 434 -20.88 33.40 6.44
N TRP A 435 -20.87 32.91 7.66
CA TRP A 435 -21.62 31.70 7.95
C TRP A 435 -23.11 32.00 8.12
N GLU A 436 -23.45 33.24 8.46
CA GLU A 436 -24.85 33.64 8.42
C GLU A 436 -25.39 33.59 6.99
N GLU A 437 -24.56 33.99 6.02
CA GLU A 437 -24.95 33.84 4.62
C GLU A 437 -25.09 32.38 4.23
N VAL A 438 -24.19 31.53 4.73
CA VAL A 438 -24.28 30.11 4.46
C VAL A 438 -25.59 29.56 5.04
N GLY A 439 -25.97 30.08 6.20
CA GLY A 439 -27.20 29.67 6.84
C GLY A 439 -28.41 29.93 5.98
N LYS A 440 -28.40 31.05 5.26
CA LYS A 440 -29.52 31.37 4.37
C LYS A 440 -29.60 30.38 3.21
N LEU A 441 -28.45 29.98 2.66
CA LEU A 441 -28.43 28.94 1.61
C LEU A 441 -28.97 27.63 2.16
N TRP A 442 -28.55 27.29 3.37
CA TRP A 442 -29.04 26.10 4.07
C TRP A 442 -30.58 26.07 4.15
N VAL A 443 -31.19 27.16 4.62
CA VAL A 443 -32.63 27.19 4.76
C VAL A 443 -33.28 26.95 3.40
N GLU A 444 -32.77 27.66 2.37
CA GLU A 444 -33.26 27.52 0.99
C GLU A 444 -33.22 26.08 0.52
N MET A 445 -32.09 25.42 0.77
CA MET A 445 -31.90 24.03 0.35
C MET A 445 -32.89 23.13 1.05
N ALA A 446 -33.20 23.43 2.32
CA ALA A 446 -34.07 22.56 3.10
C ALA A 446 -35.54 22.75 2.76
N THR A 447 -35.89 23.88 2.14
CA THR A 447 -37.29 24.26 1.97
C THR A 447 -37.72 24.64 0.55
N GLN A 448 -36.82 25.19 -0.25
CA GLN A 448 -37.24 25.84 -1.50
C GLN A 448 -36.38 25.64 -2.74
N SER A 449 -35.38 24.75 -2.71
CA SER A 449 -34.60 24.52 -3.94
C SER A 449 -35.48 24.11 -5.09
N PRO A 450 -35.27 24.70 -6.26
CA PRO A 450 -35.98 24.18 -7.42
C PRO A 450 -35.43 22.80 -7.75
N PHE A 451 -36.25 21.91 -8.30
CA PHE A 451 -35.73 20.59 -8.63
C PHE A 451 -36.30 20.00 -9.91
N LEU A 452 -35.53 19.13 -10.55
CA LEU A 452 -36.02 18.31 -11.64
C LEU A 452 -36.61 17.02 -11.10
N ILE A 453 -37.54 16.40 -11.84
CA ILE A 453 -38.07 15.10 -11.45
C ILE A 453 -37.79 14.11 -12.56
N ASP A 454 -38.42 14.37 -13.70
CA ASP A 454 -38.26 13.55 -14.88
C ASP A 454 -38.44 14.45 -16.11
N GLY A 455 -37.44 14.48 -16.98
CA GLY A 455 -37.46 15.41 -18.10
C GLY A 455 -36.97 16.80 -17.69
N THR A 456 -37.39 17.81 -18.44
CA THR A 456 -36.85 19.16 -18.29
C THR A 456 -37.64 20.09 -17.37
N LYS A 457 -38.85 19.70 -16.97
CA LYS A 457 -39.66 20.63 -16.18
C LYS A 457 -39.03 20.84 -14.81
N VAL A 458 -38.87 22.10 -14.42
CA VAL A 458 -38.35 22.40 -13.08
C VAL A 458 -39.53 22.67 -12.17
N TYR A 459 -39.44 22.16 -10.95
CA TYR A 459 -40.50 22.27 -9.96
C TYR A 459 -40.01 22.93 -8.68
N ARG A 460 -40.95 23.45 -7.92
CA ARG A 460 -40.63 23.97 -6.60
C ARG A 460 -41.79 23.64 -5.66
N LYS A 461 -41.44 23.32 -4.41
CA LYS A 461 -42.43 23.10 -3.38
C LYS A 461 -43.25 24.39 -3.16
N MET A 462 -44.57 24.25 -3.11
CA MET A 462 -45.49 25.38 -3.08
C MET A 462 -45.31 26.21 -1.81
N GLN A 463 -45.06 25.55 -0.70
CA GLN A 463 -44.92 26.24 0.58
C GLN A 463 -43.51 26.02 1.12
N LYS A 464 -43.06 26.92 1.99
CA LYS A 464 -41.78 26.75 2.66
C LYS A 464 -41.81 25.54 3.60
N ASP A 465 -42.96 25.30 4.23
CA ASP A 465 -43.14 24.13 5.10
C ASP A 465 -42.89 22.80 4.39
N GLY A 466 -42.52 21.78 5.15
CA GLY A 466 -42.13 20.50 4.59
C GLY A 466 -40.62 20.49 4.39
N LEU A 467 -39.95 19.46 4.91
CA LEU A 467 -38.51 19.36 4.77
C LEU A 467 -38.15 18.62 3.47
N MET A 468 -37.21 19.18 2.72
CA MET A 468 -36.76 18.48 1.52
C MET A 468 -35.73 17.41 1.86
N THR A 469 -36.26 16.24 2.22
CA THR A 469 -35.53 15.00 2.54
C THR A 469 -34.27 14.81 1.76
N GLY A 470 -33.16 14.63 2.47
CA GLY A 470 -31.88 14.39 1.83
C GLY A 470 -31.02 15.63 1.85
N VAL A 471 -31.61 16.80 2.10
CA VAL A 471 -30.79 17.99 2.31
C VAL A 471 -29.87 17.67 3.46
N VAL A 472 -28.66 18.22 3.44
CA VAL A 472 -27.77 18.13 4.58
C VAL A 472 -28.47 18.62 5.85
N GLY A 473 -28.34 17.84 6.93
CA GLY A 473 -28.98 18.19 8.18
C GLY A 473 -30.37 17.58 8.36
N THR A 474 -30.77 16.73 7.41
CA THR A 474 -32.10 16.12 7.44
C THR A 474 -32.36 15.51 8.82
N THR A 475 -31.41 14.69 9.28
CA THR A 475 -31.54 14.03 10.58
C THR A 475 -31.72 15.01 11.74
N LEU A 476 -30.90 16.05 11.78
CA LEU A 476 -31.02 17.03 12.84
C LEU A 476 -32.36 17.78 12.79
N PHE A 477 -32.80 18.21 11.60
CA PHE A 477 -34.12 18.85 11.46
C PHE A 477 -35.25 17.95 11.99
N ASP A 478 -35.26 16.68 11.57
CA ASP A 478 -36.21 15.71 12.11
C ASP A 478 -36.15 15.60 13.62
N THR A 479 -34.92 15.48 14.12
CA THR A 479 -34.70 15.22 15.54
C THR A 479 -35.25 16.39 16.36
N VAL A 480 -34.99 17.60 15.89
CA VAL A 480 -35.41 18.78 16.62
C VAL A 480 -36.93 18.92 16.61
N LYS A 481 -37.53 18.73 15.44
CA LYS A 481 -38.98 18.84 15.32
C LYS A 481 -39.65 17.84 16.26
N SER A 482 -39.15 16.61 16.24
CA SER A 482 -39.66 15.58 17.16
C SER A 482 -39.54 16.02 18.64
N ALA A 483 -38.34 16.46 19.03
CA ALA A 483 -38.08 16.85 20.40
C ALA A 483 -38.93 18.04 20.85
N LEU A 484 -39.18 19.00 19.96
CA LEU A 484 -39.98 20.14 20.34
C LEU A 484 -41.41 19.69 20.65
N ALA A 485 -41.94 18.80 19.83
CA ALA A 485 -43.29 18.29 20.03
C ALA A 485 -43.35 17.48 21.33
N TYR A 486 -42.36 16.61 21.54
CA TYR A 486 -42.35 15.76 22.74
C TYR A 486 -42.02 16.55 23.99
N ASN A 487 -41.22 17.60 23.86
CA ASN A 487 -40.95 18.47 25.01
C ASN A 487 -42.23 19.16 25.48
N ASP A 488 -43.04 19.56 24.52
CA ASP A 488 -44.35 20.18 24.82
C ASP A 488 -45.25 19.14 25.47
N TRP A 489 -45.23 17.93 24.92
CA TRP A 489 -45.98 16.80 25.48
C TRP A 489 -45.64 16.61 26.96
N ALA A 490 -44.35 16.61 27.28
CA ALA A 490 -43.89 16.46 28.66
C ALA A 490 -44.34 17.63 29.56
N ASP A 491 -44.26 18.84 29.02
CA ASP A 491 -44.81 20.02 29.69
C ASP A 491 -46.31 19.82 30.03
N GLN A 492 -47.09 19.28 29.12
CA GLN A 492 -48.52 19.07 29.35
C GLN A 492 -48.77 18.04 30.45
N LEU A 493 -47.95 16.99 30.49
CA LEU A 493 -47.99 16.06 31.61
C LEU A 493 -47.84 16.77 32.95
N MET A 494 -46.83 17.66 33.05
CA MET A 494 -46.59 18.37 34.29
C MET A 494 -47.71 19.38 34.57
N PHE A 495 -48.40 19.81 33.52
CA PHE A 495 -49.55 20.68 33.64
C PHE A 495 -50.72 19.89 34.20
N GLY A 496 -50.63 18.56 34.10
CA GLY A 496 -51.62 17.67 34.69
C GLY A 496 -52.51 16.97 33.67
N SER A 497 -52.19 17.11 32.39
CA SER A 497 -52.95 16.45 31.34
C SER A 497 -52.49 15.01 31.14
N LEU A 498 -52.73 14.15 32.14
CA LEU A 498 -52.21 12.78 32.12
C LEU A 498 -52.85 11.90 31.06
N ASN A 499 -53.97 12.31 30.49
CA ASN A 499 -54.64 11.49 29.49
C ASN A 499 -53.82 11.44 28.19
N LEU A 500 -52.83 12.33 28.08
CA LEU A 500 -51.88 12.30 26.95
C LEU A 500 -50.96 11.06 26.99
N LEU A 501 -51.06 10.26 28.04
CA LEU A 501 -50.39 8.97 28.09
C LEU A 501 -51.11 7.97 27.20
N GLU A 502 -52.34 8.31 26.81
CA GLU A 502 -53.21 7.38 26.08
C GLU A 502 -53.18 7.66 24.60
N GLU A 503 -53.17 6.60 23.81
CA GLU A 503 -52.99 6.72 22.37
C GLU A 503 -53.93 7.76 21.73
N LYS A 504 -55.25 7.61 21.94
CA LYS A 504 -56.23 8.52 21.37
C LYS A 504 -55.88 10.00 21.54
N TYR A 505 -55.54 10.39 22.77
CA TYR A 505 -55.25 11.79 23.08
C TYR A 505 -53.85 12.21 22.65
N ALA A 506 -52.90 11.28 22.71
CA ALA A 506 -51.53 11.58 22.31
C ALA A 506 -51.51 11.92 20.84
N ILE A 507 -52.25 11.12 20.06
CA ILE A 507 -52.25 11.26 18.60
C ILE A 507 -52.93 12.57 18.20
N GLU A 508 -54.04 12.87 18.86
CA GLU A 508 -54.74 14.12 18.63
C GLU A 508 -53.84 15.30 18.97
N PHE A 509 -53.17 15.20 20.11
CA PHE A 509 -52.26 16.23 20.57
C PHE A 509 -51.14 16.51 19.56
N PHE A 510 -50.43 15.47 19.13
CA PHE A 510 -49.33 15.67 18.19
C PHE A 510 -49.81 16.23 16.86
N LYS A 511 -51.01 15.81 16.45
CA LYS A 511 -51.61 16.31 15.21
C LYS A 511 -52.06 17.77 15.32
N ASN A 512 -52.93 18.05 16.27
CA ASN A 512 -53.50 19.40 16.43
C ASN A 512 -52.47 20.41 16.91
N LYS A 513 -51.55 20.00 17.78
CA LYS A 513 -50.61 20.97 18.36
C LYS A 513 -49.24 21.04 17.67
N HIS A 514 -48.88 20.06 16.85
CA HIS A 514 -47.56 20.06 16.23
C HIS A 514 -47.53 19.64 14.76
N GLY A 515 -48.70 19.29 14.23
CA GLY A 515 -48.83 18.96 12.82
C GLY A 515 -48.22 17.61 12.53
N LEU A 516 -47.93 16.83 13.57
CA LEU A 516 -47.28 15.53 13.42
C LEU A 516 -48.29 14.40 13.40
N VAL A 517 -48.04 13.41 12.53
CA VAL A 517 -48.93 12.26 12.43
C VAL A 517 -48.30 11.02 13.03
N ILE A 518 -48.81 10.62 14.18
CA ILE A 518 -48.38 9.38 14.80
C ILE A 518 -49.26 8.26 14.27
N LYS A 519 -48.63 7.17 13.86
CA LYS A 519 -49.34 6.07 13.22
C LYS A 519 -50.24 5.35 14.23
N GLU A 520 -51.52 5.18 13.88
CA GLU A 520 -52.46 4.54 14.77
C GLU A 520 -52.03 3.10 15.04
N GLY A 521 -52.12 2.69 16.30
CA GLY A 521 -51.59 1.40 16.72
C GLY A 521 -50.13 1.37 17.13
N THR A 522 -49.41 2.49 17.06
CA THR A 522 -47.99 2.47 17.46
C THR A 522 -47.71 3.20 18.76
N TRP A 523 -48.75 3.74 19.39
CA TRP A 523 -48.62 4.34 20.71
C TRP A 523 -49.14 3.31 21.72
N LYS A 524 -48.25 2.43 22.16
CA LYS A 524 -48.63 1.30 22.99
C LYS A 524 -47.66 1.11 24.14
N PRO A 525 -47.82 1.89 25.23
CA PRO A 525 -46.91 1.78 26.37
C PRO A 525 -46.77 0.34 26.83
N ALA A 526 -45.55 -0.10 27.11
CA ALA A 526 -45.30 -1.48 27.52
C ALA A 526 -44.55 -1.48 28.84
N LEU A 527 -44.87 -2.45 29.67
CA LEU A 527 -44.21 -2.56 30.96
C LEU A 527 -42.76 -2.97 30.76
N VAL A 528 -41.84 -2.20 31.32
CA VAL A 528 -40.43 -2.46 31.16
C VAL A 528 -39.96 -3.47 32.19
N ASN A 529 -39.17 -4.43 31.74
CA ASN A 529 -38.45 -5.32 32.63
C ASN A 529 -37.17 -4.62 33.00
N GLU A 530 -37.16 -3.96 34.16
CA GLU A 530 -36.09 -2.98 34.46
C GLU A 530 -34.74 -3.62 34.70
N ASP A 531 -34.74 -4.82 35.26
CA ASP A 531 -33.50 -5.57 35.45
C ASP A 531 -33.69 -6.98 34.90
N PRO A 532 -33.61 -7.14 33.57
CA PRO A 532 -33.97 -8.41 32.93
C PRO A 532 -33.06 -9.56 33.34
N GLY A 533 -33.60 -10.78 33.41
CA GLY A 533 -32.78 -11.97 33.63
C GLY A 533 -31.96 -12.28 32.37
N PHE A 534 -31.10 -13.29 32.44
CA PHE A 534 -30.37 -13.75 31.27
C PHE A 534 -31.33 -14.23 30.19
N GLY A 535 -31.12 -13.79 28.95
CA GLY A 535 -31.99 -14.16 27.85
C GLY A 535 -33.30 -13.37 27.76
N GLU A 536 -33.54 -12.46 28.70
CA GLU A 536 -34.82 -11.73 28.71
C GLU A 536 -34.74 -10.40 27.97
N LEU A 537 -35.88 -9.97 27.44
CA LEU A 537 -36.02 -8.67 26.78
C LEU A 537 -36.34 -7.54 27.77
N TRP A 538 -35.79 -6.36 27.47
CA TRP A 538 -36.15 -5.08 28.07
C TRP A 538 -37.64 -4.82 27.83
N THR A 539 -38.00 -4.69 26.56
CA THR A 539 -39.37 -4.91 26.09
C THR A 539 -39.25 -5.55 24.72
N GLU A 540 -40.40 -5.78 24.08
CA GLU A 540 -40.44 -6.28 22.70
C GLU A 540 -40.29 -5.19 21.65
N GLN A 541 -40.25 -3.94 22.09
CA GLN A 541 -40.26 -2.82 21.17
C GLN A 541 -38.89 -2.60 20.55
N LYS A 542 -38.86 -1.88 19.43
CA LYS A 542 -37.61 -1.50 18.79
C LYS A 542 -37.33 -0.01 18.96
N PHE A 543 -36.04 0.30 19.04
CA PHE A 543 -35.55 1.66 18.92
C PHE A 543 -34.31 1.58 18.05
N LEU A 544 -34.21 2.48 17.08
CA LEU A 544 -33.18 2.42 16.04
C LEU A 544 -33.20 1.04 15.35
N GLY A 545 -34.39 0.46 15.28
CA GLY A 545 -34.62 -0.78 14.57
C GLY A 545 -34.25 -2.06 15.31
N LEU A 546 -33.93 -1.96 16.59
CA LEU A 546 -33.43 -3.12 17.33
C LEU A 546 -34.06 -3.22 18.72
N GLN A 547 -34.27 -4.45 19.19
CA GLN A 547 -34.74 -4.67 20.55
C GLN A 547 -33.55 -4.64 21.50
N LEU A 548 -33.82 -4.50 22.79
CA LEU A 548 -32.78 -4.54 23.82
C LEU A 548 -32.94 -5.81 24.66
N LYS A 549 -31.81 -6.50 24.84
CA LYS A 549 -31.81 -7.81 25.48
C LYS A 549 -30.66 -7.92 26.47
N VAL A 550 -30.83 -8.76 27.47
CA VAL A 550 -29.75 -9.04 28.40
C VAL A 550 -29.29 -10.46 28.14
N VAL A 551 -27.98 -10.66 28.07
CA VAL A 551 -27.40 -12.00 27.97
C VAL A 551 -26.27 -12.17 28.97
N ARG A 552 -25.83 -13.41 29.13
CA ARG A 552 -24.85 -13.77 30.13
C ARG A 552 -23.42 -13.67 29.59
N ARG A 553 -22.54 -13.05 30.37
CA ARG A 553 -21.10 -13.18 30.17
C ARG A 553 -20.49 -13.58 31.52
N GLU A 554 -20.15 -14.86 31.63
CA GLU A 554 -19.78 -15.48 32.90
C GLU A 554 -20.94 -15.37 33.89
N ASN A 555 -20.83 -14.45 34.85
CA ASN A 555 -21.96 -14.18 35.74
C ASN A 555 -22.43 -12.73 35.62
N GLU A 556 -21.84 -12.00 34.68
CA GLU A 556 -22.22 -10.62 34.44
C GLU A 556 -23.40 -10.52 33.47
N LYS A 557 -24.28 -9.56 33.71
CA LYS A 557 -25.30 -9.22 32.72
C LYS A 557 -24.65 -8.31 31.67
N VAL A 558 -24.87 -8.61 30.40
CA VAL A 558 -24.44 -7.73 29.30
C VAL A 558 -25.66 -7.34 28.46
N TYR A 559 -25.83 -6.03 28.25
CA TYR A 559 -26.94 -5.52 27.47
C TYR A 559 -26.55 -5.48 25.99
N VAL A 560 -27.39 -6.08 25.14
CA VAL A 560 -27.07 -6.23 23.73
C VAL A 560 -28.32 -5.98 22.87
N PRO A 561 -28.15 -5.67 21.57
CA PRO A 561 -29.31 -5.58 20.69
C PRO A 561 -29.83 -6.96 20.29
N ASN A 562 -31.09 -7.00 19.86
CA ASN A 562 -31.71 -8.27 19.50
C ASN A 562 -32.86 -8.06 18.52
N LEU A 563 -33.13 -9.08 17.71
CA LEU A 563 -34.33 -9.09 16.86
C LEU A 563 -34.98 -10.47 16.87
N PRO A 564 -36.28 -10.54 16.58
CA PRO A 564 -36.88 -11.85 16.30
C PRO A 564 -36.24 -12.43 15.05
N PHE A 565 -36.22 -13.76 14.94
CA PHE A 565 -35.62 -14.42 13.79
C PHE A 565 -36.14 -13.89 12.45
N GLU A 566 -37.46 -13.70 12.38
CA GLU A 566 -38.13 -13.22 11.16
C GLU A 566 -37.58 -11.88 10.66
N ASP A 567 -37.22 -10.98 11.57
CA ASP A 567 -36.65 -9.70 11.16
C ASP A 567 -35.19 -9.84 10.66
N TRP A 568 -34.37 -10.65 11.34
CA TRP A 568 -33.04 -10.96 10.82
C TRP A 568 -33.17 -11.56 9.42
N LEU A 569 -34.13 -12.47 9.28
CA LEU A 569 -34.36 -13.14 8.01
C LEU A 569 -34.73 -12.18 6.89
N THR A 570 -35.59 -11.20 7.19
CA THR A 570 -36.00 -10.26 6.15
C THR A 570 -34.81 -9.48 5.63
N MET A 571 -34.03 -8.93 6.56
CA MET A 571 -32.80 -8.23 6.21
C MET A 571 -31.87 -9.12 5.39
N TRP A 572 -31.64 -10.33 5.88
CA TRP A 572 -30.74 -11.26 5.21
C TRP A 572 -31.13 -11.51 3.75
N VAL A 573 -32.39 -11.82 3.49
CA VAL A 573 -32.81 -12.24 2.16
C VAL A 573 -33.06 -11.06 1.21
N THR A 574 -32.98 -9.84 1.75
CA THR A 574 -33.14 -8.67 0.89
C THR A 574 -31.92 -7.76 1.00
N PRO A 575 -30.78 -8.21 0.44
CA PRO A 575 -29.60 -7.35 0.46
C PRO A 575 -29.85 -6.10 -0.38
N ARG A 576 -29.38 -4.95 0.08
CA ARG A 576 -29.55 -3.72 -0.69
C ARG A 576 -28.54 -3.71 -1.84
N SER A 577 -28.80 -4.55 -2.83
CA SER A 577 -27.89 -4.70 -3.96
C SER A 577 -28.64 -5.34 -5.13
N LYS A 578 -28.53 -4.72 -6.30
CA LYS A 578 -29.17 -5.23 -7.50
C LYS A 578 -28.31 -6.30 -8.15
N TYR A 579 -28.90 -7.13 -9.00
CA TYR A 579 -28.15 -8.18 -9.67
C TYR A 579 -27.09 -7.58 -10.59
N ARG A 580 -25.83 -7.77 -10.22
CA ARG A 580 -24.69 -7.31 -11.01
C ARG A 580 -24.03 -8.53 -11.66
N SER A 581 -24.08 -8.58 -13.00
CA SER A 581 -23.54 -9.73 -13.73
C SER A 581 -22.04 -9.58 -13.96
N LYS A 582 -21.48 -8.49 -13.45
CA LYS A 582 -20.05 -8.26 -13.52
C LYS A 582 -19.40 -8.89 -12.29
N GLU A 583 -20.24 -9.28 -11.35
CA GLU A 583 -19.79 -9.92 -10.11
C GLU A 583 -19.39 -11.37 -10.32
N THR A 584 -18.15 -11.66 -9.97
CA THR A 584 -17.64 -13.01 -10.01
C THR A 584 -18.32 -13.86 -8.95
N GLU A 585 -18.26 -15.18 -9.11
CA GLU A 585 -18.79 -16.11 -8.13
C GLU A 585 -18.07 -15.95 -6.80
N THR A 586 -16.75 -15.75 -6.86
CA THR A 586 -15.94 -15.55 -5.65
C THR A 586 -16.40 -14.33 -4.86
N MET A 587 -16.71 -13.26 -5.58
CA MET A 587 -17.22 -12.02 -4.99
C MET A 587 -18.58 -12.24 -4.30
N ARG A 588 -19.43 -13.03 -4.94
CA ARG A 588 -20.75 -13.31 -4.41
C ARG A 588 -20.65 -14.16 -3.15
N GLU A 589 -19.76 -15.14 -3.19
CA GLU A 589 -19.52 -15.99 -2.05
C GLU A 589 -18.93 -15.19 -0.90
N ARG A 590 -18.04 -14.26 -1.23
CA ARG A 590 -17.44 -13.45 -0.19
C ARG A 590 -18.45 -12.46 0.41
N THR A 591 -19.39 -12.00 -0.40
CA THR A 591 -20.44 -11.08 0.07
C THR A 591 -21.32 -11.78 1.11
N LEU A 592 -21.69 -13.02 0.84
CA LEU A 592 -22.52 -13.78 1.76
C LEU A 592 -21.80 -13.88 3.11
N PHE A 593 -20.51 -14.20 3.06
CA PHE A 593 -19.69 -14.30 4.26
C PHE A 593 -19.70 -12.97 5.06
N ASP A 594 -19.43 -11.86 4.38
CA ASP A 594 -19.34 -10.57 5.04
C ASP A 594 -20.68 -10.13 5.61
N ARG A 595 -21.75 -10.35 4.86
CA ARG A 595 -23.07 -9.96 5.33
C ARG A 595 -23.46 -10.79 6.55
N ALA A 596 -23.06 -12.06 6.56
CA ALA A 596 -23.35 -12.91 7.72
C ALA A 596 -22.58 -12.43 8.94
N ARG A 597 -21.31 -12.09 8.75
CA ARG A 597 -20.51 -11.52 9.83
C ARG A 597 -21.19 -10.23 10.33
N GLY A 598 -21.68 -9.43 9.39
CA GLY A 598 -22.35 -8.18 9.74
C GLY A 598 -23.59 -8.37 10.60
N LEU A 599 -24.47 -9.28 10.19
CA LEU A 599 -25.71 -9.47 10.95
C LEU A 599 -25.42 -10.05 12.33
N LEU A 600 -24.49 -10.99 12.41
CA LEU A 600 -24.10 -11.55 13.72
C LEU A 600 -23.67 -10.47 14.70
N VAL A 601 -22.82 -9.56 14.24
CA VAL A 601 -22.28 -8.49 15.07
C VAL A 601 -23.40 -7.53 15.52
N THR A 602 -24.37 -7.33 14.64
CA THR A 602 -25.50 -6.44 14.93
C THR A 602 -26.45 -7.06 15.96
N GLY A 603 -26.24 -8.35 16.27
CA GLY A 603 -27.00 -8.98 17.33
C GLY A 603 -27.73 -10.24 16.90
N ALA A 604 -27.59 -10.63 15.64
CA ALA A 604 -28.19 -11.89 15.20
C ALA A 604 -27.56 -13.09 15.93
N VAL A 605 -26.40 -12.89 16.53
CA VAL A 605 -25.76 -13.97 17.29
C VAL A 605 -26.56 -14.30 18.55
N PHE A 606 -27.46 -13.40 18.97
CA PHE A 606 -28.21 -13.58 20.21
C PHE A 606 -29.60 -14.18 20.01
N ASP A 607 -29.91 -14.50 18.77
CA ASP A 607 -31.07 -15.31 18.45
C ASP A 607 -30.62 -16.66 17.88
N GLU A 608 -31.05 -17.76 18.50
CA GLU A 608 -30.56 -19.11 18.13
C GLU A 608 -30.73 -19.35 16.64
N ARG A 609 -31.90 -19.01 16.12
CA ARG A 609 -32.25 -19.33 14.75
C ARG A 609 -31.47 -18.49 13.74
N ALA A 610 -31.31 -17.20 14.00
CA ALA A 610 -30.51 -16.37 13.11
C ALA A 610 -29.04 -16.74 13.25
N ARG A 611 -28.63 -17.07 14.48
CA ARG A 611 -27.25 -17.49 14.71
C ARG A 611 -26.93 -18.73 13.89
N GLY A 612 -27.85 -19.69 13.91
CA GLY A 612 -27.66 -20.93 13.19
C GLY A 612 -27.61 -20.71 11.69
N LEU A 613 -28.32 -19.70 11.19
CA LEU A 613 -28.38 -19.47 9.76
C LEU A 613 -27.11 -18.77 9.28
N MET A 614 -26.73 -17.69 9.96
CA MET A 614 -25.49 -17.00 9.67
C MET A 614 -24.31 -17.96 9.85
N GLY A 615 -24.42 -18.86 10.83
CA GLY A 615 -23.38 -19.86 11.06
C GLY A 615 -23.20 -20.81 9.88
N ALA A 616 -24.32 -21.26 9.32
CA ALA A 616 -24.29 -22.13 8.14
C ALA A 616 -23.69 -21.42 6.92
N VAL A 617 -24.01 -20.14 6.77
CA VAL A 617 -23.48 -19.36 5.65
C VAL A 617 -21.95 -19.28 5.74
N ILE A 618 -21.49 -18.91 6.93
CA ILE A 618 -20.07 -18.84 7.22
C ILE A 618 -19.36 -20.20 7.03
N ASN A 619 -19.91 -21.27 7.60
CA ASN A 619 -19.26 -22.59 7.50
C ASN A 619 -19.18 -23.08 6.05
N SER A 620 -20.16 -22.67 5.24
CA SER A 620 -20.21 -23.13 3.86
C SER A 620 -19.39 -22.23 2.94
N THR A 621 -18.70 -21.26 3.55
CA THR A 621 -17.82 -20.39 2.79
C THR A 621 -16.48 -21.11 2.62
N ALA A 622 -15.99 -21.16 1.40
CA ALA A 622 -14.75 -21.88 1.09
C ALA A 622 -13.57 -21.28 1.83
N PRO A 623 -12.60 -22.13 2.24
CA PRO A 623 -11.38 -21.68 2.91
C PRO A 623 -10.70 -20.52 2.18
N GLU A 624 -10.53 -20.61 0.87
CA GLU A 624 -9.86 -19.54 0.13
C GLU A 624 -10.69 -18.24 0.10
N VAL A 625 -12.00 -18.35 0.19
CA VAL A 625 -12.82 -17.14 0.22
C VAL A 625 -12.70 -16.45 1.60
N VAL A 626 -12.63 -17.26 2.64
CA VAL A 626 -12.44 -16.75 4.00
C VAL A 626 -11.13 -16.00 4.16
N CYS A 627 -10.06 -16.55 3.57
CA CYS A 627 -8.71 -16.08 3.84
C CYS A 627 -8.12 -15.17 2.79
N MET A 628 -8.79 -15.04 1.64
CA MET A 628 -8.24 -14.17 0.59
C MET A 628 -8.09 -12.71 1.04
N ARG A 629 -7.20 -11.98 0.38
CA ARG A 629 -7.10 -10.55 0.59
C ARG A 629 -8.37 -9.91 0.05
N VAL A 630 -8.99 -9.06 0.87
CA VAL A 630 -10.20 -8.36 0.46
C VAL A 630 -9.96 -6.87 0.50
N GLN A 631 -10.77 -6.12 -0.25
CA GLN A 631 -10.58 -4.69 -0.38
C GLN A 631 -11.43 -3.88 0.60
N GLU A 632 -12.66 -4.32 0.87
CA GLU A 632 -13.54 -3.53 1.73
C GLU A 632 -13.04 -3.48 3.15
N GLY A 633 -13.43 -2.42 3.86
CA GLY A 633 -13.08 -2.22 5.24
C GLY A 633 -11.59 -2.06 5.40
N GLY A 634 -10.94 -1.62 4.32
CA GLY A 634 -9.50 -1.41 4.33
C GLY A 634 -8.74 -2.69 4.52
N GLY A 635 -9.20 -3.75 3.86
CA GLY A 635 -8.59 -5.06 3.96
C GLY A 635 -9.08 -5.87 5.13
N ARG A 636 -10.03 -5.34 5.89
CA ARG A 636 -10.52 -6.01 7.09
C ARG A 636 -11.85 -6.72 6.87
N GLY A 637 -12.44 -6.50 5.69
CA GLY A 637 -13.75 -7.05 5.37
C GLY A 637 -14.84 -5.99 5.51
N ALA A 638 -15.83 -6.04 4.62
CA ALA A 638 -16.97 -5.11 4.66
C ALA A 638 -17.55 -4.97 6.06
N PRO A 639 -17.61 -3.71 6.57
CA PRO A 639 -18.26 -3.42 7.85
C PRO A 639 -19.76 -3.72 7.79
N PRO A 640 -20.39 -3.91 8.96
CA PRO A 640 -21.84 -4.19 8.98
C PRO A 640 -22.61 -3.03 8.38
N ALA A 641 -23.75 -3.30 7.75
CA ALA A 641 -24.54 -2.23 7.17
C ALA A 641 -25.19 -1.35 8.26
N TYR A 642 -25.60 -1.95 9.37
CA TYR A 642 -26.27 -1.20 10.43
C TYR A 642 -25.44 -0.01 10.93
N ALA A 643 -26.10 1.15 10.99
CA ALA A 643 -25.36 2.40 11.04
C ALA A 643 -25.02 2.89 12.45
N PHE A 644 -25.60 2.28 13.48
CA PHE A 644 -25.44 2.87 14.81
C PHE A 644 -24.72 1.99 15.82
N LEU A 645 -23.70 1.27 15.34
CA LEU A 645 -22.87 0.45 16.21
C LEU A 645 -21.92 1.30 17.04
N THR A 646 -21.30 2.28 16.37
CA THR A 646 -20.38 3.25 17.00
C THR A 646 -20.87 4.66 16.63
N ARG A 647 -20.44 5.69 17.35
CA ARG A 647 -20.99 7.02 17.09
C ARG A 647 -20.54 7.57 15.74
N ASP A 648 -19.26 7.43 15.43
CA ASP A 648 -18.75 7.90 14.14
C ASP A 648 -19.25 7.01 13.00
N GLY A 649 -20.00 5.97 13.34
CA GLY A 649 -20.62 5.11 12.35
C GLY A 649 -19.68 4.07 11.79
N VAL A 650 -18.38 4.27 11.96
CA VAL A 650 -17.40 3.39 11.36
C VAL A 650 -17.02 2.22 12.28
N PHE A 651 -17.69 1.09 12.08
CA PHE A 651 -17.26 -0.15 12.71
C PHE A 651 -16.22 -0.82 11.82
N GLU A 652 -15.15 -1.32 12.42
CA GLU A 652 -14.18 -2.05 11.64
C GLU A 652 -13.91 -3.42 12.27
N PHE A 653 -13.91 -4.44 11.42
CA PHE A 653 -13.51 -5.77 11.85
C PHE A 653 -12.02 -5.80 12.09
N PRO A 654 -11.58 -6.54 13.14
CA PRO A 654 -10.16 -6.78 13.43
C PRO A 654 -9.43 -7.51 12.29
N ILE A 655 -10.03 -8.58 11.77
CA ILE A 655 -9.40 -9.37 10.70
C ILE A 655 -10.41 -9.83 9.68
N SER A 656 -9.97 -9.98 8.42
CA SER A 656 -10.90 -10.35 7.36
C SER A 656 -11.22 -11.84 7.38
N ASP A 657 -10.42 -12.63 8.10
CA ASP A 657 -10.67 -14.06 8.16
C ASP A 657 -11.10 -14.51 9.56
N GLY A 658 -11.60 -13.59 10.37
CA GLY A 658 -12.19 -13.96 11.65
C GLY A 658 -13.67 -14.24 11.49
N TYR A 659 -14.26 -14.99 12.42
CA TYR A 659 -15.71 -15.15 12.41
C TYR A 659 -16.23 -14.63 13.74
N PRO A 660 -17.47 -14.12 13.75
CA PRO A 660 -18.00 -13.54 14.97
C PRO A 660 -18.55 -14.56 15.92
N SER A 661 -17.72 -14.99 16.87
CA SER A 661 -18.19 -15.90 17.91
C SER A 661 -19.11 -15.12 18.84
N TYR A 662 -19.91 -15.87 19.59
CA TYR A 662 -20.77 -15.29 20.60
C TYR A 662 -19.93 -14.49 21.60
N ASP A 663 -18.85 -15.10 22.11
CA ASP A 663 -17.99 -14.45 23.09
C ASP A 663 -17.42 -13.15 22.58
N TRP A 664 -16.91 -13.15 21.35
CA TRP A 664 -16.38 -11.92 20.77
C TRP A 664 -17.47 -10.83 20.61
N VAL A 665 -18.67 -11.20 20.19
CA VAL A 665 -19.72 -10.20 19.95
C VAL A 665 -20.17 -9.61 21.27
N VAL A 666 -20.42 -10.48 22.25
CA VAL A 666 -20.73 -10.04 23.60
C VAL A 666 -19.74 -8.99 24.11
N SER A 667 -18.46 -9.22 23.86
CA SER A 667 -17.41 -8.32 24.33
C SER A 667 -17.46 -6.95 23.62
N LEU A 668 -18.00 -6.91 22.41
CA LEU A 668 -18.16 -5.65 21.70
C LEU A 668 -19.16 -4.74 22.41
N TYR A 669 -20.14 -5.34 23.09
CA TYR A 669 -21.22 -4.59 23.72
C TYR A 669 -20.94 -4.29 25.20
N SER A 670 -20.13 -5.14 25.85
CA SER A 670 -19.76 -4.87 27.24
C SER A 670 -18.84 -3.66 27.29
N ARG A 671 -18.74 -3.03 28.47
CA ARG A 671 -17.87 -1.86 28.60
C ARG A 671 -16.43 -2.34 28.60
N ASP A 672 -16.24 -3.56 29.12
CA ASP A 672 -15.36 -4.56 28.52
C ASP A 672 -14.80 -5.64 29.44
N HIS A 673 -14.77 -6.83 28.84
CA HIS A 673 -13.84 -7.90 29.18
C HIS A 673 -13.46 -8.48 27.82
N PRO A 674 -12.67 -7.71 27.02
CA PRO A 674 -12.53 -7.93 25.59
C PRO A 674 -11.81 -9.24 25.25
N CYS A 675 -11.87 -9.61 23.99
CA CYS A 675 -11.05 -10.68 23.46
C CYS A 675 -10.86 -10.48 21.98
N ASP A 676 -9.88 -11.18 21.44
CA ASP A 676 -9.59 -11.12 20.03
C ASP A 676 -10.72 -11.77 19.26
N MET A 677 -10.81 -11.44 17.98
CA MET A 677 -11.73 -12.13 17.11
C MET A 677 -11.16 -13.48 16.71
N PRO A 678 -11.93 -14.56 16.92
CA PRO A 678 -11.41 -15.89 16.59
C PRO A 678 -11.26 -16.10 15.09
N ARG A 679 -10.15 -16.70 14.68
CA ARG A 679 -9.91 -16.99 13.27
C ARG A 679 -10.69 -18.22 12.84
N VAL A 680 -11.15 -18.22 11.60
CA VAL A 680 -11.81 -19.40 11.07
C VAL A 680 -10.79 -20.53 10.93
N PHE A 681 -9.57 -20.16 10.52
CA PHE A 681 -8.46 -21.10 10.40
C PHE A 681 -7.32 -20.60 11.26
N PRO A 682 -7.19 -21.18 12.45
CA PRO A 682 -6.18 -20.83 13.45
C PRO A 682 -4.76 -20.87 12.88
N GLU A 683 -4.53 -21.75 11.91
CA GLU A 683 -3.17 -21.95 11.41
C GLU A 683 -2.99 -21.32 10.03
N ALA A 684 -3.87 -20.41 9.66
CA ALA A 684 -3.87 -19.90 8.30
C ALA A 684 -2.56 -19.17 7.97
N ALA A 685 -2.05 -18.40 8.92
CA ALA A 685 -0.87 -17.57 8.65
C ALA A 685 0.31 -18.42 8.18
N THR A 686 0.50 -19.56 8.84
CA THR A 686 1.67 -20.36 8.56
C THR A 686 1.46 -21.34 7.41
N LEU A 687 0.22 -21.74 7.19
CA LEU A 687 -0.10 -22.58 6.05
C LEU A 687 0.08 -21.76 4.77
N ILE A 688 -0.23 -20.47 4.86
CA ILE A 688 -0.13 -19.57 3.71
C ILE A 688 1.32 -19.15 3.50
N ALA A 689 2.07 -19.01 4.59
CA ALA A 689 3.48 -18.66 4.54
C ALA A 689 4.35 -19.87 4.17
N SER A 690 3.78 -21.07 4.32
CA SER A 690 4.47 -22.33 4.10
C SER A 690 5.66 -22.47 5.07
N TYR A 691 5.51 -21.84 6.23
CA TYR A 691 6.59 -21.78 7.19
C TYR A 691 6.06 -21.74 8.62
N ARG A 692 6.57 -22.66 9.44
CA ARG A 692 6.26 -22.68 10.87
C ARG A 692 7.56 -22.69 11.67
N LYS A 693 7.83 -21.59 12.38
CA LYS A 693 9.05 -21.43 13.15
C LYS A 693 9.38 -22.60 14.07
N GLN A 694 10.60 -23.11 13.92
CA GLN A 694 11.15 -24.09 14.83
C GLN A 694 12.30 -23.44 15.57
N VAL A 695 12.25 -23.44 16.89
CA VAL A 695 13.36 -22.92 17.67
C VAL A 695 14.63 -23.75 17.43
N MET A 696 15.68 -23.08 16.97
CA MET A 696 16.99 -23.72 16.76
C MET A 696 18.07 -22.99 17.56
N ASP A 697 18.49 -23.64 18.64
CA ASP A 697 19.36 -23.07 19.64
C ASP A 697 20.82 -23.13 19.20
N THR A 698 21.46 -21.97 19.14
CA THR A 698 22.86 -21.91 18.72
C THR A 698 23.82 -22.20 19.86
N ARG A 699 23.29 -22.32 21.07
CA ARG A 699 24.13 -22.44 22.26
C ARG A 699 24.34 -23.90 22.67
N VAL A 700 23.97 -24.81 21.80
CA VAL A 700 24.05 -26.24 22.09
C VAL A 700 25.49 -26.74 22.24
N VAL A 701 25.66 -27.76 23.08
CA VAL A 701 26.93 -28.42 23.23
C VAL A 701 27.07 -29.54 22.21
N ILE A 702 28.12 -29.49 21.40
CA ILE A 702 28.30 -30.51 20.37
C ILE A 702 29.46 -31.44 20.75
N LYS A 703 30.56 -30.87 21.21
CA LYS A 703 31.75 -31.61 21.65
C LYS A 703 32.20 -32.66 20.64
N PRO B 41 -23.76 12.13 5.00
CA PRO B 41 -23.32 11.19 3.97
C PRO B 41 -21.95 10.58 4.29
N THR B 42 -21.51 10.76 5.53
CA THR B 42 -20.15 10.42 5.99
C THR B 42 -19.57 9.08 5.53
N ARG B 43 -18.45 9.14 4.79
CA ARG B 43 -17.67 7.96 4.39
C ARG B 43 -16.16 8.29 4.36
N LEU B 44 -15.74 9.25 3.55
CA LEU B 44 -14.41 9.82 3.74
C LEU B 44 -14.29 11.33 3.45
N SER B 45 -13.27 11.95 4.03
CA SER B 45 -13.08 13.39 3.89
C SER B 45 -12.76 13.73 2.45
N LEU B 46 -13.13 14.93 2.03
CA LEU B 46 -12.84 15.37 0.68
C LEU B 46 -11.31 15.36 0.49
N GLU B 47 -10.58 15.68 1.55
CA GLU B 47 -9.13 15.63 1.50
C GLU B 47 -8.65 14.22 1.14
N ALA B 48 -9.18 13.20 1.81
CA ALA B 48 -8.78 11.82 1.48
C ALA B 48 -9.28 11.42 0.11
N MET B 49 -10.44 11.96 -0.28
CA MET B 49 -10.99 11.70 -1.60
C MET B 49 -10.06 12.26 -2.67
N LEU B 50 -9.60 13.48 -2.46
CA LEU B 50 -8.64 14.11 -3.34
C LEU B 50 -7.40 13.26 -3.52
N ALA B 51 -6.85 12.80 -2.40
CA ALA B 51 -5.59 12.05 -2.38
C ALA B 51 -5.74 10.74 -3.13
N GLU B 52 -6.78 9.98 -2.78
CA GLU B 52 -7.12 8.74 -3.49
C GLU B 52 -7.25 8.96 -5.00
N ARG B 53 -7.94 10.04 -5.39
CA ARG B 53 -8.05 10.42 -6.79
C ARG B 53 -6.71 10.59 -7.50
N ALA B 54 -5.74 11.15 -6.78
CA ALA B 54 -4.48 11.57 -7.37
C ALA B 54 -3.52 10.39 -7.46
N MET B 55 -3.67 9.44 -6.56
CA MET B 55 -2.93 8.19 -6.66
C MET B 55 -3.43 7.40 -7.87
N VAL B 56 -4.75 7.40 -8.07
CA VAL B 56 -5.34 6.81 -9.26
C VAL B 56 -4.82 7.51 -10.53
N ALA B 57 -4.80 8.83 -10.51
CA ALA B 57 -4.48 9.63 -11.69
C ALA B 57 -3.07 9.37 -12.22
N ARG B 58 -2.13 9.09 -11.32
CA ARG B 58 -0.73 8.85 -11.69
C ARG B 58 -0.52 7.48 -12.33
N GLN B 59 -1.60 6.71 -12.45
CA GLN B 59 -1.50 5.39 -13.06
C GLN B 59 -2.22 5.37 -14.40
N ASP B 60 -2.81 6.51 -14.74
CA ASP B 60 -3.56 6.65 -15.98
C ASP B 60 -2.76 7.49 -16.98
N LEU B 61 -1.93 6.82 -17.77
CA LEU B 61 -1.01 7.50 -18.68
C LEU B 61 -1.70 8.39 -19.69
N ALA B 62 -2.85 7.95 -20.20
CA ALA B 62 -3.64 8.80 -21.09
C ALA B 62 -3.97 10.13 -20.41
N GLY B 63 -4.48 10.05 -19.18
CA GLY B 63 -4.79 11.23 -18.41
C GLY B 63 -3.59 12.08 -18.02
N LEU B 64 -2.49 11.45 -17.65
CA LEU B 64 -1.28 12.19 -17.31
C LEU B 64 -0.82 12.98 -18.51
N LYS B 65 -0.79 12.31 -19.65
CA LYS B 65 -0.36 12.94 -20.90
C LYS B 65 -1.22 14.17 -21.24
N ARG B 66 -2.54 14.04 -21.07
CA ARG B 66 -3.42 15.15 -21.38
C ARG B 66 -3.22 16.29 -20.37
N LYS B 67 -3.21 15.97 -19.09
CA LYS B 67 -3.14 17.00 -18.06
C LYS B 67 -1.80 17.73 -18.00
N LEU B 68 -0.74 17.07 -18.47
CA LEU B 68 0.59 17.65 -18.43
C LEU B 68 0.90 18.37 -19.76
N ALA B 69 -0.04 18.26 -20.69
CA ALA B 69 0.08 18.76 -22.08
C ALA B 69 1.04 19.93 -22.27
N GLY B 70 0.66 21.11 -21.79
CA GLY B 70 1.48 22.29 -22.00
C GLY B 70 2.17 22.75 -20.74
N ALA B 71 2.48 21.81 -19.86
CA ALA B 71 3.04 22.15 -18.55
C ALA B 71 4.42 22.77 -18.65
N ASP B 72 4.76 23.60 -17.67
CA ASP B 72 6.09 24.17 -17.54
C ASP B 72 7.09 23.04 -17.29
N ARG B 73 8.11 22.91 -18.13
CA ARG B 73 9.08 21.83 -17.94
C ARG B 73 10.47 22.37 -17.66
N VAL B 74 11.07 21.90 -16.57
CA VAL B 74 12.45 22.22 -16.24
C VAL B 74 13.37 21.26 -16.98
N LEU B 75 14.27 21.82 -17.78
CA LEU B 75 15.13 21.04 -18.65
C LEU B 75 16.53 20.87 -18.07
N ALA B 76 17.03 19.64 -18.06
CA ALA B 76 18.41 19.41 -17.67
C ALA B 76 19.33 19.90 -18.78
N PRO B 77 20.59 20.26 -18.45
CA PRO B 77 21.54 20.53 -19.54
C PRO B 77 21.56 19.39 -20.55
N GLN B 78 21.57 19.72 -21.83
CA GLN B 78 21.44 18.69 -22.85
C GLN B 78 22.39 18.96 -24.01
N SER B 79 22.80 17.89 -24.68
CA SER B 79 23.48 18.00 -25.96
C SER B 79 22.40 18.08 -27.03
N PRO B 80 22.68 18.83 -28.11
CA PRO B 80 21.62 19.02 -29.10
C PRO B 80 21.46 17.80 -29.99
N GLU B 81 20.25 17.60 -30.50
CA GLU B 81 20.00 16.51 -31.44
C GLU B 81 20.94 16.57 -32.65
N GLN B 82 21.46 15.42 -33.05
CA GLN B 82 22.42 15.35 -34.16
C GLN B 82 21.93 14.52 -35.34
N CYS B 83 20.89 13.73 -35.16
CA CYS B 83 20.20 13.14 -36.31
C CYS B 83 18.79 12.68 -35.93
N GLY B 84 17.99 12.38 -36.95
CA GLY B 84 16.59 12.07 -36.74
C GLY B 84 16.35 10.70 -36.16
N ARG B 85 15.10 10.49 -35.72
CA ARG B 85 14.62 9.21 -35.19
C ARG B 85 15.05 8.00 -36.02
N GLU B 86 14.70 8.04 -37.31
CA GLU B 86 14.95 6.92 -38.19
C GLU B 86 16.43 6.68 -38.39
N SER B 87 17.18 7.76 -38.59
CA SER B 87 18.62 7.65 -38.77
C SER B 87 19.29 7.01 -37.55
N ALA B 88 18.82 7.37 -36.35
CA ALA B 88 19.39 6.85 -35.10
C ALA B 88 19.15 5.36 -34.94
N GLN B 89 17.91 4.94 -35.15
CA GLN B 89 17.54 3.53 -35.08
C GLN B 89 18.28 2.68 -36.10
N ALA B 90 18.51 3.24 -37.27
CA ALA B 90 19.18 2.52 -38.35
C ALA B 90 20.61 2.20 -37.99
N GLN B 91 21.33 3.21 -37.49
CA GLN B 91 22.73 3.03 -37.14
C GLN B 91 22.85 2.13 -35.91
N ALA B 92 21.89 2.26 -35.01
CA ALA B 92 21.82 1.40 -33.84
C ALA B 92 21.64 -0.06 -34.24
N ARG B 93 20.72 -0.33 -35.17
CA ARG B 93 20.52 -1.69 -35.66
C ARG B 93 21.76 -2.24 -36.37
N SER B 94 22.43 -1.38 -37.14
CA SER B 94 23.67 -1.74 -37.83
C SER B 94 24.72 -2.30 -36.88
N VAL B 95 24.99 -1.55 -35.81
CA VAL B 95 25.93 -1.96 -34.77
C VAL B 95 25.51 -3.27 -34.08
N THR B 96 24.26 -3.31 -33.63
CA THR B 96 23.70 -4.47 -32.95
C THR B 96 23.84 -5.74 -33.77
N SER B 97 23.61 -5.61 -35.08
CA SER B 97 23.72 -6.74 -36.01
C SER B 97 25.14 -7.24 -36.09
N GLU B 98 26.10 -6.32 -36.06
CA GLU B 98 27.51 -6.67 -36.15
C GLU B 98 27.99 -7.34 -34.85
N LEU B 99 27.43 -6.91 -33.73
CA LEU B 99 27.76 -7.50 -32.43
C LEU B 99 27.25 -8.92 -32.30
N LYS B 100 26.01 -9.13 -32.72
CA LYS B 100 25.40 -10.45 -32.67
C LYS B 100 26.21 -11.44 -33.51
N SER B 101 26.65 -11.03 -34.68
CA SER B 101 27.40 -11.91 -35.56
C SER B 101 28.78 -12.21 -34.97
N ALA B 102 29.37 -11.20 -34.33
CA ALA B 102 30.64 -11.39 -33.64
C ALA B 102 30.47 -12.36 -32.46
N VAL B 103 29.36 -12.21 -31.74
CA VAL B 103 29.07 -13.10 -30.62
C VAL B 103 28.85 -14.54 -31.09
N LYS B 104 28.15 -14.69 -32.22
CA LYS B 104 27.82 -16.01 -32.73
C LYS B 104 29.08 -16.73 -33.21
N GLU B 105 29.98 -15.99 -33.86
CA GLU B 105 31.25 -16.56 -34.30
C GLU B 105 32.10 -17.03 -33.12
N ALA B 106 32.11 -16.23 -32.06
CA ALA B 106 32.91 -16.54 -30.87
C ALA B 106 32.29 -17.70 -30.11
N GLN B 107 30.96 -17.79 -30.14
CA GLN B 107 30.26 -18.85 -29.43
C GLN B 107 30.35 -20.19 -30.17
N GLY B 108 30.73 -20.16 -31.44
CA GLY B 108 30.89 -21.38 -32.21
C GLY B 108 32.27 -21.99 -32.07
N LEU B 109 33.18 -21.29 -31.39
CA LEU B 109 34.52 -21.80 -31.13
C LEU B 109 34.48 -23.03 -30.22
N GLU B 110 35.24 -24.06 -30.58
CA GLU B 110 35.29 -25.23 -29.73
C GLU B 110 36.03 -24.88 -28.44
N HIS B 111 35.62 -25.47 -27.34
CA HIS B 111 36.23 -25.21 -26.04
C HIS B 111 37.13 -26.36 -25.63
N GLN B 112 38.13 -26.07 -24.82
CA GLN B 112 39.07 -27.07 -24.34
C GLN B 112 38.40 -27.99 -23.31
N THR B 113 38.97 -29.16 -23.06
CA THR B 113 38.34 -30.15 -22.18
C THR B 113 38.41 -29.77 -20.71
N LEU B 114 37.56 -30.40 -19.91
CA LEU B 114 37.49 -30.16 -18.48
C LEU B 114 38.27 -31.22 -17.68
N ASP B 115 39.31 -31.78 -18.30
CA ASP B 115 40.09 -32.84 -17.66
C ASP B 115 40.86 -32.34 -16.46
N PHE B 116 41.01 -31.01 -16.37
CA PHE B 116 41.76 -30.39 -15.30
C PHE B 116 40.99 -30.38 -13.98
N LEU B 117 39.74 -30.84 -14.00
CA LEU B 117 38.96 -30.94 -12.77
C LEU B 117 38.85 -32.39 -12.35
N GLU B 118 38.68 -32.66 -11.07
CA GLU B 118 38.35 -34.01 -10.65
C GLU B 118 36.91 -34.32 -11.06
N GLN B 119 36.66 -35.55 -11.50
CA GLN B 119 35.31 -35.98 -11.85
C GLN B 119 34.77 -36.90 -10.76
N LEU B 120 33.54 -36.66 -10.34
CA LEU B 120 32.95 -37.36 -9.21
C LEU B 120 31.72 -38.21 -9.58
N GLY B 121 31.53 -38.49 -10.87
CA GLY B 121 30.34 -39.21 -11.29
C GLY B 121 29.10 -38.33 -11.26
N GLU B 122 27.95 -38.93 -11.02
CA GLU B 122 26.68 -38.22 -11.07
C GLU B 122 26.02 -38.25 -9.69
N TYR B 123 25.17 -37.27 -9.42
CA TYR B 123 24.42 -37.24 -8.16
C TYR B 123 22.97 -37.61 -8.38
N PRO B 124 22.38 -38.36 -7.44
CA PRO B 124 20.94 -38.63 -7.45
C PRO B 124 20.11 -37.39 -7.11
N VAL B 125 19.01 -37.19 -7.85
CA VAL B 125 18.07 -36.11 -7.57
C VAL B 125 17.56 -36.22 -6.13
N CYS B 126 17.61 -35.12 -5.39
CA CYS B 126 17.13 -35.09 -4.00
C CYS B 126 15.64 -35.41 -3.93
N GLY B 127 15.27 -36.36 -3.07
CA GLY B 127 13.89 -36.75 -2.94
C GLY B 127 13.19 -36.20 -1.70
N ILE B 128 13.82 -35.25 -1.02
CA ILE B 128 13.24 -34.67 0.18
C ILE B 128 11.94 -33.89 -0.12
N LEU B 129 10.90 -34.25 0.63
CA LEU B 129 9.59 -33.64 0.45
C LEU B 129 9.34 -32.56 1.49
N HIS B 130 8.77 -31.44 1.04
CA HIS B 130 8.26 -30.41 1.94
C HIS B 130 6.74 -30.35 1.78
N GLY B 131 6.04 -30.98 2.71
CA GLY B 131 4.60 -31.10 2.62
C GLY B 131 4.20 -31.79 1.34
N ASP B 132 3.50 -31.05 0.49
CA ASP B 132 2.82 -31.61 -0.68
C ASP B 132 3.70 -31.67 -1.93
N HIS B 133 5.01 -31.47 -1.77
CA HIS B 133 5.87 -31.34 -2.94
C HIS B 133 7.36 -31.61 -2.66
N PRO B 134 8.08 -32.06 -3.69
CA PRO B 134 9.54 -32.28 -3.53
C PRO B 134 10.30 -30.96 -3.57
N VAL B 135 11.37 -30.86 -2.79
CA VAL B 135 12.12 -29.61 -2.73
C VAL B 135 12.85 -29.39 -4.05
N HIS B 136 13.15 -30.49 -4.74
CA HIS B 136 13.65 -30.49 -6.11
C HIS B 136 12.48 -30.74 -7.04
N PRO B 137 11.99 -29.69 -7.72
CA PRO B 137 10.71 -29.81 -8.45
C PRO B 137 10.77 -30.84 -9.57
N SER B 138 9.67 -31.57 -9.77
CA SER B 138 9.61 -32.63 -10.77
C SER B 138 9.79 -32.10 -12.18
N GLY B 139 10.44 -32.90 -13.02
CA GLY B 139 10.61 -32.54 -14.42
C GLY B 139 11.54 -31.37 -14.66
N THR B 140 12.35 -31.01 -13.67
CA THR B 140 13.41 -30.02 -13.87
C THR B 140 14.74 -30.55 -13.33
N HIS B 141 15.82 -30.19 -14.03
CA HIS B 141 17.18 -30.51 -13.62
C HIS B 141 17.33 -31.97 -13.21
N ASN B 142 16.92 -32.84 -14.12
CA ASN B 142 16.77 -34.25 -13.85
C ASN B 142 16.96 -35.04 -15.13
N ASN B 143 18.13 -35.61 -15.31
CA ASN B 143 18.34 -36.55 -16.41
C ASN B 143 18.37 -37.99 -15.88
N ASN B 144 17.35 -38.76 -16.22
CA ASN B 144 17.15 -40.12 -15.73
C ASN B 144 17.46 -40.29 -14.23
N GLY B 145 16.97 -39.37 -13.40
CA GLY B 145 17.18 -39.49 -11.96
C GLY B 145 18.45 -38.85 -11.44
N LYS B 146 19.28 -38.31 -12.34
CA LYS B 146 20.51 -37.63 -11.94
C LYS B 146 20.35 -36.11 -12.11
N VAL B 147 20.95 -35.33 -11.21
CA VAL B 147 20.87 -33.87 -11.29
C VAL B 147 21.54 -33.43 -12.59
N SER B 148 20.91 -32.50 -13.30
CA SER B 148 21.45 -32.01 -14.57
C SER B 148 21.29 -30.49 -14.70
N VAL B 149 22.19 -29.86 -15.45
CA VAL B 149 22.01 -28.45 -15.85
C VAL B 149 22.37 -28.33 -17.33
N LYS B 150 22.00 -27.20 -17.94
CA LYS B 150 22.49 -26.82 -19.26
C LYS B 150 22.94 -25.36 -19.24
N ARG B 151 24.19 -25.10 -19.64
CA ARG B 151 24.69 -23.72 -19.70
C ARG B 151 24.02 -22.95 -20.83
N GLN B 152 23.60 -21.72 -20.56
CA GLN B 152 23.02 -20.89 -21.60
C GLN B 152 24.03 -19.91 -22.19
N PHE B 153 24.36 -20.14 -23.44
CA PHE B 153 25.18 -19.22 -24.20
C PHE B 153 24.34 -18.66 -25.34
N ALA B 154 23.43 -17.77 -25.01
CA ALA B 154 22.47 -17.23 -25.98
C ALA B 154 23.13 -16.22 -26.93
N ALA B 155 22.50 -16.03 -28.08
CA ALA B 155 23.07 -15.21 -29.14
C ALA B 155 22.67 -13.73 -29.04
N GLY B 156 21.55 -13.47 -28.38
CA GLY B 156 21.07 -12.11 -28.22
C GLY B 156 21.98 -11.30 -27.31
N VAL B 157 21.98 -9.99 -27.50
CA VAL B 157 22.74 -9.08 -26.64
C VAL B 157 21.79 -8.11 -25.92
N ASN B 158 22.34 -6.99 -25.46
CA ASN B 158 21.53 -5.94 -24.86
C ASN B 158 20.63 -5.27 -25.92
N THR B 159 19.63 -4.50 -25.50
CA THR B 159 18.71 -3.89 -26.46
C THR B 159 19.32 -2.61 -27.06
N SER B 160 18.63 -2.06 -28.06
CA SER B 160 19.20 -0.99 -28.85
C SER B 160 18.74 0.42 -28.45
N ASP B 161 17.79 0.49 -27.52
CA ASP B 161 17.15 1.77 -27.15
C ASP B 161 18.17 2.83 -26.78
N ALA B 162 19.06 2.47 -25.86
CA ALA B 162 20.03 3.43 -25.32
C ALA B 162 21.01 3.85 -26.39
N LEU B 163 21.42 2.89 -27.22
CA LEU B 163 22.31 3.18 -28.33
C LEU B 163 21.63 4.11 -29.33
N THR B 164 20.33 3.93 -29.53
CA THR B 164 19.59 4.83 -30.42
C THR B 164 19.68 6.27 -29.91
N CYS B 165 19.49 6.47 -28.60
CA CYS B 165 19.66 7.79 -27.98
C CYS B 165 21.07 8.33 -28.20
N ALA B 166 22.08 7.49 -27.98
CA ALA B 166 23.45 7.88 -28.23
C ALA B 166 23.62 8.42 -29.65
N PHE B 167 23.09 7.71 -30.64
CA PHE B 167 23.17 8.16 -32.02
C PHE B 167 22.33 9.43 -32.25
N ARG B 168 21.19 9.51 -31.59
CA ARG B 168 20.33 10.68 -31.75
C ARG B 168 21.02 11.96 -31.27
N PHE B 169 21.79 11.86 -30.18
CA PHE B 169 22.31 13.06 -29.55
C PHE B 169 23.83 13.22 -29.56
N GLU B 170 24.55 12.28 -30.15
CA GLU B 170 26.01 12.36 -30.13
C GLU B 170 26.66 12.02 -31.46
N ASP B 171 27.99 12.15 -31.51
CA ASP B 171 28.75 11.97 -32.75
C ASP B 171 28.69 10.55 -33.27
N SER B 172 28.32 10.41 -34.54
CA SER B 172 28.09 9.11 -35.16
C SER B 172 29.31 8.18 -35.09
N ASP B 173 30.47 8.68 -35.52
CA ASP B 173 31.68 7.87 -35.53
C ASP B 173 32.07 7.41 -34.12
N LEU B 174 32.06 8.33 -33.17
CA LEU B 174 32.46 8.01 -31.81
C LEU B 174 31.51 7.00 -31.15
N VAL B 175 30.21 7.15 -31.38
CA VAL B 175 29.21 6.26 -30.80
C VAL B 175 29.34 4.86 -31.37
N ARG B 176 29.53 4.77 -32.69
CA ARG B 176 29.72 3.49 -33.35
C ARG B 176 30.97 2.77 -32.80
N GLU B 177 32.09 3.47 -32.78
CA GLU B 177 33.36 2.87 -32.36
C GLU B 177 33.28 2.41 -30.91
N THR B 178 32.71 3.26 -30.05
CA THR B 178 32.55 2.93 -28.64
C THR B 178 31.67 1.68 -28.49
N ALA B 179 30.54 1.67 -29.19
CA ALA B 179 29.57 0.59 -29.04
C ALA B 179 30.05 -0.75 -29.62
N LEU B 180 31.02 -0.71 -30.53
CA LEU B 180 31.52 -1.96 -31.10
C LEU B 180 32.55 -2.66 -30.20
N LYS B 181 33.16 -1.94 -29.27
CA LYS B 181 34.24 -2.50 -28.43
C LYS B 181 33.71 -3.45 -27.36
N THR B 182 32.49 -3.19 -26.91
CA THR B 182 31.95 -3.84 -25.73
C THR B 182 30.51 -4.32 -25.96
N THR B 183 30.18 -5.51 -25.47
CA THR B 183 28.79 -5.94 -25.54
C THR B 183 28.35 -6.75 -24.32
N TYR B 184 27.07 -6.63 -23.97
CA TYR B 184 26.49 -7.42 -22.89
C TYR B 184 26.05 -8.77 -23.45
N THR B 185 26.65 -9.85 -22.94
CA THR B 185 26.52 -11.18 -23.53
C THR B 185 26.75 -12.29 -22.50
N ASP B 186 26.13 -13.44 -22.75
CA ASP B 186 26.40 -14.65 -21.98
C ASP B 186 27.85 -15.13 -22.06
N GLY B 187 28.63 -14.58 -22.98
CA GLY B 187 29.99 -15.04 -23.22
C GLY B 187 30.03 -16.26 -24.15
N THR B 188 31.13 -17.01 -24.11
CA THR B 188 31.30 -18.19 -24.95
C THR B 188 31.70 -19.45 -24.17
N TRP B 189 31.40 -20.62 -24.72
CA TRP B 189 31.92 -21.86 -24.17
C TRP B 189 33.44 -21.83 -24.10
N ALA B 190 34.09 -21.36 -25.16
CA ALA B 190 35.55 -21.37 -25.25
C ALA B 190 36.18 -20.48 -24.19
N GLY B 191 35.64 -19.28 -24.01
CA GLY B 191 36.15 -18.35 -23.03
C GLY B 191 35.88 -18.80 -21.61
N PHE B 192 34.71 -19.40 -21.41
CA PHE B 192 34.26 -19.89 -20.10
C PHE B 192 35.18 -21.00 -19.58
N VAL B 193 35.45 -22.00 -20.40
CA VAL B 193 36.33 -23.08 -19.97
C VAL B 193 37.76 -22.56 -19.77
N GLN B 194 38.21 -21.69 -20.66
CA GLN B 194 39.55 -21.11 -20.51
C GLN B 194 39.71 -20.35 -19.18
N ARG B 195 38.70 -19.57 -18.79
CA ARG B 195 38.82 -18.81 -17.55
C ARG B 195 38.61 -19.72 -16.35
N LEU B 196 37.87 -20.80 -16.53
CA LEU B 196 37.63 -21.73 -15.44
C LEU B 196 38.93 -22.48 -15.11
N LYS B 197 39.63 -22.89 -16.16
CA LYS B 197 40.89 -23.60 -16.01
C LYS B 197 41.91 -22.72 -15.31
N MET B 198 41.92 -21.44 -15.66
CA MET B 198 42.86 -20.47 -15.10
C MET B 198 42.64 -20.28 -13.59
N GLN B 199 41.37 -20.32 -13.19
CA GLN B 199 40.95 -20.03 -11.84
C GLN B 199 41.07 -21.24 -10.91
N THR B 200 41.10 -22.43 -11.48
CA THR B 200 41.11 -23.65 -10.67
C THR B 200 42.44 -24.39 -10.65
N THR B 201 43.41 -23.97 -11.46
CA THR B 201 44.65 -24.74 -11.55
C THR B 201 45.92 -23.93 -11.34
N ARG B 202 45.81 -22.74 -10.75
CA ARG B 202 46.99 -21.90 -10.58
C ARG B 202 47.79 -22.30 -9.33
N LYS B 203 49.11 -22.28 -9.46
CA LYS B 203 50.00 -22.51 -8.31
C LYS B 203 49.94 -21.34 -7.33
N CYS B 204 49.47 -21.60 -6.12
CA CYS B 204 49.34 -20.54 -5.13
C CYS B 204 50.50 -20.53 -4.14
N VAL B 205 50.72 -19.38 -3.51
CA VAL B 205 51.63 -19.30 -2.37
C VAL B 205 50.79 -19.19 -1.11
N GLN B 206 51.10 -20.02 -0.12
CA GLN B 206 50.40 -19.97 1.16
C GLN B 206 50.85 -18.75 1.98
N GLU B 207 49.90 -17.91 2.37
CA GLU B 207 50.24 -16.73 3.15
C GLU B 207 50.64 -17.10 4.58
N LYS B 208 51.53 -16.30 5.15
CA LYS B 208 51.81 -16.39 6.58
C LYS B 208 50.94 -15.33 7.25
N VAL B 209 50.04 -15.77 8.11
CA VAL B 209 48.99 -14.90 8.59
C VAL B 209 48.48 -15.47 9.90
N SER B 210 48.26 -14.57 10.86
CA SER B 210 47.80 -14.92 12.20
C SER B 210 46.63 -14.03 12.54
N ARG B 211 45.94 -14.34 13.63
CA ARG B 211 44.86 -13.47 14.11
C ARG B 211 45.41 -12.09 14.46
N LYS B 212 46.68 -12.07 14.87
CA LYS B 212 47.33 -10.83 15.26
C LYS B 212 47.48 -9.91 14.07
N LEU B 213 47.88 -10.47 12.93
CA LEU B 213 48.10 -9.70 11.72
C LEU B 213 46.79 -9.18 11.15
N LEU B 214 45.78 -10.04 11.14
CA LEU B 214 44.45 -9.68 10.66
C LEU B 214 43.80 -8.65 11.57
N LYS B 215 44.12 -8.70 12.86
CA LYS B 215 43.60 -7.70 13.79
C LYS B 215 44.17 -6.34 13.42
N GLN B 216 45.42 -6.35 13.00
CA GLN B 216 46.12 -5.15 12.61
C GLN B 216 45.61 -4.57 11.28
N LEU B 217 45.42 -5.46 10.29
CA LEU B 217 45.06 -5.04 8.94
C LEU B 217 43.55 -4.86 8.79
N PHE B 218 42.80 -5.58 9.61
CA PHE B 218 41.34 -5.53 9.53
C PHE B 218 40.67 -5.35 10.89
N PRO B 219 40.91 -4.20 11.55
CA PRO B 219 40.19 -3.88 12.79
C PRO B 219 38.68 -3.75 12.59
N TYR B 220 37.93 -4.11 13.61
CA TYR B 220 36.48 -4.06 13.54
C TYR B 220 35.96 -3.66 14.90
N ASP B 221 34.67 -3.34 14.94
CA ASP B 221 33.98 -2.98 16.16
C ASP B 221 33.18 -4.16 16.68
N PRO B 222 33.70 -4.83 17.74
CA PRO B 222 33.10 -6.05 18.30
C PRO B 222 31.65 -5.85 18.73
N GLN B 223 31.32 -4.62 19.09
CA GLN B 223 29.94 -4.34 19.52
C GLN B 223 28.99 -4.23 18.33
N LYS B 224 29.54 -4.11 17.11
CA LYS B 224 28.67 -4.10 15.92
C LYS B 224 28.37 -5.50 15.39
N LEU B 225 29.03 -6.52 15.92
CA LEU B 225 28.76 -7.92 15.55
C LEU B 225 27.38 -8.35 16.02
N VAL B 226 26.64 -9.01 15.13
CA VAL B 226 25.33 -9.55 15.47
C VAL B 226 25.47 -10.57 16.60
N ASP B 227 24.50 -10.62 17.52
CA ASP B 227 24.53 -11.63 18.57
C ASP B 227 24.23 -13.01 17.99
N VAL B 228 25.27 -13.72 17.58
CA VAL B 228 25.05 -15.02 16.95
C VAL B 228 24.77 -16.12 17.98
N SER B 229 24.73 -15.75 19.26
CA SER B 229 24.29 -16.66 20.31
C SER B 229 22.77 -16.61 20.49
N GLY B 230 22.08 -15.84 19.64
CA GLY B 230 20.63 -15.84 19.63
C GLY B 230 20.09 -17.03 18.85
N GLU B 231 18.76 -17.16 18.81
CA GLU B 231 18.12 -18.27 18.10
C GLU B 231 18.36 -18.19 16.59
N LEU B 232 18.69 -19.33 15.98
CA LEU B 232 19.15 -19.36 14.59
C LEU B 232 18.14 -18.86 13.55
N SER B 233 16.85 -19.20 13.71
CA SER B 233 15.85 -18.80 12.72
C SER B 233 15.90 -17.29 12.54
N GLU B 234 15.92 -16.58 13.66
CA GLU B 234 15.89 -15.11 13.64
C GLU B 234 17.16 -14.57 12.99
N LEU B 235 18.29 -15.20 13.27
CA LEU B 235 19.55 -14.83 12.65
C LEU B 235 19.48 -14.95 11.13
N VAL B 236 18.97 -16.09 10.66
CA VAL B 236 18.89 -16.35 9.23
C VAL B 236 17.89 -15.42 8.55
N LEU B 237 16.78 -15.11 9.22
CA LEU B 237 15.80 -14.19 8.65
C LEU B 237 16.35 -12.76 8.51
N GLY B 238 17.39 -12.45 9.27
CA GLY B 238 18.04 -11.14 9.20
C GLY B 238 19.05 -10.93 8.07
N ILE B 239 19.45 -11.99 7.38
CA ILE B 239 20.44 -11.81 6.32
C ILE B 239 19.75 -11.30 5.07
N LYS B 240 20.48 -10.56 4.24
CA LYS B 240 19.91 -9.96 3.04
C LYS B 240 20.47 -10.61 1.79
N THR B 241 19.62 -10.83 0.82
CA THR B 241 20.08 -11.44 -0.42
C THR B 241 19.17 -11.01 -1.58
N ASN B 242 19.52 -11.45 -2.79
CA ASN B 242 18.78 -11.09 -4.00
C ASN B 242 17.63 -12.06 -4.24
N ALA B 243 16.41 -11.54 -4.19
CA ALA B 243 15.20 -12.37 -4.20
C ALA B 243 15.08 -13.24 -5.45
N ILE B 244 15.62 -12.75 -6.57
CA ILE B 244 15.48 -13.44 -7.84
C ILE B 244 16.73 -14.17 -8.28
N ALA B 245 17.76 -14.15 -7.45
CA ALA B 245 18.92 -15.00 -7.69
C ALA B 245 18.50 -16.47 -7.58
N SER B 246 19.25 -17.35 -8.23
CA SER B 246 19.02 -18.78 -8.09
C SER B 246 19.25 -19.21 -6.63
N ALA B 247 18.39 -20.09 -6.14
CA ALA B 247 18.57 -20.68 -4.81
C ALA B 247 19.53 -21.89 -4.84
N GLY B 248 19.99 -22.24 -6.04
CA GLY B 248 20.89 -23.37 -6.21
C GLY B 248 20.23 -24.72 -6.02
N PRO B 249 21.04 -25.78 -6.05
CA PRO B 249 20.53 -27.13 -5.79
C PRO B 249 20.20 -27.20 -4.32
N PRO B 250 19.19 -28.01 -3.95
CA PRO B 250 18.33 -28.79 -4.83
C PRO B 250 17.07 -28.04 -5.26
N TYR B 251 16.98 -26.76 -4.96
CA TYR B 251 15.75 -25.99 -5.17
C TYR B 251 15.47 -25.72 -6.64
N TRP B 252 16.50 -25.29 -7.37
CA TRP B 252 16.39 -24.94 -8.79
C TRP B 252 15.28 -23.92 -9.09
N ARG B 253 15.12 -22.97 -8.17
CA ARG B 253 14.14 -21.90 -8.28
C ARG B 253 14.78 -20.63 -7.75
N THR B 254 14.09 -19.49 -7.80
CA THR B 254 14.63 -18.26 -7.24
C THR B 254 14.62 -18.35 -5.74
N LYS B 255 15.43 -17.54 -5.06
CA LYS B 255 15.45 -17.55 -3.61
C LYS B 255 14.09 -17.18 -2.98
N ARG B 256 13.35 -16.25 -3.59
CA ARG B 256 12.05 -15.93 -3.01
C ARG B 256 11.09 -17.11 -3.14
N ASP B 257 11.09 -17.80 -4.28
CA ASP B 257 10.25 -19.00 -4.44
C ASP B 257 10.67 -20.14 -3.50
N ALA B 258 11.98 -20.34 -3.37
CA ALA B 258 12.50 -21.50 -2.65
C ALA B 258 12.48 -21.27 -1.14
N LEU B 259 12.28 -20.03 -0.74
CA LEU B 259 12.50 -19.60 0.64
C LEU B 259 11.76 -20.44 1.68
N PRO B 260 10.46 -20.74 1.48
CA PRO B 260 9.83 -21.57 2.51
C PRO B 260 10.40 -23.00 2.55
N ASP B 261 10.64 -23.63 1.39
CA ASP B 261 11.32 -24.93 1.37
C ASP B 261 12.66 -24.88 2.11
N MET B 262 13.43 -23.82 1.90
CA MET B 262 14.72 -23.68 2.57
C MET B 262 14.54 -23.54 4.07
N LEU B 263 13.70 -22.58 4.47
CA LEU B 263 13.53 -22.26 5.89
C LEU B 263 12.80 -23.32 6.72
N ASP B 264 11.74 -23.87 6.16
CA ASP B 264 10.83 -24.70 6.95
C ASP B 264 11.26 -26.15 6.97
N CYS B 265 12.03 -26.53 5.95
CA CYS B 265 12.30 -27.93 5.68
C CYS B 265 13.80 -28.26 5.76
N VAL B 266 14.59 -27.69 4.85
CA VAL B 266 15.99 -28.07 4.75
C VAL B 266 16.84 -27.54 5.89
N LEU B 267 16.66 -26.27 6.24
CA LEU B 267 17.49 -25.64 7.27
C LEU B 267 17.48 -26.39 8.61
N PRO B 268 16.29 -26.74 9.14
CA PRO B 268 16.29 -27.51 10.39
C PRO B 268 16.91 -28.90 10.24
N LEU B 269 16.78 -29.51 9.07
CA LEU B 269 17.45 -30.77 8.77
C LEU B 269 18.97 -30.58 8.85
N LEU B 270 19.46 -29.51 8.24
CA LEU B 270 20.87 -29.13 8.29
C LEU B 270 21.35 -28.88 9.71
N TYR B 271 20.57 -28.08 10.42
CA TYR B 271 20.86 -27.74 11.81
C TYR B 271 21.02 -28.99 12.66
N ASP B 272 20.05 -29.89 12.53
CA ASP B 272 19.99 -31.09 13.33
C ASP B 272 21.24 -31.94 13.10
N HIS B 273 21.68 -32.08 11.85
CA HIS B 273 22.88 -32.88 11.58
C HIS B 273 24.16 -32.17 12.03
N ILE B 274 24.15 -30.84 12.01
CA ILE B 274 25.30 -30.10 12.51
C ILE B 274 25.49 -30.37 14.00
N VAL B 275 24.42 -30.22 14.78
CA VAL B 275 24.53 -30.30 16.23
C VAL B 275 24.72 -31.74 16.72
N ARG B 276 24.37 -32.71 15.89
CA ARG B 276 24.61 -34.12 16.21
C ARG B 276 25.94 -34.59 15.66
N LYS B 277 26.75 -33.64 15.17
CA LYS B 277 28.00 -33.92 14.47
C LYS B 277 27.80 -35.08 13.50
N ASP B 278 26.87 -34.90 12.58
CA ASP B 278 26.40 -35.99 11.73
C ASP B 278 26.14 -35.49 10.30
N LEU B 279 26.98 -34.56 9.85
CA LEU B 279 26.80 -34.03 8.50
C LEU B 279 27.11 -35.10 7.45
N THR B 280 28.08 -35.96 7.76
CA THR B 280 28.50 -37.03 6.86
C THR B 280 27.30 -37.85 6.36
N THR B 281 26.40 -38.20 7.27
CA THR B 281 25.21 -38.96 6.89
C THR B 281 24.31 -38.16 5.95
N LEU B 282 24.08 -36.89 6.29
CA LEU B 282 23.29 -36.01 5.44
C LEU B 282 23.90 -35.90 4.04
N ARG B 283 25.21 -35.67 3.97
CA ARG B 283 25.93 -35.56 2.70
C ARG B 283 25.82 -36.81 1.84
N ASN B 284 26.03 -37.96 2.49
CA ASN B 284 26.06 -39.24 1.80
C ASN B 284 24.69 -39.66 1.28
N LYS B 285 23.65 -39.33 2.05
CA LYS B 285 22.27 -39.68 1.69
C LYS B 285 21.69 -38.70 0.67
N HIS B 286 21.99 -37.43 0.86
CA HIS B 286 21.38 -36.38 0.05
C HIS B 286 22.41 -35.42 -0.52
N PRO B 287 23.26 -35.90 -1.43
CA PRO B 287 24.41 -35.11 -1.87
C PRO B 287 24.02 -33.85 -2.66
N GLU B 288 22.80 -33.78 -3.20
CA GLU B 288 22.39 -32.55 -3.85
C GLU B 288 22.34 -31.38 -2.86
N LEU B 289 22.21 -31.67 -1.57
CA LEU B 289 22.18 -30.61 -0.56
C LEU B 289 23.52 -29.90 -0.38
N PHE B 290 24.57 -30.37 -1.03
CA PHE B 290 25.90 -29.75 -0.88
C PHE B 290 26.52 -29.43 -2.23
N LEU B 291 25.69 -29.58 -3.26
CA LEU B 291 26.11 -29.38 -4.63
C LEU B 291 26.00 -27.91 -5.05
N ALA B 292 27.01 -27.44 -5.78
CA ALA B 292 26.99 -26.12 -6.36
C ALA B 292 26.78 -26.23 -7.86
N GLU B 293 26.49 -25.09 -8.50
CA GLU B 293 26.45 -25.01 -9.96
C GLU B 293 27.45 -23.99 -10.45
N CYS B 294 28.24 -24.38 -11.45
CA CYS B 294 29.23 -23.48 -12.06
C CYS B 294 28.64 -22.79 -13.28
N LYS B 295 28.57 -21.46 -13.24
CA LYS B 295 27.83 -20.71 -14.25
C LYS B 295 28.70 -19.72 -14.99
N ASN B 296 28.32 -19.44 -16.23
CA ASN B 296 28.96 -18.37 -16.96
C ASN B 296 28.29 -17.06 -16.59
N LYS B 297 29.08 -16.03 -16.31
CA LYS B 297 28.47 -14.75 -15.91
C LYS B 297 28.09 -13.91 -17.12
N THR B 298 26.80 -13.66 -17.28
CA THR B 298 26.36 -12.70 -18.29
C THR B 298 26.85 -11.32 -17.86
N ASP B 299 27.64 -10.67 -18.72
CA ASP B 299 28.28 -9.42 -18.34
C ASP B 299 28.68 -8.55 -19.55
N ARG B 300 29.14 -7.34 -19.26
CA ARG B 300 29.82 -6.54 -20.27
C ARG B 300 31.20 -7.17 -20.54
N TYR B 301 31.42 -7.59 -21.78
CA TYR B 301 32.70 -8.15 -22.18
C TYR B 301 33.30 -7.42 -23.37
N GLU B 302 34.62 -7.36 -23.45
CA GLU B 302 35.29 -6.85 -24.64
C GLU B 302 35.02 -7.82 -25.79
N VAL B 303 34.56 -7.28 -26.91
CA VAL B 303 34.24 -8.06 -28.10
C VAL B 303 35.41 -8.90 -28.59
N GLU B 304 36.59 -8.29 -28.71
CA GLU B 304 37.71 -8.99 -29.32
C GLU B 304 38.24 -10.15 -28.49
N SER B 305 37.94 -10.18 -27.19
CA SER B 305 38.39 -11.32 -26.36
C SER B 305 37.26 -12.25 -25.92
N LEU B 306 36.10 -12.17 -26.58
CA LEU B 306 34.95 -13.00 -26.22
C LEU B 306 35.27 -14.49 -26.16
N GLY B 307 36.14 -14.95 -27.06
CA GLY B 307 36.45 -16.37 -27.15
C GLY B 307 37.46 -16.88 -26.14
N GLU B 308 38.04 -15.98 -25.35
CA GLU B 308 39.10 -16.34 -24.41
C GLU B 308 38.76 -15.98 -22.97
N LYS B 309 37.66 -15.25 -22.79
CA LYS B 309 37.34 -14.70 -21.49
C LYS B 309 35.83 -14.60 -21.25
N THR B 310 35.32 -15.51 -20.42
CA THR B 310 33.97 -15.48 -19.87
C THR B 310 34.10 -15.89 -18.41
N ARG B 311 33.68 -15.03 -17.48
CA ARG B 311 33.90 -15.30 -16.07
C ARG B 311 32.97 -16.39 -15.52
N PRO B 312 33.58 -17.41 -14.91
CA PRO B 312 32.82 -18.41 -14.14
C PRO B 312 32.53 -17.89 -12.75
N TYR B 313 31.44 -18.39 -12.16
CA TYR B 313 31.21 -18.18 -10.75
C TYR B 313 30.37 -19.34 -10.26
N PHE B 314 30.25 -19.51 -8.97
CA PHE B 314 29.56 -20.68 -8.44
C PHE B 314 28.33 -20.29 -7.66
N SER B 315 27.27 -21.08 -7.84
CA SER B 315 26.01 -20.86 -7.15
C SER B 315 25.75 -21.99 -6.14
N HIS B 316 25.82 -21.68 -4.86
CA HIS B 316 25.72 -22.68 -3.79
C HIS B 316 24.28 -22.94 -3.32
N PRO B 317 24.04 -24.05 -2.58
CA PRO B 317 22.69 -24.25 -2.05
C PRO B 317 22.27 -23.12 -1.10
N PHE B 318 21.02 -22.69 -1.22
CA PHE B 318 20.45 -21.56 -0.45
C PHE B 318 20.65 -21.74 1.06
N HIS B 319 20.43 -22.94 1.59
CA HIS B 319 20.57 -23.16 3.04
C HIS B 319 21.99 -22.93 3.50
N LEU B 320 22.95 -23.29 2.65
CA LEU B 320 24.35 -23.11 2.97
C LEU B 320 24.74 -21.62 2.97
N SER B 321 24.38 -20.91 1.90
CA SER B 321 24.81 -19.52 1.76
C SER B 321 24.11 -18.65 2.82
N ALA B 322 22.87 -18.96 3.12
CA ALA B 322 22.10 -18.18 4.09
C ALA B 322 22.68 -18.34 5.47
N LEU B 323 23.04 -19.56 5.82
CA LEU B 323 23.59 -19.83 7.16
C LEU B 323 24.91 -19.07 7.37
N VAL B 324 25.83 -19.24 6.42
CA VAL B 324 27.13 -18.58 6.46
C VAL B 324 27.00 -17.04 6.37
N SER B 325 25.99 -16.57 5.64
CA SER B 325 25.74 -15.13 5.53
C SER B 325 25.50 -14.45 6.90
N VAL B 326 25.01 -15.20 7.89
CA VAL B 326 24.84 -14.64 9.24
C VAL B 326 26.19 -14.10 9.77
N LEU B 327 27.26 -14.87 9.60
CA LEU B 327 28.58 -14.46 10.04
C LEU B 327 29.19 -13.41 9.13
N SER B 328 29.07 -13.64 7.83
CA SER B 328 29.73 -12.82 6.84
C SER B 328 29.15 -11.40 6.80
N GLN B 329 27.84 -11.29 6.85
CA GLN B 329 27.22 -9.96 6.81
C GLN B 329 27.32 -9.24 8.17
N SER B 330 27.30 -10.01 9.25
CA SER B 330 27.56 -9.43 10.56
C SER B 330 28.96 -8.82 10.56
N PHE B 331 29.93 -9.58 10.05
CA PHE B 331 31.31 -9.12 10.10
C PHE B 331 31.58 -7.89 9.22
N SER B 332 31.04 -7.89 8.01
CA SER B 332 31.29 -6.77 7.11
C SER B 332 30.65 -5.49 7.67
N GLY B 333 29.55 -5.67 8.42
CA GLY B 333 28.89 -4.56 9.10
C GLY B 333 29.70 -4.04 10.28
N ALA B 334 30.65 -4.83 10.77
CA ALA B 334 31.43 -4.41 11.92
C ALA B 334 32.81 -3.91 11.54
N LEU B 335 33.22 -4.18 10.31
CA LEU B 335 34.57 -3.80 9.88
C LEU B 335 34.73 -2.30 9.84
N LYS B 336 35.91 -1.85 10.24
CA LYS B 336 36.37 -0.49 10.02
C LYS B 336 36.86 -0.35 8.59
N ILE B 337 36.81 0.84 8.03
CA ILE B 337 37.51 1.10 6.77
C ILE B 337 38.69 2.06 6.98
N MET B 338 39.66 1.95 6.08
CA MET B 338 40.81 2.85 5.88
C MET B 338 40.69 4.24 6.50
N THR B 339 39.57 4.90 6.21
CA THR B 339 39.34 6.29 6.57
C THR B 339 38.81 6.47 7.99
N GLU B 340 38.58 5.36 8.69
CA GLU B 340 38.15 5.40 10.08
C GLU B 340 39.26 4.99 11.03
N ASP B 341 40.28 4.36 10.47
CA ASP B 341 41.36 3.76 11.24
C ASP B 341 42.55 3.60 10.32
N SER B 342 43.60 4.39 10.56
CA SER B 342 44.71 4.46 9.60
C SER B 342 45.67 3.26 9.66
N THR B 343 45.39 2.30 10.56
CA THR B 343 46.10 1.03 10.52
C THR B 343 45.49 0.10 9.47
N SER B 344 44.20 0.29 9.19
CA SER B 344 43.44 -0.63 8.34
C SER B 344 43.77 -0.55 6.86
N PHE B 345 43.95 -1.72 6.27
CA PHE B 345 44.12 -1.87 4.82
C PHE B 345 42.78 -2.01 4.10
N ASN B 346 41.69 -2.01 4.86
CA ASN B 346 40.39 -2.37 4.32
C ASN B 346 39.61 -1.22 3.70
N ALA B 347 39.29 -1.34 2.42
CA ALA B 347 38.37 -0.40 1.77
C ALA B 347 37.00 -1.04 1.54
N TYR B 348 36.86 -2.31 1.91
CA TYR B 348 35.59 -3.02 1.77
C TYR B 348 34.53 -2.40 2.68
N GLY B 349 33.65 -1.60 2.09
CA GLY B 349 32.68 -0.84 2.87
C GLY B 349 32.82 0.66 2.64
N PHE B 350 33.89 1.07 1.96
CA PHE B 350 34.02 2.47 1.54
C PHE B 350 32.90 2.86 0.60
N SER B 351 32.42 4.10 0.73
CA SER B 351 31.46 4.65 -0.22
C SER B 351 31.74 6.11 -0.48
N TRP B 352 31.32 6.59 -1.64
CA TRP B 352 31.74 7.91 -2.13
C TRP B 352 30.94 9.09 -1.55
N THR B 353 29.65 8.90 -1.28
CA THR B 353 28.79 10.04 -0.92
C THR B 353 29.07 10.53 0.53
N ASN B 354 28.49 11.67 0.87
CA ASN B 354 28.56 12.20 2.24
C ASN B 354 30.01 12.38 2.74
N GLY B 355 30.87 12.92 1.88
CA GLY B 355 32.24 13.16 2.27
C GLY B 355 33.21 12.03 1.99
N GLY B 356 32.70 10.88 1.59
CA GLY B 356 33.52 9.71 1.27
C GLY B 356 34.67 9.99 0.33
N ALA B 357 34.33 10.59 -0.81
CA ALA B 357 35.30 10.94 -1.82
C ALA B 357 36.43 11.79 -1.25
N GLU B 358 36.11 12.75 -0.39
CA GLU B 358 37.15 13.59 0.18
C GLU B 358 37.91 12.85 1.27
N ASP B 359 37.22 11.96 1.99
CA ASP B 359 37.87 11.12 3.00
C ASP B 359 39.04 10.35 2.39
N LEU B 360 38.87 9.92 1.14
CA LEU B 360 39.90 9.14 0.48
C LEU B 360 41.17 9.99 0.31
N ALA B 361 40.99 11.22 -0.18
CA ALA B 361 42.12 12.12 -0.42
C ALA B 361 42.80 12.50 0.88
N ILE B 362 42.01 12.66 1.93
CA ILE B 362 42.52 13.07 3.23
C ILE B 362 43.36 11.94 3.82
N TRP B 363 42.84 10.72 3.73
CA TRP B 363 43.59 9.51 4.09
C TRP B 363 44.85 9.31 3.22
N ALA B 364 44.70 9.46 1.91
CA ALA B 364 45.82 9.27 0.99
C ALA B 364 47.00 10.21 1.28
N ARG B 365 46.71 11.47 1.59
CA ARG B 365 47.78 12.46 1.80
C ARG B 365 48.71 12.13 2.97
N GLN B 366 48.23 11.36 3.95
CA GLN B 366 49.06 10.94 5.09
C GLN B 366 50.18 9.97 4.70
N ALA B 367 50.16 9.50 3.45
CA ALA B 367 51.20 8.60 2.97
C ALA B 367 52.56 9.25 3.19
N GLY B 368 53.53 8.45 3.63
CA GLY B 368 54.86 8.98 3.89
C GLY B 368 55.90 8.58 2.87
N GLU B 369 57.12 9.09 3.06
CA GLU B 369 58.22 8.81 2.16
C GLU B 369 58.56 7.31 2.15
N ALA B 370 58.64 6.74 0.95
CA ALA B 370 58.91 5.32 0.78
C ALA B 370 60.23 4.87 1.43
N GLY B 371 60.15 3.94 2.38
CA GLY B 371 61.34 3.44 3.02
C GLY B 371 61.57 4.03 4.41
N LYS B 372 60.80 5.07 4.73
CA LYS B 372 60.95 5.75 6.00
C LYS B 372 59.66 5.78 6.80
N LYS B 373 58.56 6.11 6.12
CA LYS B 373 57.25 6.10 6.75
C LYS B 373 56.27 5.26 5.90
N PRO B 374 55.18 4.76 6.50
CA PRO B 374 54.24 3.87 5.82
C PRO B 374 53.52 4.49 4.61
N PRO B 375 53.25 3.66 3.60
CA PRO B 375 52.37 4.09 2.49
C PRO B 375 50.93 4.11 2.94
N ARG B 376 50.04 4.47 2.02
CA ARG B 376 48.60 4.33 2.27
C ARG B 376 48.08 3.34 1.25
N ILE B 377 47.50 2.25 1.75
CA ILE B 377 47.05 1.15 0.90
C ILE B 377 45.61 0.79 1.25
N ALA B 378 44.74 0.81 0.25
CA ALA B 378 43.35 0.45 0.41
C ALA B 378 42.96 -0.68 -0.53
N CYS B 379 42.45 -1.77 0.04
CA CYS B 379 42.01 -2.91 -0.75
C CYS B 379 40.50 -3.13 -0.69
N TYR B 380 39.85 -3.29 -1.83
CA TYR B 380 38.42 -3.62 -1.91
C TYR B 380 38.31 -4.77 -2.91
N GLY B 381 38.14 -6.00 -2.43
CA GLY B 381 38.16 -7.13 -3.35
C GLY B 381 39.51 -7.18 -4.05
N ASP B 382 39.50 -7.23 -5.38
CA ASP B 382 40.74 -7.27 -6.17
C ASP B 382 41.18 -5.87 -6.63
N ASP B 383 40.53 -4.85 -6.10
CA ASP B 383 40.81 -3.44 -6.42
C ASP B 383 41.63 -2.79 -5.32
N THR B 384 42.64 -2.02 -5.71
CA THR B 384 43.60 -1.50 -4.74
C THR B 384 44.03 -0.08 -5.08
N ASP B 385 44.11 0.77 -4.06
CA ASP B 385 44.59 2.13 -4.23
C ASP B 385 45.85 2.29 -3.40
N ILE B 386 46.96 2.67 -4.02
CA ILE B 386 48.21 2.81 -3.28
C ILE B 386 48.81 4.19 -3.39
N TYR B 387 49.17 4.76 -2.25
CA TYR B 387 49.90 6.02 -2.23
C TYR B 387 51.21 5.89 -1.44
N TYR B 388 52.26 6.48 -1.98
CA TYR B 388 53.53 6.64 -1.28
C TYR B 388 54.11 7.99 -1.67
N ARG B 389 55.08 8.50 -0.91
CA ARG B 389 55.80 9.68 -1.34
C ARG B 389 57.22 9.34 -1.81
N LYS B 390 57.69 10.05 -2.81
CA LYS B 390 59.08 9.96 -3.27
C LYS B 390 59.62 11.38 -3.36
N ASP B 391 60.65 11.68 -2.58
CA ASP B 391 61.21 13.02 -2.48
C ASP B 391 60.11 13.99 -2.10
N GLY B 392 59.20 13.52 -1.24
CA GLY B 392 58.12 14.36 -0.74
C GLY B 392 56.87 14.44 -1.59
N LYS B 393 57.00 14.11 -2.89
CA LYS B 393 55.85 14.17 -3.80
C LYS B 393 54.97 12.93 -3.65
N LEU B 394 53.67 13.14 -3.55
CA LEU B 394 52.72 12.04 -3.44
C LEU B 394 52.53 11.33 -4.80
N TYR B 395 52.64 10.00 -4.81
CA TYR B 395 52.39 9.20 -6.01
C TYR B 395 51.26 8.18 -5.79
N ARG B 396 50.53 7.86 -6.85
CA ARG B 396 49.43 6.90 -6.77
C ARG B 396 49.57 5.74 -7.74
N ILE B 397 49.30 4.52 -7.26
CA ILE B 397 49.33 3.35 -8.11
C ILE B 397 47.98 2.65 -8.07
N CYS B 398 47.52 2.17 -9.23
CA CYS B 398 46.24 1.48 -9.33
C CYS B 398 46.37 0.26 -10.25
N PRO B 399 47.04 -0.79 -9.75
CA PRO B 399 47.28 -1.97 -10.56
C PRO B 399 46.08 -2.89 -10.69
N ASP B 400 46.13 -3.79 -11.66
CA ASP B 400 45.10 -4.81 -11.84
C ASP B 400 45.67 -6.20 -11.55
N PHE B 401 44.95 -6.96 -10.73
CA PHE B 401 45.23 -8.38 -10.58
C PHE B 401 44.53 -9.13 -11.70
N LYS B 402 45.22 -10.10 -12.28
CA LYS B 402 44.62 -10.97 -13.28
C LYS B 402 43.96 -12.17 -12.62
N GLN B 403 42.63 -12.27 -12.73
CA GLN B 403 41.88 -13.46 -12.28
C GLN B 403 42.29 -13.82 -10.85
N MET B 404 42.05 -12.89 -9.95
CA MET B 404 42.59 -12.98 -8.59
C MET B 404 42.17 -14.23 -7.81
N ASP B 405 40.95 -14.71 -8.05
CA ASP B 405 40.41 -15.83 -7.32
C ASP B 405 41.25 -17.11 -7.47
N GLY B 406 41.94 -17.24 -8.60
CA GLY B 406 42.85 -18.35 -8.79
C GLY B 406 44.05 -18.27 -7.89
N SER B 407 44.38 -17.07 -7.41
CA SER B 407 45.58 -16.89 -6.57
C SER B 407 45.31 -16.96 -5.07
N VAL B 408 44.05 -17.03 -4.68
CA VAL B 408 43.71 -17.03 -3.26
C VAL B 408 43.94 -18.40 -2.65
N ASP B 409 44.96 -18.51 -1.80
CA ASP B 409 45.39 -19.78 -1.21
C ASP B 409 44.44 -20.25 -0.12
N ALA B 410 44.39 -21.56 0.09
CA ALA B 410 43.55 -22.14 1.15
C ALA B 410 43.93 -21.67 2.54
N THR B 411 45.20 -21.34 2.75
CA THR B 411 45.65 -20.87 4.05
C THR B 411 44.98 -19.55 4.40
N THR B 412 45.01 -18.61 3.45
CA THR B 412 44.32 -17.34 3.59
C THR B 412 42.83 -17.55 3.84
N ILE B 413 42.21 -18.49 3.13
CA ILE B 413 40.77 -18.70 3.24
C ILE B 413 40.40 -19.22 4.63
N GLU B 414 41.18 -20.18 5.13
CA GLU B 414 40.96 -20.71 6.47
C GLU B 414 41.26 -19.66 7.54
N ALA B 415 42.23 -18.80 7.29
CA ALA B 415 42.52 -17.74 8.26
C ALA B 415 41.38 -16.71 8.34
N VAL B 416 40.75 -16.42 7.20
CA VAL B 416 39.67 -15.43 7.20
C VAL B 416 38.47 -16.00 7.95
N VAL B 417 38.08 -17.22 7.60
CA VAL B 417 36.99 -17.88 8.30
C VAL B 417 37.25 -17.94 9.81
N ASP B 418 38.44 -18.41 10.18
CA ASP B 418 38.80 -18.49 11.59
C ASP B 418 38.70 -17.11 12.25
N TYR B 419 39.23 -16.09 11.59
CA TYR B 419 39.19 -14.73 12.10
C TYR B 419 37.76 -14.24 12.32
N VAL B 420 36.88 -14.48 11.35
CA VAL B 420 35.49 -14.05 11.46
C VAL B 420 34.75 -14.85 12.54
N VAL B 421 34.97 -16.16 12.58
CA VAL B 421 34.35 -17.00 13.62
C VAL B 421 34.82 -16.60 15.02
N ASP B 422 36.14 -16.53 15.21
CA ASP B 422 36.70 -16.11 16.47
C ASP B 422 36.15 -14.75 16.95
N ALA B 423 36.05 -13.78 16.04
CA ALA B 423 35.50 -12.46 16.37
C ALA B 423 34.15 -12.59 17.07
N HIS B 424 33.28 -13.43 16.51
CA HIS B 424 31.96 -13.64 17.07
C HIS B 424 31.98 -14.47 18.36
N VAL B 425 32.81 -15.50 18.44
CA VAL B 425 32.74 -16.37 19.61
C VAL B 425 33.37 -15.70 20.82
N LYS B 426 34.41 -14.88 20.62
CA LYS B 426 35.00 -14.12 21.73
C LYS B 426 33.97 -13.19 22.35
N GLN B 427 33.16 -12.57 21.50
CA GLN B 427 32.11 -11.65 21.92
C GLN B 427 30.88 -12.39 22.43
N TYR B 428 30.65 -13.61 21.93
CA TYR B 428 29.47 -14.38 22.31
C TYR B 428 29.82 -15.86 22.50
N PRO B 429 30.55 -16.18 23.59
CA PRO B 429 31.14 -17.50 23.77
C PRO B 429 30.15 -18.66 23.93
N THR B 430 28.88 -18.38 24.22
CA THR B 430 27.92 -19.46 24.46
C THR B 430 27.55 -20.22 23.18
N ALA B 431 27.87 -19.64 22.03
CA ALA B 431 27.57 -20.27 20.75
C ALA B 431 28.82 -20.65 19.97
N ARG B 432 29.94 -20.80 20.68
CA ARG B 432 31.20 -21.09 20.03
C ARG B 432 31.16 -22.36 19.17
N GLN B 433 30.64 -23.45 19.72
CA GLN B 433 30.72 -24.73 19.02
C GLN B 433 29.87 -24.76 17.76
N PHE B 434 28.65 -24.22 17.82
CA PHE B 434 27.81 -24.22 16.62
C PHE B 434 28.49 -23.46 15.47
N TRP B 435 29.05 -22.30 15.76
CA TRP B 435 29.58 -21.47 14.67
C TRP B 435 30.93 -21.93 14.14
N GLU B 436 31.71 -22.62 14.96
CA GLU B 436 32.95 -23.23 14.45
C GLU B 436 32.61 -24.32 13.42
N GLU B 437 31.54 -25.06 13.67
CA GLU B 437 31.01 -26.02 12.69
C GLU B 437 30.58 -25.33 11.39
N VAL B 438 29.87 -24.21 11.51
CA VAL B 438 29.51 -23.42 10.31
C VAL B 438 30.77 -22.95 9.58
N GLY B 439 31.80 -22.57 10.33
CA GLY B 439 33.07 -22.19 9.75
C GLY B 439 33.70 -23.28 8.88
N LYS B 440 33.59 -24.54 9.31
CA LYS B 440 34.05 -25.67 8.50
C LYS B 440 33.27 -25.80 7.19
N LEU B 441 31.95 -25.68 7.27
CA LEU B 441 31.14 -25.66 6.04
C LEU B 441 31.57 -24.54 5.12
N TRP B 442 31.86 -23.38 5.71
CA TRP B 442 32.21 -22.18 4.94
C TRP B 442 33.47 -22.43 4.10
N VAL B 443 34.48 -23.01 4.73
CA VAL B 443 35.75 -23.28 4.07
C VAL B 443 35.54 -24.27 2.94
N GLU B 444 34.74 -25.30 3.19
CA GLU B 444 34.40 -26.27 2.17
C GLU B 444 33.76 -25.60 0.98
N MET B 445 32.82 -24.69 1.24
CA MET B 445 32.12 -24.00 0.18
C MET B 445 33.07 -23.16 -0.65
N ALA B 446 33.98 -22.45 0.04
CA ALA B 446 34.94 -21.59 -0.60
C ALA B 446 36.01 -22.33 -1.43
N THR B 447 36.19 -23.63 -1.20
CA THR B 447 37.35 -24.30 -1.83
C THR B 447 37.07 -25.64 -2.53
N GLN B 448 36.07 -26.37 -2.03
CA GLN B 448 35.91 -27.78 -2.42
C GLN B 448 34.50 -28.26 -2.74
N SER B 449 33.52 -27.36 -2.85
CA SER B 449 32.16 -27.80 -3.17
C SER B 449 32.19 -28.57 -4.47
N PRO B 450 31.48 -29.71 -4.51
CA PRO B 450 31.31 -30.35 -5.82
C PRO B 450 30.33 -29.52 -6.63
N PHE B 451 30.45 -29.54 -7.96
CA PHE B 451 29.60 -28.71 -8.79
C PHE B 451 29.30 -29.27 -10.16
N LEU B 452 28.14 -28.87 -10.68
CA LEU B 452 27.77 -29.21 -12.04
C LEU B 452 28.25 -28.10 -12.94
N ILE B 453 28.46 -28.40 -14.21
CA ILE B 453 28.82 -27.37 -15.18
C ILE B 453 27.77 -27.42 -16.29
N ASP B 454 27.72 -28.55 -16.98
CA ASP B 454 26.78 -28.77 -18.07
C ASP B 454 26.49 -30.26 -18.18
N GLY B 455 25.23 -30.64 -18.04
CA GLY B 455 24.87 -32.05 -18.02
C GLY B 455 24.93 -32.59 -16.60
N THR B 456 25.10 -33.91 -16.46
CA THR B 456 25.06 -34.57 -15.16
C THR B 456 26.39 -34.82 -14.45
N LYS B 457 27.51 -34.62 -15.15
CA LYS B 457 28.82 -34.87 -14.53
C LYS B 457 29.09 -33.90 -13.39
N VAL B 458 29.41 -34.45 -12.23
CA VAL B 458 29.79 -33.66 -11.07
C VAL B 458 31.32 -33.50 -11.05
N TYR B 459 31.78 -32.27 -10.86
CA TYR B 459 33.20 -31.97 -10.78
C TYR B 459 33.59 -31.43 -9.41
N ARG B 460 34.90 -31.32 -9.21
CA ARG B 460 35.45 -30.62 -8.05
C ARG B 460 36.84 -30.09 -8.40
N LYS B 461 37.17 -28.92 -7.87
CA LYS B 461 38.52 -28.39 -7.96
C LYS B 461 39.52 -29.38 -7.34
N MET B 462 40.59 -29.67 -8.08
CA MET B 462 41.56 -30.68 -7.66
C MET B 462 42.29 -30.24 -6.40
N GLN B 463 42.73 -29.00 -6.39
CA GLN B 463 43.46 -28.48 -5.25
C GLN B 463 42.53 -27.64 -4.39
N LYS B 464 42.87 -27.51 -3.11
CA LYS B 464 42.10 -26.70 -2.20
C LYS B 464 42.29 -25.21 -2.52
N ASP B 465 43.53 -24.85 -2.91
CA ASP B 465 43.86 -23.51 -3.37
C ASP B 465 42.91 -23.00 -4.47
N GLY B 466 42.66 -21.70 -4.47
CA GLY B 466 41.77 -21.14 -5.47
C GLY B 466 40.39 -20.94 -4.85
N LEU B 467 39.87 -19.74 -5.01
CA LEU B 467 38.60 -19.37 -4.41
C LEU B 467 37.43 -19.66 -5.36
N MET B 468 36.39 -20.33 -4.87
CA MET B 468 35.24 -20.55 -5.73
C MET B 468 34.34 -19.31 -5.76
N THR B 469 34.73 -18.39 -6.64
CA THR B 469 34.03 -17.14 -6.93
C THR B 469 32.53 -17.24 -6.81
N GLY B 470 31.96 -16.42 -5.94
CA GLY B 470 30.52 -16.32 -5.79
C GLY B 470 30.10 -16.91 -4.47
N VAL B 471 31.00 -17.67 -3.84
CA VAL B 471 30.78 -18.12 -2.46
C VAL B 471 30.58 -16.88 -1.60
N VAL B 472 29.70 -17.00 -0.62
CA VAL B 472 29.55 -15.95 0.39
C VAL B 472 30.93 -15.60 0.95
N GLY B 473 31.23 -14.30 1.05
CA GLY B 473 32.52 -13.86 1.55
C GLY B 473 33.58 -13.68 0.49
N THR B 474 33.21 -13.90 -0.76
CA THR B 474 34.13 -13.72 -1.88
C THR B 474 34.90 -12.41 -1.80
N THR B 475 34.18 -11.31 -1.55
CA THR B 475 34.85 -10.01 -1.52
C THR B 475 35.88 -9.92 -0.39
N LEU B 476 35.50 -10.40 0.80
CA LEU B 476 36.41 -10.36 1.94
C LEU B 476 37.65 -11.24 1.72
N PHE B 477 37.46 -12.46 1.23
CA PHE B 477 38.60 -13.35 0.92
C PHE B 477 39.57 -12.66 -0.04
N ASP B 478 39.01 -12.02 -1.07
CA ASP B 478 39.82 -11.28 -2.05
C ASP B 478 40.54 -10.13 -1.37
N THR B 479 39.81 -9.37 -0.56
CA THR B 479 40.35 -8.22 0.14
C THR B 479 41.50 -8.61 1.06
N VAL B 480 41.31 -9.67 1.84
CA VAL B 480 42.37 -10.11 2.76
C VAL B 480 43.60 -10.63 2.00
N LYS B 481 43.41 -11.44 0.96
CA LYS B 481 44.56 -11.97 0.21
C LYS B 481 45.42 -10.83 -0.36
N SER B 482 44.75 -9.86 -0.96
CA SER B 482 45.42 -8.69 -1.51
C SER B 482 46.17 -7.90 -0.43
N ALA B 483 45.47 -7.59 0.65
CA ALA B 483 46.03 -6.83 1.76
C ALA B 483 47.28 -7.50 2.31
N LEU B 484 47.22 -8.82 2.48
CA LEU B 484 48.36 -9.59 2.98
C LEU B 484 49.57 -9.42 2.08
N ALA B 485 49.33 -9.44 0.77
CA ALA B 485 50.40 -9.26 -0.21
C ALA B 485 50.93 -7.82 -0.23
N TYR B 486 50.04 -6.84 -0.20
CA TYR B 486 50.51 -5.44 -0.20
C TYR B 486 51.15 -5.06 1.14
N ASN B 487 50.68 -5.65 2.23
CA ASN B 487 51.31 -5.45 3.53
C ASN B 487 52.76 -5.93 3.51
N ASP B 488 52.98 -7.11 2.94
CA ASP B 488 54.33 -7.65 2.80
C ASP B 488 55.17 -6.73 1.91
N TRP B 489 54.53 -6.20 0.87
CA TRP B 489 55.16 -5.29 -0.08
C TRP B 489 55.67 -4.05 0.64
N ALA B 490 54.83 -3.49 1.49
CA ALA B 490 55.14 -2.31 2.28
C ALA B 490 56.35 -2.54 3.19
N ASP B 491 56.32 -3.63 3.94
CA ASP B 491 57.44 -4.02 4.79
C ASP B 491 58.76 -4.07 4.01
N GLN B 492 58.74 -4.63 2.80
CA GLN B 492 59.96 -4.73 1.99
C GLN B 492 60.49 -3.36 1.60
N LEU B 493 59.60 -2.38 1.49
CA LEU B 493 60.01 -1.00 1.27
C LEU B 493 60.75 -0.50 2.51
N MET B 494 60.13 -0.73 3.67
CA MET B 494 60.71 -0.34 4.94
C MET B 494 62.06 -1.01 5.19
N PHE B 495 62.23 -2.21 4.67
CA PHE B 495 63.49 -2.93 4.79
C PHE B 495 64.53 -2.37 3.82
N GLY B 496 64.09 -1.47 2.94
CA GLY B 496 65.00 -0.78 2.03
C GLY B 496 64.95 -1.15 0.55
N SER B 497 64.11 -2.11 0.18
CA SER B 497 63.96 -2.52 -1.21
C SER B 497 63.08 -1.55 -2.02
N LEU B 498 63.63 -0.39 -2.35
CA LEU B 498 62.86 0.66 -3.01
C LEU B 498 62.59 0.36 -4.49
N ASN B 499 63.26 -0.65 -5.05
CA ASN B 499 62.99 -1.01 -6.44
C ASN B 499 61.62 -1.66 -6.61
N LEU B 500 60.96 -1.96 -5.49
CA LEU B 500 59.63 -2.53 -5.57
C LEU B 500 58.57 -1.47 -5.92
N LEU B 501 59.03 -0.23 -6.15
CA LEU B 501 58.16 0.85 -6.62
C LEU B 501 57.99 0.78 -8.13
N GLU B 502 58.81 -0.04 -8.78
CA GLU B 502 58.84 -0.14 -10.23
C GLU B 502 58.14 -1.40 -10.68
N GLU B 503 57.37 -1.30 -11.76
CA GLU B 503 56.53 -2.39 -12.26
C GLU B 503 57.23 -3.73 -12.42
N LYS B 504 58.40 -3.72 -13.06
CA LYS B 504 59.13 -4.96 -13.29
C LYS B 504 59.38 -5.74 -11.99
N TYR B 505 59.83 -5.04 -10.96
CA TYR B 505 60.14 -5.68 -9.71
C TYR B 505 58.88 -6.01 -8.90
N ALA B 506 57.92 -5.09 -8.94
CA ALA B 506 56.66 -5.33 -8.24
C ALA B 506 55.96 -6.55 -8.82
N ILE B 507 55.90 -6.62 -10.15
CA ILE B 507 55.17 -7.71 -10.80
C ILE B 507 55.80 -9.05 -10.37
N GLU B 508 57.13 -9.09 -10.40
CA GLU B 508 57.89 -10.27 -10.00
C GLU B 508 57.63 -10.64 -8.55
N PHE B 509 57.64 -9.63 -7.68
CA PHE B 509 57.42 -9.84 -6.26
C PHE B 509 56.05 -10.46 -5.95
N PHE B 510 55.01 -9.96 -6.61
CA PHE B 510 53.67 -10.44 -6.30
C PHE B 510 53.48 -11.85 -6.86
N LYS B 511 54.11 -12.13 -7.98
CA LYS B 511 54.13 -13.48 -8.53
C LYS B 511 54.86 -14.44 -7.59
N ASN B 512 56.13 -14.16 -7.32
CA ASN B 512 56.98 -15.15 -6.65
C ASN B 512 56.67 -15.29 -5.18
N LYS B 513 56.39 -14.17 -4.52
CA LYS B 513 56.19 -14.20 -3.08
C LYS B 513 54.71 -14.33 -2.67
N HIS B 514 53.78 -14.11 -3.59
CA HIS B 514 52.37 -14.24 -3.24
C HIS B 514 51.48 -14.92 -4.27
N GLY B 515 52.04 -15.31 -5.40
CA GLY B 515 51.27 -16.06 -6.38
C GLY B 515 50.23 -15.20 -7.08
N LEU B 516 50.36 -13.89 -6.97
CA LEU B 516 49.40 -12.99 -7.58
C LEU B 516 49.95 -12.42 -8.88
N VAL B 517 49.10 -12.32 -9.88
CA VAL B 517 49.53 -11.79 -11.17
C VAL B 517 49.04 -10.37 -11.37
N ILE B 518 50.00 -9.45 -11.41
CA ILE B 518 49.69 -8.07 -11.74
C ILE B 518 49.82 -7.88 -13.25
N LYS B 519 48.75 -7.38 -13.86
CA LYS B 519 48.71 -7.13 -15.31
C LYS B 519 49.80 -6.19 -15.73
N GLU B 520 50.62 -6.62 -16.69
CA GLU B 520 51.66 -5.74 -17.22
C GLU B 520 51.05 -4.46 -17.76
N GLY B 521 51.70 -3.34 -17.46
CA GLY B 521 51.23 -2.04 -17.89
C GLY B 521 50.28 -1.34 -16.93
N THR B 522 49.91 -2.01 -15.84
CA THR B 522 48.94 -1.40 -14.94
C THR B 522 49.58 -0.92 -13.64
N TRP B 523 50.87 -1.23 -13.50
CA TRP B 523 51.65 -0.70 -12.40
C TRP B 523 52.36 0.56 -12.89
N LYS B 524 51.67 1.69 -12.86
CA LYS B 524 52.24 2.94 -13.35
C LYS B 524 51.98 4.10 -12.41
N PRO B 525 52.87 4.29 -11.42
CA PRO B 525 52.71 5.36 -10.42
C PRO B 525 52.46 6.72 -11.08
N ALA B 526 51.58 7.52 -10.50
CA ALA B 526 51.23 8.81 -11.09
C ALA B 526 51.29 9.94 -10.06
N LEU B 527 51.81 11.08 -10.48
CA LEU B 527 51.92 12.22 -9.59
C LEU B 527 50.53 12.68 -9.19
N VAL B 528 50.26 12.72 -7.89
CA VAL B 528 48.95 13.10 -7.41
C VAL B 528 48.77 14.61 -7.33
N ASN B 529 47.69 15.13 -7.92
CA ASN B 529 47.35 16.53 -7.68
C ASN B 529 46.70 16.62 -6.30
N GLU B 530 47.51 16.91 -5.29
CA GLU B 530 47.10 16.75 -3.90
C GLU B 530 45.98 17.68 -3.46
N ASP B 531 45.85 18.81 -4.14
CA ASP B 531 44.79 19.76 -3.84
C ASP B 531 44.38 20.36 -5.17
N PRO B 532 43.60 19.60 -5.94
CA PRO B 532 43.21 20.02 -7.28
C PRO B 532 42.34 21.27 -7.24
N GLY B 533 42.50 22.18 -8.19
CA GLY B 533 41.61 23.32 -8.31
C GLY B 533 40.26 22.87 -8.83
N PHE B 534 39.36 23.82 -9.08
CA PHE B 534 38.03 23.46 -9.61
C PHE B 534 38.11 22.82 -11.00
N GLY B 535 37.38 21.72 -11.19
CA GLY B 535 37.37 21.01 -12.45
C GLY B 535 38.58 20.12 -12.71
N GLU B 536 39.50 20.04 -11.76
CA GLU B 536 40.75 19.28 -11.96
C GLU B 536 40.70 17.89 -11.33
N LEU B 537 41.46 16.96 -11.92
CA LEU B 537 41.51 15.59 -11.41
C LEU B 537 42.57 15.41 -10.32
N TRP B 538 42.31 14.42 -9.47
CA TRP B 538 43.24 13.93 -8.46
C TRP B 538 44.38 13.22 -9.20
N THR B 539 44.03 12.19 -9.96
CA THR B 539 44.85 11.68 -11.07
C THR B 539 43.87 11.21 -12.14
N GLU B 540 44.38 10.59 -13.21
CA GLU B 540 43.49 10.05 -14.22
C GLU B 540 43.07 8.62 -13.92
N GLN B 541 43.66 8.03 -12.89
CA GLN B 541 43.43 6.62 -12.60
C GLN B 541 42.06 6.37 -12.00
N LYS B 542 41.66 5.10 -11.93
CA LYS B 542 40.40 4.73 -11.32
C LYS B 542 40.59 3.89 -10.06
N PHE B 543 39.65 4.03 -9.13
CA PHE B 543 39.52 3.15 -8.00
C PHE B 543 38.03 2.90 -7.83
N LEU B 544 37.64 1.63 -7.66
CA LEU B 544 36.24 1.23 -7.69
C LEU B 544 35.58 1.70 -8.98
N GLY B 545 36.34 1.69 -10.06
CA GLY B 545 35.83 2.05 -11.37
C GLY B 545 35.64 3.54 -11.64
N LEU B 546 36.01 4.40 -10.69
CA LEU B 546 35.80 5.84 -10.85
C LEU B 546 37.04 6.68 -10.55
N GLN B 547 37.15 7.81 -11.25
CA GLN B 547 38.16 8.82 -10.95
C GLN B 547 37.74 9.76 -9.82
N LEU B 548 38.70 10.47 -9.25
CA LEU B 548 38.40 11.44 -8.21
C LEU B 548 38.69 12.83 -8.74
N LYS B 549 37.73 13.71 -8.55
CA LYS B 549 37.70 15.04 -9.15
C LYS B 549 37.30 16.09 -8.12
N VAL B 550 37.77 17.32 -8.30
CA VAL B 550 37.26 18.41 -7.49
C VAL B 550 36.35 19.33 -8.31
N VAL B 551 35.18 19.66 -7.78
CA VAL B 551 34.31 20.64 -8.44
C VAL B 551 33.85 21.69 -7.45
N ARG B 552 33.28 22.78 -7.98
CA ARG B 552 32.88 23.92 -7.17
C ARG B 552 31.41 23.88 -6.74
N ARG B 553 31.18 24.05 -5.45
CA ARG B 553 29.84 24.30 -4.94
C ARG B 553 29.92 25.61 -4.21
N GLU B 554 29.20 26.60 -4.74
CA GLU B 554 29.34 28.00 -4.34
C GLU B 554 30.79 28.40 -4.59
N ASN B 555 31.60 28.46 -3.53
CA ASN B 555 33.03 28.66 -3.74
C ASN B 555 33.87 27.73 -2.86
N GLU B 556 33.27 26.59 -2.51
CA GLU B 556 33.94 25.53 -1.78
C GLU B 556 34.29 24.38 -2.73
N LYS B 557 35.37 23.67 -2.43
CA LYS B 557 35.72 22.48 -3.21
C LYS B 557 34.94 21.30 -2.69
N VAL B 558 34.37 20.53 -3.60
CA VAL B 558 33.74 19.26 -3.25
C VAL B 558 34.38 18.15 -4.06
N TYR B 559 34.76 17.08 -3.38
CA TYR B 559 35.40 15.94 -4.03
C TYR B 559 34.31 15.00 -4.57
N VAL B 560 34.43 14.66 -5.85
CA VAL B 560 33.40 13.85 -6.52
C VAL B 560 33.99 12.78 -7.42
N PRO B 561 33.21 11.72 -7.68
CA PRO B 561 33.59 10.73 -8.68
C PRO B 561 33.41 11.27 -10.11
N ASN B 562 34.14 10.69 -11.05
CA ASN B 562 34.21 11.20 -12.40
C ASN B 562 34.67 10.12 -13.37
N LEU B 563 34.20 10.20 -14.61
CA LEU B 563 34.73 9.37 -15.69
C LEU B 563 34.87 10.21 -16.94
N PRO B 564 35.76 9.79 -17.86
CA PRO B 564 35.74 10.48 -19.15
C PRO B 564 34.49 10.08 -19.89
N PHE B 565 34.07 10.93 -20.83
CA PHE B 565 32.85 10.72 -21.59
C PHE B 565 32.74 9.31 -22.17
N GLU B 566 33.84 8.82 -22.74
CA GLU B 566 33.84 7.52 -23.41
C GLU B 566 33.43 6.38 -22.48
N ASP B 567 33.86 6.45 -21.22
CA ASP B 567 33.55 5.37 -20.28
C ASP B 567 32.08 5.42 -19.89
N TRP B 568 31.55 6.63 -19.69
CA TRP B 568 30.11 6.79 -19.46
C TRP B 568 29.36 6.26 -20.65
N LEU B 569 29.87 6.55 -21.85
CA LEU B 569 29.16 6.20 -23.08
C LEU B 569 29.11 4.69 -23.22
N THR B 570 30.21 4.03 -22.92
CA THR B 570 30.25 2.58 -22.94
C THR B 570 29.18 2.00 -22.04
N MET B 571 29.10 2.49 -20.81
CA MET B 571 28.10 2.01 -19.85
C MET B 571 26.68 2.26 -20.36
N TRP B 572 26.46 3.46 -20.86
CA TRP B 572 25.14 3.83 -21.36
C TRP B 572 24.66 2.91 -22.49
N VAL B 573 25.52 2.62 -23.46
CA VAL B 573 25.05 1.89 -24.63
C VAL B 573 25.08 0.37 -24.42
N THR B 574 25.48 -0.07 -23.21
CA THR B 574 25.50 -1.49 -22.89
C THR B 574 24.74 -1.80 -21.61
N PRO B 575 23.41 -1.56 -21.61
CA PRO B 575 22.64 -1.88 -20.40
C PRO B 575 22.75 -3.38 -20.08
N ARG B 576 22.73 -3.71 -18.79
CA ARG B 576 22.87 -5.10 -18.37
C ARG B 576 21.51 -5.78 -18.34
N SER B 577 20.86 -5.82 -19.49
CA SER B 577 19.56 -6.49 -19.60
C SER B 577 19.33 -7.00 -21.01
N LYS B 578 18.77 -8.20 -21.09
CA LYS B 578 18.45 -8.85 -22.36
C LYS B 578 17.23 -8.25 -23.04
N TYR B 579 17.09 -8.52 -24.33
CA TYR B 579 15.84 -8.20 -25.02
C TYR B 579 14.70 -9.06 -24.49
N ARG B 580 13.76 -8.43 -23.79
CA ARG B 580 12.56 -9.11 -23.35
C ARG B 580 11.36 -8.56 -24.12
N SER B 581 10.59 -9.45 -24.75
CA SER B 581 9.45 -9.05 -25.55
C SER B 581 8.26 -8.71 -24.65
N LYS B 582 8.42 -9.00 -23.37
CA LYS B 582 7.41 -8.73 -22.35
C LYS B 582 7.28 -7.23 -22.06
N GLU B 583 8.32 -6.47 -22.35
CA GLU B 583 8.42 -5.06 -21.96
C GLU B 583 7.70 -4.10 -22.93
N THR B 584 6.81 -3.27 -22.39
CA THR B 584 6.10 -2.25 -23.17
C THR B 584 6.99 -1.07 -23.52
N GLU B 585 6.56 -0.24 -24.48
CA GLU B 585 7.33 0.94 -24.86
C GLU B 585 7.43 1.94 -23.69
N THR B 586 6.38 2.03 -22.87
CA THR B 586 6.38 2.89 -21.71
C THR B 586 7.46 2.45 -20.73
N MET B 587 7.54 1.15 -20.51
CA MET B 587 8.51 0.57 -19.61
C MET B 587 9.93 0.83 -20.12
N ARG B 588 10.12 0.73 -21.42
CA ARG B 588 11.43 0.94 -22.04
C ARG B 588 11.86 2.41 -21.96
N GLU B 589 10.93 3.32 -22.26
CA GLU B 589 11.20 4.74 -22.13
C GLU B 589 11.53 5.13 -20.69
N ARG B 590 10.84 4.51 -19.75
CA ARG B 590 11.10 4.81 -18.35
C ARG B 590 12.49 4.34 -17.93
N THR B 591 12.86 3.14 -18.38
CA THR B 591 14.20 2.59 -18.11
C THR B 591 15.30 3.54 -18.56
N LEU B 592 15.11 4.16 -19.72
CA LEU B 592 16.09 5.13 -20.24
C LEU B 592 16.19 6.31 -19.29
N PHE B 593 15.03 6.82 -18.89
CA PHE B 593 14.97 7.91 -17.92
C PHE B 593 15.69 7.53 -16.61
N ASP B 594 15.36 6.38 -16.04
CA ASP B 594 15.95 5.97 -14.77
C ASP B 594 17.46 5.74 -14.87
N ARG B 595 17.91 5.12 -15.96
CA ARG B 595 19.34 4.86 -16.14
C ARG B 595 20.13 6.16 -16.33
N ALA B 596 19.52 7.13 -17.02
CA ALA B 596 20.15 8.44 -17.17
C ALA B 596 20.33 9.08 -15.80
N ARG B 597 19.28 9.07 -14.97
CA ARG B 597 19.41 9.54 -13.59
C ARG B 597 20.53 8.83 -12.82
N GLY B 598 20.61 7.51 -13.02
CA GLY B 598 21.57 6.69 -12.31
C GLY B 598 23.00 7.07 -12.66
N LEU B 599 23.24 7.28 -13.95
CA LEU B 599 24.59 7.63 -14.38
C LEU B 599 24.95 9.03 -13.91
N LEU B 600 24.00 9.97 -13.98
CA LEU B 600 24.24 11.34 -13.48
C LEU B 600 24.70 11.36 -12.02
N VAL B 601 23.96 10.64 -11.16
CA VAL B 601 24.27 10.54 -9.74
C VAL B 601 25.65 9.89 -9.49
N THR B 602 25.99 8.90 -10.30
CA THR B 602 27.26 8.18 -10.17
C THR B 602 28.44 9.10 -10.55
N GLY B 603 28.15 10.18 -11.28
CA GLY B 603 29.13 11.22 -11.54
C GLY B 603 29.14 11.75 -12.96
N ALA B 604 28.31 11.19 -13.83
CA ALA B 604 28.28 11.65 -15.21
C ALA B 604 27.86 13.14 -15.29
N VAL B 605 27.16 13.63 -14.27
CA VAL B 605 26.80 15.05 -14.21
C VAL B 605 28.03 15.94 -14.13
N PHE B 606 29.18 15.39 -13.71
CA PHE B 606 30.39 16.19 -13.60
C PHE B 606 31.28 16.15 -14.84
N ASP B 607 30.86 15.39 -15.85
CA ASP B 607 31.48 15.48 -17.18
C ASP B 607 30.48 16.09 -18.15
N GLU B 608 30.88 17.23 -18.73
CA GLU B 608 29.95 18.07 -19.49
C GLU B 608 29.28 17.30 -20.61
N ARG B 609 30.07 16.50 -21.32
CA ARG B 609 29.57 15.73 -22.44
C ARG B 609 28.63 14.61 -22.04
N ALA B 610 28.98 13.85 -21.01
CA ALA B 610 28.11 12.77 -20.53
C ALA B 610 26.83 13.35 -19.90
N ARG B 611 27.01 14.46 -19.18
CA ARG B 611 25.90 15.21 -18.59
C ARG B 611 24.89 15.59 -19.68
N GLY B 612 25.40 16.22 -20.74
CA GLY B 612 24.60 16.56 -21.90
C GLY B 612 23.85 15.40 -22.55
N LEU B 613 24.44 14.22 -22.54
CA LEU B 613 23.79 13.06 -23.15
C LEU B 613 22.67 12.53 -22.24
N MET B 614 22.96 12.43 -20.95
CA MET B 614 21.95 12.02 -19.99
C MET B 614 20.80 13.04 -19.94
N GLY B 615 21.13 14.33 -19.98
CA GLY B 615 20.12 15.38 -19.98
C GLY B 615 19.21 15.34 -21.20
N ALA B 616 19.79 15.09 -22.37
CA ALA B 616 19.02 14.94 -23.60
C ALA B 616 18.02 13.80 -23.49
N VAL B 617 18.45 12.70 -22.88
CA VAL B 617 17.56 11.56 -22.71
C VAL B 617 16.43 11.90 -21.74
N ILE B 618 16.80 12.52 -20.63
CA ILE B 618 15.83 12.92 -19.62
C ILE B 618 14.82 13.90 -20.18
N ASN B 619 15.32 14.90 -20.93
CA ASN B 619 14.44 15.93 -21.50
C ASN B 619 13.55 15.40 -22.61
N SER B 620 13.96 14.32 -23.27
CA SER B 620 13.17 13.76 -24.36
C SER B 620 12.20 12.69 -23.85
N THR B 621 12.24 12.43 -22.55
CA THR B 621 11.30 11.51 -21.94
C THR B 621 9.92 12.17 -21.82
N ALA B 622 8.87 11.47 -22.24
CA ALA B 622 7.51 12.02 -22.27
C ALA B 622 7.06 12.36 -20.86
N PRO B 623 6.32 13.47 -20.71
CA PRO B 623 5.84 13.90 -19.40
C PRO B 623 5.13 12.80 -18.61
N GLU B 624 4.31 11.99 -19.27
CA GLU B 624 3.55 10.98 -18.55
C GLU B 624 4.48 9.88 -18.01
N VAL B 625 5.57 9.61 -18.72
CA VAL B 625 6.55 8.62 -18.28
C VAL B 625 7.37 9.15 -17.10
N VAL B 626 7.73 10.43 -17.17
CA VAL B 626 8.44 11.09 -16.08
C VAL B 626 7.60 11.07 -14.80
N CYS B 627 6.31 11.32 -14.95
CA CYS B 627 5.45 11.54 -13.77
C CYS B 627 4.65 10.33 -13.31
N MET B 628 4.60 9.27 -14.10
CA MET B 628 3.79 8.11 -13.71
C MET B 628 4.24 7.47 -12.39
N ARG B 629 3.32 6.73 -11.78
CA ARG B 629 3.64 5.90 -10.63
C ARG B 629 4.59 4.79 -11.09
N VAL B 630 5.70 4.62 -10.39
CA VAL B 630 6.67 3.59 -10.75
C VAL B 630 6.88 2.62 -9.58
N GLN B 631 7.12 1.35 -9.89
CA GLN B 631 7.26 0.37 -8.83
C GLN B 631 8.66 0.34 -8.20
N GLU B 632 9.70 0.50 -9.01
CA GLU B 632 11.08 0.41 -8.53
C GLU B 632 11.43 1.46 -7.49
N GLY B 633 12.48 1.16 -6.73
CA GLY B 633 12.98 2.04 -5.68
C GLY B 633 11.91 2.34 -4.66
N GLY B 634 11.00 1.38 -4.46
CA GLY B 634 9.87 1.57 -3.57
C GLY B 634 8.99 2.75 -3.96
N GLY B 635 8.91 3.02 -5.26
CA GLY B 635 8.06 4.08 -5.77
C GLY B 635 8.81 5.34 -6.13
N ARG B 636 10.10 5.39 -5.79
CA ARG B 636 10.87 6.59 -6.05
C ARG B 636 11.78 6.48 -7.25
N GLY B 637 11.68 5.36 -7.98
CA GLY B 637 12.44 5.16 -9.20
C GLY B 637 13.64 4.26 -8.98
N ALA B 638 13.97 3.46 -9.98
CA ALA B 638 15.08 2.50 -9.85
C ALA B 638 16.38 3.19 -9.43
N PRO B 639 16.99 2.70 -8.35
CA PRO B 639 18.25 3.24 -7.82
C PRO B 639 19.39 3.03 -8.81
N PRO B 640 20.50 3.78 -8.66
CA PRO B 640 21.60 3.65 -9.62
C PRO B 640 22.18 2.25 -9.55
N ALA B 641 22.69 1.74 -10.66
CA ALA B 641 23.31 0.43 -10.67
C ALA B 641 24.59 0.39 -9.81
N TYR B 642 25.33 1.50 -9.76
CA TYR B 642 26.64 1.53 -9.11
C TYR B 642 26.53 1.27 -7.60
N ALA B 643 27.35 0.35 -7.10
CA ALA B 643 27.06 -0.28 -5.82
C ALA B 643 27.71 0.36 -4.60
N PHE B 644 28.59 1.33 -4.80
CA PHE B 644 29.30 1.91 -3.67
C PHE B 644 29.06 3.41 -3.47
N LEU B 645 27.82 3.85 -3.67
CA LEU B 645 27.47 5.23 -3.35
C LEU B 645 27.34 5.40 -1.85
N THR B 646 26.66 4.44 -1.20
CA THR B 646 26.46 4.41 0.25
C THR B 646 27.03 3.10 0.79
N ARG B 647 27.32 3.01 2.09
CA ARG B 647 27.95 1.79 2.60
C ARG B 647 27.02 0.59 2.56
N ASP B 648 25.73 0.82 2.82
CA ASP B 648 24.75 -0.27 2.80
C ASP B 648 24.34 -0.64 1.37
N GLY B 649 24.94 0.04 0.40
CA GLY B 649 24.66 -0.24 -1.00
C GLY B 649 23.34 0.36 -1.49
N VAL B 650 22.44 0.66 -0.56
CA VAL B 650 21.14 1.21 -0.93
C VAL B 650 21.17 2.72 -1.11
N PHE B 651 20.86 3.16 -2.33
CA PHE B 651 20.66 4.57 -2.60
C PHE B 651 19.20 4.75 -3.00
N GLU B 652 18.55 5.77 -2.44
CA GLU B 652 17.16 6.01 -2.77
C GLU B 652 16.96 7.45 -3.29
N PHE B 653 16.38 7.57 -4.48
CA PHE B 653 16.01 8.88 -5.01
C PHE B 653 14.92 9.46 -4.12
N PRO B 654 14.96 10.77 -3.89
CA PRO B 654 13.91 11.44 -3.11
C PRO B 654 12.52 11.32 -3.78
N ILE B 655 12.47 11.48 -5.11
CA ILE B 655 11.22 11.48 -5.87
C ILE B 655 11.40 10.85 -7.24
N SER B 656 10.34 10.25 -7.78
CA SER B 656 10.45 9.54 -9.05
C SER B 656 10.38 10.48 -10.24
N ASP B 657 9.93 11.72 -10.00
CA ASP B 657 9.73 12.67 -11.09
C ASP B 657 10.69 13.86 -11.01
N GLY B 658 11.80 13.71 -10.29
CA GLY B 658 12.85 14.71 -10.29
C GLY B 658 14.00 14.32 -11.19
N TYR B 659 14.93 15.26 -11.44
CA TYR B 659 16.12 14.93 -12.21
C TYR B 659 17.38 15.32 -11.45
N PRO B 660 18.51 14.64 -11.71
CA PRO B 660 19.75 14.97 -11.00
C PRO B 660 20.48 16.16 -11.61
N SER B 661 20.23 17.34 -11.03
CA SER B 661 20.96 18.55 -11.38
C SER B 661 22.35 18.50 -10.74
N TYR B 662 23.25 19.30 -11.28
CA TYR B 662 24.58 19.49 -10.72
C TYR B 662 24.50 19.84 -9.21
N ASP B 663 23.68 20.82 -8.85
CA ASP B 663 23.59 21.27 -7.46
C ASP B 663 23.10 20.14 -6.54
N TRP B 664 22.13 19.36 -6.99
CA TRP B 664 21.61 18.30 -6.17
C TRP B 664 22.61 17.14 -6.02
N VAL B 665 23.28 16.77 -7.11
CA VAL B 665 24.26 15.69 -7.05
C VAL B 665 25.47 16.06 -6.20
N VAL B 666 25.95 17.29 -6.36
CA VAL B 666 27.15 17.72 -5.66
C VAL B 666 26.88 17.77 -4.16
N SER B 667 25.62 17.95 -3.78
CA SER B 667 25.23 17.99 -2.37
C SER B 667 25.21 16.59 -1.77
N LEU B 668 24.99 15.56 -2.59
CA LEU B 668 25.13 14.18 -2.14
C LEU B 668 26.58 13.86 -1.72
N TYR B 669 27.55 14.45 -2.41
CA TYR B 669 28.95 14.11 -2.16
C TYR B 669 29.60 14.98 -1.08
N SER B 670 29.08 16.18 -0.88
CA SER B 670 29.59 17.01 0.22
C SER B 670 28.91 16.59 1.52
N ARG B 671 29.50 16.98 2.64
CA ARG B 671 28.99 16.64 3.96
C ARG B 671 27.75 17.47 4.33
N ASP B 672 27.54 18.58 3.63
CA ASP B 672 26.31 19.35 3.74
C ASP B 672 25.09 18.48 3.43
N HIS B 673 23.99 18.76 4.12
CA HIS B 673 22.73 18.07 3.84
C HIS B 673 22.34 18.31 2.39
N PRO B 674 21.99 17.23 1.68
CA PRO B 674 21.57 17.33 0.27
C PRO B 674 20.36 18.25 0.08
N CYS B 675 20.49 19.22 -0.82
CA CYS B 675 19.39 20.10 -1.16
C CYS B 675 18.28 19.31 -1.86
N ASP B 676 17.20 19.98 -2.21
CA ASP B 676 16.08 19.33 -2.86
C ASP B 676 16.45 18.81 -4.24
N MET B 677 15.87 17.68 -4.63
CA MET B 677 15.97 17.24 -6.00
C MET B 677 14.93 18.00 -6.81
N PRO B 678 15.36 18.71 -7.87
CA PRO B 678 14.41 19.55 -8.59
C PRO B 678 13.44 18.74 -9.42
N ARG B 679 12.17 19.13 -9.41
CA ARG B 679 11.15 18.45 -10.18
C ARG B 679 11.29 18.79 -11.66
N VAL B 680 11.03 17.83 -12.53
CA VAL B 680 10.97 18.13 -13.95
C VAL B 680 9.75 19.04 -14.28
N PHE B 681 8.62 18.78 -13.62
CA PHE B 681 7.40 19.58 -13.79
C PHE B 681 6.94 20.09 -12.44
N PRO B 682 7.35 21.30 -12.07
CA PRO B 682 7.07 21.85 -10.74
C PRO B 682 5.57 21.88 -10.41
N GLU B 683 4.71 21.93 -11.42
CA GLU B 683 3.27 22.00 -11.17
C GLU B 683 2.57 20.66 -11.39
N ALA B 684 3.33 19.58 -11.52
CA ALA B 684 2.71 18.29 -11.86
C ALA B 684 1.60 17.91 -10.86
N ALA B 685 1.88 18.05 -9.56
CA ALA B 685 0.95 17.65 -8.52
C ALA B 685 -0.39 18.37 -8.63
N THR B 686 -0.37 19.69 -8.67
CA THR B 686 -1.64 20.44 -8.80
C THR B 686 -2.31 20.15 -10.14
N LEU B 687 -1.51 19.96 -11.19
CA LEU B 687 -2.03 19.66 -12.52
C LEU B 687 -2.70 18.29 -12.55
N ILE B 688 -2.08 17.31 -11.91
CA ILE B 688 -2.63 15.96 -11.86
C ILE B 688 -3.91 15.91 -11.00
N ALA B 689 -3.90 16.64 -9.89
CA ALA B 689 -5.07 16.69 -9.01
C ALA B 689 -6.21 17.54 -9.59
N SER B 690 -5.90 18.33 -10.62
CA SER B 690 -6.84 19.27 -11.22
C SER B 690 -7.38 20.24 -10.17
N TYR B 691 -6.54 20.55 -9.19
CA TYR B 691 -6.95 21.42 -8.12
C TYR B 691 -5.77 22.26 -7.62
N ARG B 692 -5.94 23.58 -7.63
CA ARG B 692 -4.95 24.47 -7.04
C ARG B 692 -5.60 25.34 -5.98
N LYS B 693 -5.14 25.16 -4.75
CA LYS B 693 -5.72 25.83 -3.59
C LYS B 693 -5.82 27.33 -3.80
N GLN B 694 -6.97 27.89 -3.40
CA GLN B 694 -7.18 29.34 -3.34
C GLN B 694 -7.58 29.69 -1.92
N VAL B 695 -6.95 30.71 -1.34
CA VAL B 695 -7.30 31.14 -0.01
C VAL B 695 -8.67 31.83 -0.03
N MET B 696 -9.63 31.25 0.68
CA MET B 696 -10.94 31.86 0.81
C MET B 696 -11.21 32.17 2.26
N ASP B 697 -11.25 33.45 2.56
CA ASP B 697 -11.28 33.93 3.95
C ASP B 697 -12.70 33.96 4.51
N THR B 698 -12.90 33.31 5.64
CA THR B 698 -14.23 33.28 6.25
C THR B 698 -14.51 34.49 7.14
N ARG B 699 -13.52 35.38 7.30
CA ARG B 699 -13.60 36.48 8.25
C ARG B 699 -13.93 37.81 7.59
N VAL B 700 -14.32 37.75 6.33
CA VAL B 700 -14.65 38.95 5.58
C VAL B 700 -15.92 39.60 6.14
N VAL B 701 -15.98 40.93 6.06
CA VAL B 701 -17.19 41.67 6.35
C VAL B 701 -17.99 41.80 5.07
N ILE B 702 -19.18 41.23 5.06
CA ILE B 702 -19.96 41.18 3.85
C ILE B 702 -20.82 42.43 3.76
N LYS B 703 -21.28 42.90 4.92
CA LYS B 703 -22.17 44.05 5.00
C LYS B 703 -21.77 44.94 6.16
N GLU B 704 -21.52 46.22 5.87
CA GLU B 704 -21.27 47.20 6.92
C GLU B 704 -22.54 47.41 7.72
N GLU B 705 -22.48 47.20 9.03
CA GLU B 705 -23.66 47.31 9.90
C GLU B 705 -23.93 48.75 10.30
S SO4 C . -38.77 -17.33 -14.10
O1 SO4 C . -38.94 -15.88 -13.94
O2 SO4 C . -40.10 -17.92 -14.23
O3 SO4 C . -38.00 -17.58 -15.32
O4 SO4 C . -38.04 -17.88 -12.96
S SO4 D . -26.86 -4.85 2.88
O1 SO4 D . -26.15 -3.59 3.02
O2 SO4 D . -28.29 -4.61 2.95
O3 SO4 D . -26.53 -5.43 1.58
O4 SO4 D . -26.46 -5.76 3.94
S SO4 E . -28.51 39.41 -2.93
O1 SO4 E . -28.23 40.86 -2.95
O2 SO4 E . -29.94 39.23 -3.17
O3 SO4 E . -27.73 38.73 -3.97
O4 SO4 E . -28.16 38.84 -1.63
S SO4 F . -27.75 14.18 7.34
O1 SO4 F . -28.32 14.29 5.99
O2 SO4 F . -28.83 13.84 8.24
O3 SO4 F . -26.70 13.17 7.39
O4 SO4 F . -27.17 15.46 7.73
S SO4 G . -27.43 9.66 -4.45
O1 SO4 G . -27.04 10.78 -3.62
O2 SO4 G . -28.58 10.04 -5.26
O3 SO4 G . -26.34 9.31 -5.37
O4 SO4 G . -27.78 8.54 -3.58
S SO4 H . -22.87 -27.60 -1.62
O1 SO4 H . -22.91 -26.13 -1.67
O2 SO4 H . -23.93 -28.14 -2.46
O3 SO4 H . -21.57 -28.04 -2.11
O4 SO4 H . -23.05 -28.05 -0.24
S SO4 I . -43.11 6.42 6.51
O1 SO4 I . -43.72 7.52 7.24
O2 SO4 I . -44.17 5.61 5.91
O3 SO4 I . -42.23 6.93 5.46
O4 SO4 I . -42.33 5.59 7.43
C1 GOL J . -33.80 6.51 12.27
O1 GOL J . -32.55 5.90 12.03
C2 GOL J . -33.66 8.00 11.98
O2 GOL J . -32.32 8.26 11.60
C3 GOL J . -34.62 8.34 10.85
O3 GOL J . -35.13 9.64 10.99
C1 GOL K . -39.48 34.22 3.33
O1 GOL K . -39.70 33.00 3.99
C2 GOL K . -40.84 34.74 2.86
O2 GOL K . -41.84 33.81 3.23
C3 GOL K . -41.08 36.12 3.46
O3 GOL K . -42.35 36.24 4.04
C1 GOL L . -36.46 30.41 -10.11
O1 GOL L . -36.25 29.97 -11.44
C2 GOL L . -35.12 30.71 -9.45
O2 GOL L . -34.27 31.37 -10.36
C3 GOL L . -35.35 31.58 -8.21
O3 GOL L . -34.43 32.64 -8.15
C1 GOL M . -38.24 33.31 -8.84
O1 GOL M . -39.26 32.46 -9.30
C2 GOL M . -38.57 33.86 -7.47
O2 GOL M . -39.50 33.01 -6.84
C3 GOL M . -37.33 33.93 -6.59
O3 GOL M . -37.73 33.73 -5.26
C1 GOL N . -31.99 2.36 11.11
O1 GOL N . -33.10 1.54 11.44
C2 GOL N . -30.79 1.45 10.81
O2 GOL N . -31.27 0.25 10.23
C3 GOL N . -29.82 2.14 9.86
O3 GOL N . -28.65 1.35 9.69
C1 GOL O . -30.36 8.99 -12.55
O1 GOL O . -30.78 9.17 -11.22
C2 GOL O . -30.99 10.07 -13.44
O2 GOL O . -30.59 11.36 -13.00
C3 GOL O . -30.50 9.88 -14.86
O3 GOL O . -31.13 10.85 -15.67
C1 GOL P . 4.01 -22.32 -4.11
O1 GOL P . 3.01 -21.91 -5.02
C2 GOL P . 3.78 -21.59 -2.81
O2 GOL P . 2.41 -21.26 -2.69
C3 GOL P . 4.23 -22.43 -1.62
O3 GOL P . 3.74 -23.75 -1.77
C1 GOL Q . 16.44 -6.91 -11.93
O1 GOL Q . 15.13 -7.07 -12.41
C2 GOL Q . 16.38 -6.25 -10.55
O2 GOL Q . 15.37 -6.85 -9.78
C3 GOL Q . 17.73 -6.35 -9.84
O3 GOL Q . 17.83 -7.56 -9.12
C1 GOL R . -30.09 12.19 -18.87
O1 GOL R . -30.78 11.54 -17.83
C2 GOL R . -29.20 11.18 -19.57
O2 GOL R . -29.45 11.20 -20.96
C3 GOL R . -27.75 11.56 -19.30
O3 GOL R . -26.90 10.76 -20.09
C1 GOL S . -15.24 8.02 -12.53
O1 GOL S . -14.21 8.83 -12.02
C2 GOL S . -16.36 7.97 -11.49
O2 GOL S . -17.14 6.81 -11.61
C3 GOL S . -15.73 7.90 -10.12
O3 GOL S . -16.70 7.34 -9.28
C1 GOL T . -22.28 8.08 27.63
O1 GOL T . -21.35 7.99 26.57
C2 GOL T . -21.82 7.23 28.82
O2 GOL T . -20.49 6.82 28.65
C3 GOL T . -21.97 8.04 30.10
O3 GOL T . -23.33 8.14 30.46
C1 GOL U . -25.24 29.78 -19.65
O1 GOL U . -24.02 30.10 -20.28
C2 GOL U . -24.90 28.76 -18.58
O2 GOL U . -23.55 28.98 -18.24
C3 GOL U . -25.73 28.94 -17.31
O3 GOL U . -27.08 29.21 -17.63
MG MG V . -10.44 26.63 -4.87
O3B CDP W . -21.59 -7.06 -1.01
PB CDP W . -20.27 -6.50 -1.47
O1B CDP W . -20.38 -5.00 -1.62
O2B CDP W . -19.89 -7.11 -2.80
O3A CDP W . -19.13 -6.84 -0.39
PA CDP W . -18.24 -8.15 -0.07
O1A CDP W . -19.03 -9.10 0.76
O2A CDP W . -17.02 -7.75 0.67
O5' CDP W . -17.82 -8.87 -1.45
C5' CDP W . -16.80 -8.36 -2.32
C4' CDP W . -15.51 -9.13 -2.08
O4' CDP W . -15.10 -9.79 -3.29
C3' CDP W . -14.38 -8.16 -1.68
O3' CDP W . -13.87 -8.48 -0.38
C2' CDP W . -13.29 -8.38 -2.76
O2' CDP W . -11.99 -8.38 -2.17
C1' CDP W . -13.66 -9.78 -3.30
N1 CDP W . -13.16 -9.95 -4.67
C2 CDP W . -12.23 -9.10 -5.15
O2 CDP W . -11.82 -8.20 -4.44
N3 CDP W . -11.76 -9.23 -6.39
C4 CDP W . -12.19 -10.20 -7.18
N4 CDP W . -11.69 -10.32 -8.47
C5 CDP W . -13.16 -11.11 -6.72
C6 CDP W . -13.63 -10.97 -5.45
H5'1 CDP W . -17.12 -8.48 -3.35
H5'2 CDP W . -16.64 -7.30 -2.10
H4' CDP W . -15.66 -9.88 -1.28
H3' CDP W . -14.74 -7.12 -1.70
HA CDP W . -13.17 -7.87 -0.15
H2' CDP W . -13.37 -7.62 -3.55
HB CDP W . -11.82 -7.52 -1.76
H1' CDP W . -13.25 -10.57 -2.65
H4N1 CDP W . -10.99 -9.67 -8.80
H4N2 CDP W . -12.02 -11.06 -9.07
H5 CDP W . -13.53 -11.91 -7.35
H6 CDP W . -14.36 -11.66 -5.06
S SO4 X . 20.64 22.70 -14.07
O1 SO4 X . 19.97 23.54 -13.07
O2 SO4 X . 20.90 23.48 -15.27
O3 SO4 X . 19.76 21.58 -14.39
O4 SO4 X . 21.90 22.20 -13.55
S SO4 Y . 22.41 -1.15 -15.98
O1 SO4 Y . 21.96 0.23 -15.99
O2 SO4 Y . 21.77 -1.87 -17.09
O3 SO4 Y . 23.86 -1.20 -16.12
O4 SO4 Y . 22.05 -1.81 -14.73
S SO4 Z . 22.63 -16.28 -10.06
O1 SO4 Z . 23.18 -15.08 -10.68
O2 SO4 Z . 21.18 -16.25 -10.16
O3 SO4 Z . 23.12 -17.46 -10.76
O4 SO4 Z . 23.03 -16.33 -8.65
S SO4 AA . 30.11 -11.46 -0.82
O1 SO4 AA . 29.17 -10.39 -1.09
O2 SO4 AA . 30.20 -11.64 0.63
O3 SO4 AA . 31.41 -11.11 -1.36
O4 SO4 AA . 29.65 -12.68 -1.46
S SO4 BA . 40.16 -10.44 -15.05
O1 SO4 BA . 39.33 -11.63 -14.84
O2 SO4 BA . 39.32 -9.31 -15.41
O3 SO4 BA . 41.12 -10.69 -16.12
O4 SO4 BA . 40.89 -10.15 -13.82
C1 GOL CA . 26.38 5.84 3.49
O1 GOL CA . 27.46 5.03 3.92
C2 GOL CA . 26.78 7.27 3.14
O2 GOL CA . 26.06 8.15 3.99
C3 GOL CA . 28.29 7.53 3.31
O3 GOL CA . 28.99 7.32 2.11
C1 GOL DA . 19.97 -23.63 -15.78
O1 GOL DA . 20.55 -24.90 -15.92
C2 GOL DA . 20.77 -22.79 -14.79
O2 GOL DA . 21.21 -21.61 -15.44
C3 GOL DA . 19.93 -22.45 -13.55
O3 GOL DA . 20.68 -21.64 -12.66
C1 GOL EA . 16.15 -28.81 -17.01
O1 GOL EA . 16.79 -27.57 -16.96
C2 GOL EA . 17.23 -29.87 -16.99
O2 GOL EA . 16.70 -31.14 -17.37
C3 GOL EA . 18.41 -29.44 -17.84
O3 GOL EA . 19.54 -30.28 -17.72
C1 GOL FA . -9.55 12.86 -14.28
O1 GOL FA . -9.78 12.05 -15.40
C2 GOL FA . -9.24 14.27 -14.75
O2 GOL FA . -9.94 14.53 -15.94
C3 GOL FA . -9.65 15.30 -13.73
O3 GOL FA . -9.80 16.53 -14.40
C1 GOL GA . 34.39 -5.07 -5.44
O1 GOL GA . 33.48 -6.14 -5.46
C2 GOL GA . 34.99 -4.93 -6.84
O2 GOL GA . 34.89 -3.59 -7.27
C3 GOL GA . 36.45 -5.36 -6.80
O3 GOL GA . 36.53 -6.69 -6.35
C1 GOL HA . 32.40 -0.99 -9.46
O1 GOL HA . 33.38 -1.25 -10.44
C2 GOL HA . 31.07 -1.64 -9.84
O2 GOL HA . 31.30 -2.88 -10.50
C3 GOL HA . 30.22 -1.88 -8.59
O3 GOL HA . 28.90 -1.43 -8.79
C1 GOL IA . 10.57 21.86 -22.79
O1 GOL IA . 10.02 21.24 -23.92
C2 GOL IA . 10.39 23.38 -22.83
O2 GOL IA . 10.50 23.92 -21.53
C3 GOL IA . 11.44 24.02 -23.76
O3 GOL IA . 11.90 25.25 -23.25
O3A CDP JA . 14.42 1.03 -13.60
PA CDP JA . 13.37 1.18 -14.81
O1A CDP JA . 13.05 2.61 -15.02
O2A CDP JA . 13.96 0.63 -16.05
O5' CDP JA . 12.01 0.38 -14.47
C5' CDP JA . 10.94 0.24 -15.39
C4' CDP JA . 9.76 1.13 -14.95
O4' CDP JA . 8.65 0.94 -15.84
C3' CDP JA . 9.30 0.73 -13.54
O3' CDP JA . 9.45 1.83 -12.64
C2' CDP JA . 7.81 0.36 -13.72
O2' CDP JA . 7.03 0.85 -12.63
C1' CDP JA . 7.46 1.08 -15.05
N1 CDP JA . 6.32 0.42 -15.70
C2 CDP JA . 5.82 -0.72 -15.18
O2 CDP JA . 6.32 -1.20 -14.18
N3 CDP JA . 4.79 -1.33 -15.75
C4 CDP JA . 4.22 -0.83 -16.86
N4 CDP JA . 3.16 -1.48 -17.43
C5 CDP JA . 4.73 0.36 -17.42
C6 CDP JA . 5.78 0.98 -16.82
H5'1 CDP JA . 11.26 0.54 -16.39
H5'2 CDP JA . 10.61 -0.81 -15.42
H4' CDP JA . 10.08 2.18 -14.97
H3' CDP JA . 9.88 -0.13 -13.18
HA CDP JA . 9.14 1.57 -11.76
H2' CDP JA . 7.70 -0.73 -13.82
HB CDP JA . 7.34 0.46 -11.81
H1' CDP JA . 7.24 2.14 -14.85
H4N1 CDP JA . 2.79 -2.34 -17.04
H4N2 CDP JA . 2.73 -1.11 -18.28
H5 CDP JA . 4.28 0.77 -18.31
H6 CDP JA . 6.17 1.89 -17.23
#